data_6N4R
#
_entry.id   6N4R
#
_cell.length_a   1.000
_cell.length_b   1.000
_cell.length_c   1.000
_cell.angle_alpha   90.00
_cell.angle_beta   90.00
_cell.angle_gamma   90.00
#
_symmetry.space_group_name_H-M   'P 1'
#
loop_
_entity.id
_entity.type
_entity.pdbx_description
1 polymer 'Nav1.7 VSD2-NavAb chimera'
2 polymer Beta/omega-theraphotoxin-Tp2a
3 polymer 'Fab light chain'
4 polymer 'Fab heavy chain'
#
loop_
_entity_poly.entity_id
_entity_poly.type
_entity_poly.pdbx_seq_one_letter_code
_entity_poly.pdbx_strand_id
1 'polypeptide(L)'
;MDYKDDDDKGSLVPRGSHMYLRITNIVESSFFTKFIIYLIVLNTLFMAMEHHPMTEEFKNVLAIGNLVFTGIFAIEIILR
IYVHRISFFKDPWSLFDSLIVTLSLVELFLADVEGLSVLRSFRLLRVFRLVTAVPQMRKIVSALISVIPGMLSVIALMTL
FFYIFAIMATQLFGERFPEWFGTLGESFYTLFQVMTLESWSMGIVRPLMEVYPYAWVFFIPFIFVVTFVMINLVVAICVD
AMAILNQKEEQHIIDEVQSHEDNINNEIIKLREEIVELKELIKTSLKN
;
B,C,D,A
2 'polypeptide(L)' YCQKWMWTCDSERKCCEGMVCRLWCKKKLW E,F,G,H
3 'polypeptide(L)'
;EIVLTQSPALMAASPGEKVTITCSVSLSISSSNLFWYQQKSETSPKPWIYGTSKLASGVPVRFSGSGSGTSYSLTISSME
AEDAATYYCQQWSSHSFTFGGGTKLEIKRADAAPTVSIFPPSSEQLTSGGASVVCFLNNFYPKDINVKWKIDGSERQNGV
LNSWTDQDSKDSTYSMSSTLTLTKDEYERHNSYTCEATHKTSTSPIVKSFNRNEC
;
I,K
4 'polypeptide(L)'
;EVQLVESGGGLVKPGGSLKLSCAASGFTFSNYAMSWVRQTPEKRLEWVATISNGGRYTYYPDSVKGRFTISRDNAKNSLY
LQMSSLRSEDTAMYYCARHLYRYDVGGALDYWGQGTSVTVSSAKTTAPSVYPLAPVCGDTTGSSVTLGCLVKGYFPEPVT
LTWNSGSLSSGVHTFPAVLQSDLYTLSSSVTVTSSTWPSQSITCNVAHPASSTKVDKKIEPRGPTIKP
;
J,L
#
# COMPACT_ATOMS: atom_id res chain seq x y z
N SER A 17 -0.79 -75.19 2.10
CA SER A 17 -1.72 -76.30 2.09
C SER A 17 -2.96 -75.92 2.88
N HIS A 18 -3.12 -76.59 4.02
CA HIS A 18 -4.05 -76.12 5.04
C HIS A 18 -3.62 -74.77 5.58
N MET A 19 -2.32 -74.47 5.57
CA MET A 19 -1.83 -73.18 6.02
C MET A 19 -2.24 -72.06 5.08
N TYR A 20 -2.45 -72.39 3.81
CA TYR A 20 -3.05 -71.42 2.90
C TYR A 20 -4.46 -71.06 3.35
N LEU A 21 -5.22 -72.05 3.79
CA LEU A 21 -6.54 -71.77 4.33
C LEU A 21 -6.44 -70.97 5.62
N ARG A 22 -5.39 -71.23 6.40
CA ARG A 22 -5.16 -70.49 7.63
C ARG A 22 -4.86 -69.03 7.35
N ILE A 23 -4.07 -68.75 6.32
CA ILE A 23 -3.73 -67.36 6.06
C ILE A 23 -4.89 -66.65 5.38
N THR A 24 -5.76 -67.39 4.67
CA THR A 24 -6.99 -66.76 4.23
C THR A 24 -7.91 -66.45 5.39
N ASN A 25 -7.90 -67.27 6.45
CA ASN A 25 -8.70 -66.94 7.63
C ASN A 25 -8.13 -65.74 8.38
N ILE A 26 -6.80 -65.59 8.38
CA ILE A 26 -6.22 -64.49 9.14
C ILE A 26 -6.37 -63.16 8.39
N VAL A 27 -6.15 -63.15 7.07
CA VAL A 27 -6.16 -61.86 6.37
C VAL A 27 -7.57 -61.30 6.19
N GLU A 28 -8.60 -62.14 6.29
CA GLU A 28 -9.95 -61.61 6.17
C GLU A 28 -10.49 -61.09 7.49
N SER A 29 -9.67 -61.11 8.54
CA SER A 29 -10.04 -60.48 9.81
C SER A 29 -10.06 -58.98 9.61
N SER A 30 -11.25 -58.39 9.68
CA SER A 30 -11.39 -56.96 9.48
C SER A 30 -10.86 -56.15 10.64
N PHE A 31 -10.63 -56.79 11.80
CA PHE A 31 -9.99 -56.11 12.91
C PHE A 31 -8.57 -55.70 12.57
N PHE A 32 -7.87 -56.52 11.77
CA PHE A 32 -6.55 -56.17 11.30
C PHE A 32 -6.61 -54.99 10.33
N THR A 33 -7.67 -54.92 9.52
CA THR A 33 -7.83 -53.80 8.59
C THR A 33 -8.11 -52.50 9.34
N LYS A 34 -8.98 -52.57 10.36
CA LYS A 34 -9.25 -51.39 11.18
C LYS A 34 -8.00 -50.96 11.94
N PHE A 35 -7.19 -51.94 12.37
CA PHE A 35 -5.95 -51.65 13.08
C PHE A 35 -4.95 -50.93 12.19
N ILE A 36 -4.77 -51.44 10.96
CA ILE A 36 -3.80 -50.80 10.08
C ILE A 36 -4.30 -49.44 9.60
N ILE A 37 -5.64 -49.27 9.50
CA ILE A 37 -6.18 -47.98 9.12
C ILE A 37 -5.94 -46.93 10.21
N TYR A 38 -6.27 -47.27 11.47
CA TYR A 38 -6.02 -46.34 12.56
C TYR A 38 -4.52 -46.12 12.78
N LEU A 39 -3.73 -47.16 12.53
CA LEU A 39 -2.28 -47.06 12.62
C LEU A 39 -1.74 -46.06 11.61
N ILE A 40 -2.28 -46.06 10.41
CA ILE A 40 -1.69 -45.19 9.41
C ILE A 40 -2.31 -43.80 9.44
N VAL A 41 -3.49 -43.64 10.06
CA VAL A 41 -3.93 -42.33 10.52
C VAL A 41 -2.89 -41.74 11.45
N LEU A 42 -2.45 -42.52 12.43
CA LEU A 42 -1.41 -42.07 13.36
C LEU A 42 -0.09 -41.81 12.64
N ASN A 43 0.24 -42.65 11.66
CA ASN A 43 1.50 -42.53 10.91
C ASN A 43 1.52 -41.24 10.10
N THR A 44 0.41 -40.87 9.49
CA THR A 44 0.35 -39.58 8.83
C THR A 44 0.33 -38.45 9.84
N LEU A 45 -0.29 -38.68 11.00
CA LEU A 45 -0.48 -37.64 11.99
C LEU A 45 0.83 -37.22 12.65
N PHE A 46 1.85 -38.09 12.66
CA PHE A 46 3.10 -37.79 13.36
C PHE A 46 3.85 -36.54 12.89
N MET A 47 4.39 -36.56 11.67
CA MET A 47 5.26 -35.46 11.25
C MET A 47 4.49 -34.21 10.85
N ALA A 48 3.17 -34.27 10.84
CA ALA A 48 2.38 -33.05 10.65
C ALA A 48 2.42 -32.19 11.90
N MET A 49 2.16 -32.80 13.06
CA MET A 49 1.92 -32.13 14.32
C MET A 49 3.16 -31.43 14.88
N GLU A 50 4.33 -31.64 14.25
CA GLU A 50 5.58 -31.14 14.79
C GLU A 50 5.63 -29.62 14.76
N HIS A 51 5.97 -29.06 15.92
CA HIS A 51 6.25 -27.64 16.01
C HIS A 51 7.59 -27.39 15.33
N HIS A 52 7.60 -26.49 14.35
CA HIS A 52 8.80 -26.13 13.62
C HIS A 52 9.98 -25.59 14.42
N PRO A 53 9.81 -25.06 15.65
CA PRO A 53 10.96 -25.09 16.55
C PRO A 53 11.21 -26.53 16.92
N MET A 54 12.19 -27.14 16.29
CA MET A 54 12.32 -28.59 16.27
C MET A 54 13.32 -28.99 17.34
N THR A 55 12.87 -29.77 18.31
CA THR A 55 13.69 -30.18 19.45
C THR A 55 14.68 -31.27 19.05
N GLU A 56 14.46 -31.93 17.91
CA GLU A 56 15.28 -32.94 17.23
C GLU A 56 15.72 -34.12 18.10
N GLU A 57 15.10 -34.29 19.26
CA GLU A 57 15.35 -35.48 20.08
C GLU A 57 14.25 -36.51 19.88
N PHE A 58 12.99 -36.06 19.99
CA PHE A 58 11.88 -36.94 19.65
C PHE A 58 11.61 -36.98 18.15
N LYS A 59 12.19 -36.06 17.38
CA LYS A 59 12.15 -36.16 15.93
C LYS A 59 12.92 -37.37 15.44
N ASN A 60 14.00 -37.72 16.14
CA ASN A 60 14.71 -38.97 15.89
C ASN A 60 13.78 -40.16 16.10
N VAL A 61 12.98 -40.13 17.16
CA VAL A 61 12.04 -41.21 17.42
C VAL A 61 10.91 -41.20 16.40
N LEU A 62 10.58 -40.04 15.86
CA LEU A 62 9.60 -39.96 14.78
C LEU A 62 10.12 -40.64 13.53
N ALA A 63 11.40 -40.44 13.23
CA ALA A 63 12.02 -41.15 12.11
C ALA A 63 12.09 -42.65 12.37
N ILE A 64 12.31 -43.03 13.63
CA ILE A 64 12.33 -44.45 14.00
C ILE A 64 10.97 -45.10 13.77
N GLY A 65 9.91 -44.46 14.28
CA GLY A 65 8.57 -44.98 14.08
C GLY A 65 8.12 -44.92 12.63
N ASN A 66 8.62 -43.94 11.87
CA ASN A 66 8.44 -43.90 10.43
C ASN A 66 8.99 -45.17 9.80
N LEU A 67 10.22 -45.52 10.15
CA LEU A 67 10.85 -46.73 9.62
C LEU A 67 10.08 -47.98 10.04
N VAL A 68 9.63 -48.02 11.29
CA VAL A 68 8.95 -49.19 11.83
C VAL A 68 7.61 -49.40 11.14
N PHE A 69 6.86 -48.33 10.94
CA PHE A 69 5.54 -48.49 10.34
C PHE A 69 5.62 -48.77 8.86
N THR A 70 6.63 -48.20 8.17
CA THR A 70 6.84 -48.60 6.78
C THR A 70 7.26 -50.06 6.67
N GLY A 71 8.02 -50.55 7.65
CA GLY A 71 8.42 -51.95 7.62
C GLY A 71 7.26 -52.91 7.85
N ILE A 72 6.41 -52.61 8.84
CA ILE A 72 5.21 -53.41 9.09
C ILE A 72 4.27 -53.34 7.89
N PHE A 73 4.22 -52.19 7.25
CA PHE A 73 3.36 -52.00 6.10
C PHE A 73 3.88 -52.80 4.90
N ALA A 74 5.20 -52.88 4.75
CA ALA A 74 5.77 -53.71 3.69
C ALA A 74 5.56 -55.20 3.96
N ILE A 75 5.62 -55.59 5.24
CA ILE A 75 5.30 -56.97 5.62
C ILE A 75 3.87 -57.30 5.24
N GLU A 76 2.95 -56.34 5.40
CA GLU A 76 1.57 -56.52 4.95
C GLU A 76 1.49 -56.70 3.44
N ILE A 77 2.18 -55.83 2.69
CA ILE A 77 1.95 -55.78 1.25
C ILE A 77 2.61 -56.98 0.56
N ILE A 78 3.60 -57.59 1.20
CA ILE A 78 4.18 -58.79 0.62
C ILE A 78 3.47 -60.03 1.16
N LEU A 79 2.90 -59.92 2.36
CA LEU A 79 2.11 -61.01 2.91
C LEU A 79 0.79 -61.16 2.17
N ARG A 80 0.35 -60.10 1.49
CA ARG A 80 -0.86 -60.13 0.69
C ARG A 80 -0.80 -61.14 -0.46
N ILE A 81 0.37 -61.28 -1.08
CA ILE A 81 0.45 -62.08 -2.31
C ILE A 81 0.37 -63.58 -2.02
N TYR A 82 0.61 -64.01 -0.77
CA TYR A 82 0.50 -65.42 -0.43
C TYR A 82 -0.94 -65.91 -0.51
N VAL A 83 -1.92 -65.02 -0.35
CA VAL A 83 -3.33 -65.40 -0.42
C VAL A 83 -3.80 -65.31 -1.85
N HIS A 84 -3.77 -64.12 -2.42
CA HIS A 84 -4.21 -63.90 -3.80
C HIS A 84 -2.99 -63.84 -4.69
N ARG A 85 -2.88 -64.79 -5.60
CA ARG A 85 -1.70 -64.85 -6.45
C ARG A 85 -1.84 -63.95 -7.67
N ILE A 86 -2.95 -64.06 -8.40
CA ILE A 86 -3.18 -63.24 -9.57
C ILE A 86 -4.38 -62.32 -9.39
N SER A 87 -5.39 -62.73 -8.62
CA SER A 87 -6.59 -61.93 -8.43
C SER A 87 -6.34 -60.62 -7.70
N PHE A 88 -5.24 -60.53 -6.95
CA PHE A 88 -4.85 -59.26 -6.37
C PHE A 88 -4.41 -58.28 -7.44
N PHE A 89 -3.76 -58.77 -8.49
CA PHE A 89 -3.26 -57.91 -9.55
C PHE A 89 -4.37 -57.42 -10.48
N LYS A 90 -5.49 -58.14 -10.57
CA LYS A 90 -6.55 -57.81 -11.51
C LYS A 90 -7.32 -56.56 -11.08
N ASP A 91 -7.41 -56.32 -9.78
CA ASP A 91 -8.16 -55.18 -9.24
C ASP A 91 -7.49 -53.86 -9.66
N PRO A 92 -8.24 -52.90 -10.21
CA PRO A 92 -7.68 -51.55 -10.38
C PRO A 92 -7.42 -50.86 -9.05
N TRP A 93 -8.21 -51.19 -8.03
CA TRP A 93 -7.80 -50.83 -6.69
C TRP A 93 -6.66 -51.74 -6.26
N SER A 94 -5.90 -51.28 -5.25
CA SER A 94 -4.64 -51.87 -4.81
C SER A 94 -3.60 -51.95 -5.94
N LEU A 95 -3.69 -51.08 -6.93
CA LEU A 95 -2.70 -51.00 -8.00
C LEU A 95 -1.90 -49.71 -7.91
N PHE A 96 -2.59 -48.57 -7.95
CA PHE A 96 -1.98 -47.29 -7.58
C PHE A 96 -1.60 -47.28 -6.11
N ASP A 97 -2.38 -48.00 -5.29
CA ASP A 97 -2.01 -48.22 -3.90
C ASP A 97 -0.71 -49.01 -3.80
N SER A 98 -0.54 -50.04 -4.61
CA SER A 98 0.72 -50.79 -4.59
C SER A 98 1.88 -49.96 -5.13
N LEU A 99 1.59 -49.10 -6.12
CA LEU A 99 2.61 -48.20 -6.64
C LEU A 99 3.08 -47.23 -5.57
N ILE A 100 2.15 -46.72 -4.76
CA ILE A 100 2.58 -45.80 -3.71
C ILE A 100 3.17 -46.54 -2.52
N VAL A 101 2.90 -47.85 -2.37
CA VAL A 101 3.68 -48.66 -1.45
C VAL A 101 5.15 -48.68 -1.88
N THR A 102 5.37 -48.91 -3.16
CA THR A 102 6.74 -48.93 -3.69
C THR A 102 7.41 -47.57 -3.56
N LEU A 103 6.69 -46.50 -3.89
CA LEU A 103 7.26 -45.16 -3.75
C LEU A 103 7.44 -44.75 -2.30
N SER A 104 6.73 -45.38 -1.37
CA SER A 104 7.01 -45.14 0.04
C SER A 104 8.26 -45.86 0.47
N LEU A 105 8.47 -47.08 -0.01
CA LEU A 105 9.66 -47.81 0.41
C LEU A 105 10.91 -47.38 -0.35
N VAL A 106 10.78 -46.48 -1.33
CA VAL A 106 11.96 -45.87 -1.96
C VAL A 106 12.81 -45.14 -0.92
N GLU A 107 12.17 -44.46 0.04
CA GLU A 107 12.83 -43.47 0.90
C GLU A 107 13.88 -44.06 1.83
N LEU A 108 13.86 -45.37 2.06
CA LEU A 108 14.59 -45.98 3.18
C LEU A 108 16.11 -45.91 3.02
N PHE A 109 16.63 -46.14 1.81
CA PHE A 109 18.08 -46.22 1.63
C PHE A 109 18.51 -45.49 0.36
N LEU A 110 17.91 -44.34 0.09
CA LEU A 110 18.22 -43.58 -1.10
C LEU A 110 18.64 -42.15 -0.73
N ALA A 111 18.96 -41.37 -1.76
CA ALA A 111 19.37 -39.99 -1.57
C ALA A 111 18.17 -39.11 -1.23
N ASP A 112 18.46 -37.93 -0.69
CA ASP A 112 17.44 -37.00 -0.22
C ASP A 112 16.79 -36.28 -1.40
N VAL A 113 15.65 -36.81 -1.85
CA VAL A 113 14.77 -36.12 -2.78
C VAL A 113 13.39 -36.11 -2.14
N GLU A 114 12.86 -34.92 -1.87
CA GLU A 114 11.52 -34.81 -1.34
C GLU A 114 10.53 -34.68 -2.49
N GLY A 115 9.26 -34.45 -2.16
CA GLY A 115 8.23 -34.52 -3.17
C GLY A 115 7.85 -35.93 -3.55
N LEU A 116 8.38 -36.94 -2.85
CA LEU A 116 8.03 -38.35 -3.06
C LEU A 116 7.67 -39.06 -1.77
N SER A 117 8.35 -38.74 -0.67
CA SER A 117 7.98 -39.29 0.63
C SER A 117 6.62 -38.74 1.06
N VAL A 118 6.40 -37.47 0.77
CA VAL A 118 5.21 -36.75 1.22
C VAL A 118 3.92 -37.26 0.60
N LEU A 119 3.99 -38.14 -0.39
CA LEU A 119 2.79 -38.77 -0.94
C LEU A 119 2.25 -39.87 -0.04
N ARG A 120 2.95 -40.17 1.07
CA ARG A 120 2.60 -41.26 1.97
C ARG A 120 1.21 -41.12 2.59
N SER A 121 0.62 -39.93 2.55
CA SER A 121 -0.69 -39.73 3.13
C SER A 121 -1.81 -40.29 2.28
N PHE A 122 -1.59 -40.37 0.94
CA PHE A 122 -2.71 -40.50 -0.01
C PHE A 122 -3.55 -41.74 0.22
N ARG A 123 -2.95 -42.77 0.77
CA ARG A 123 -3.67 -44.02 0.99
C ARG A 123 -4.71 -43.94 2.10
N LEU A 124 -4.98 -42.79 2.71
CA LEU A 124 -6.25 -42.60 3.40
C LEU A 124 -7.47 -42.83 2.51
N LEU A 125 -7.29 -42.77 1.18
CA LEU A 125 -8.29 -43.24 0.22
C LEU A 125 -8.79 -44.67 0.47
N ARG A 126 -8.05 -45.49 1.23
CA ARG A 126 -8.55 -46.81 1.62
C ARG A 126 -9.89 -46.70 2.34
N VAL A 127 -10.07 -45.69 3.20
CA VAL A 127 -11.34 -45.57 3.91
C VAL A 127 -12.46 -45.12 2.99
N PHE A 128 -12.15 -44.73 1.75
CA PHE A 128 -13.15 -44.51 0.72
C PHE A 128 -14.04 -45.74 0.54
N ARG A 129 -13.45 -46.94 0.58
CA ARG A 129 -14.31 -48.10 0.46
C ARG A 129 -15.08 -48.36 1.75
N LEU A 130 -14.57 -47.87 2.88
CA LEU A 130 -15.40 -47.76 4.07
C LEU A 130 -16.57 -46.81 3.84
N VAL A 131 -16.30 -45.74 3.09
CA VAL A 131 -17.38 -44.86 2.62
C VAL A 131 -18.32 -45.64 1.70
N THR A 132 -17.78 -46.60 0.94
CA THR A 132 -18.63 -47.47 0.14
C THR A 132 -19.46 -48.41 1.03
N ALA A 133 -18.98 -48.71 2.24
CA ALA A 133 -19.70 -49.64 3.11
C ALA A 133 -20.96 -49.02 3.71
N VAL A 134 -21.02 -47.70 3.79
CA VAL A 134 -22.18 -47.05 4.41
C VAL A 134 -23.34 -47.08 3.42
N PRO A 135 -24.53 -47.54 3.84
CA PRO A 135 -25.67 -47.55 2.91
C PRO A 135 -26.20 -46.17 2.60
N GLN A 136 -26.03 -45.21 3.50
CA GLN A 136 -26.49 -43.85 3.23
C GLN A 136 -25.57 -43.16 2.23
N MET A 137 -24.28 -43.45 2.27
CA MET A 137 -23.31 -42.88 1.35
C MET A 137 -23.29 -43.58 0.00
N ARG A 138 -24.21 -44.50 -0.26
CA ARG A 138 -24.25 -45.23 -1.52
C ARG A 138 -24.63 -44.32 -2.69
N LYS A 139 -25.41 -43.28 -2.42
CA LYS A 139 -26.01 -42.49 -3.50
C LYS A 139 -24.98 -41.58 -4.17
N ILE A 140 -24.29 -40.75 -3.38
CA ILE A 140 -23.56 -39.62 -3.94
C ILE A 140 -22.27 -40.08 -4.64
N VAL A 141 -21.65 -41.16 -4.16
CA VAL A 141 -20.41 -41.63 -4.77
C VAL A 141 -20.72 -42.26 -6.13
N SER A 142 -21.83 -43.00 -6.21
CA SER A 142 -22.28 -43.50 -7.50
C SER A 142 -22.68 -42.35 -8.42
N ALA A 143 -23.25 -41.27 -7.85
CA ALA A 143 -23.61 -40.10 -8.64
C ALA A 143 -22.39 -39.40 -9.23
N LEU A 144 -21.26 -39.45 -8.54
CA LEU A 144 -20.04 -38.87 -9.08
C LEU A 144 -19.42 -39.76 -10.16
N ILE A 145 -19.30 -41.06 -9.85
CA ILE A 145 -18.60 -41.99 -10.75
C ILE A 145 -19.39 -42.21 -12.03
N SER A 146 -20.71 -42.08 -11.98
CA SER A 146 -21.48 -42.22 -13.21
C SER A 146 -21.42 -40.98 -14.09
N VAL A 147 -20.89 -39.87 -13.59
CA VAL A 147 -21.00 -38.60 -14.29
C VAL A 147 -19.64 -38.02 -14.67
N ILE A 148 -18.55 -38.65 -14.24
CA ILE A 148 -17.19 -38.22 -14.65
C ILE A 148 -16.98 -37.99 -16.16
N PRO A 149 -17.31 -38.92 -17.08
CA PRO A 149 -16.85 -38.76 -18.47
C PRO A 149 -17.49 -37.60 -19.24
N GLY A 150 -18.75 -37.29 -18.96
CA GLY A 150 -19.39 -36.13 -19.57
C GLY A 150 -18.77 -34.83 -19.12
N MET A 151 -18.18 -34.81 -17.92
CA MET A 151 -17.39 -33.68 -17.49
C MET A 151 -16.03 -33.65 -18.18
N LEU A 152 -15.47 -34.84 -18.42
CA LEU A 152 -14.13 -34.94 -19.02
C LEU A 152 -14.13 -34.37 -20.44
N SER A 153 -15.22 -34.61 -21.19
CA SER A 153 -15.34 -34.03 -22.53
C SER A 153 -15.34 -32.51 -22.49
N VAL A 154 -16.04 -31.93 -21.52
CA VAL A 154 -16.11 -30.48 -21.39
C VAL A 154 -14.76 -29.91 -20.98
N ILE A 155 -14.02 -30.65 -20.14
CA ILE A 155 -12.68 -30.24 -19.73
C ILE A 155 -11.75 -30.14 -20.94
N ALA A 156 -11.80 -31.12 -21.84
CA ALA A 156 -10.97 -31.05 -23.04
C ALA A 156 -11.41 -29.89 -23.95
N LEU A 157 -12.71 -29.67 -24.06
CA LEU A 157 -13.22 -28.61 -24.93
C LEU A 157 -12.77 -27.24 -24.47
N MET A 158 -12.79 -26.98 -23.18
CA MET A 158 -12.39 -25.66 -22.73
C MET A 158 -10.88 -25.52 -22.60
N THR A 159 -10.16 -26.65 -22.53
CA THR A 159 -8.71 -26.60 -22.67
C THR A 159 -8.32 -26.07 -24.04
N LEU A 160 -9.10 -26.44 -25.06
CA LEU A 160 -8.82 -25.89 -26.39
C LEU A 160 -9.03 -24.37 -26.47
N PHE A 161 -10.04 -23.84 -25.77
CA PHE A 161 -10.21 -22.38 -25.82
C PHE A 161 -9.20 -21.63 -24.99
N PHE A 162 -8.72 -22.21 -23.88
CA PHE A 162 -7.57 -21.61 -23.20
C PHE A 162 -6.36 -21.54 -24.13
N TYR A 163 -6.11 -22.62 -24.87
CA TYR A 163 -4.96 -22.64 -25.76
C TYR A 163 -5.14 -21.69 -26.94
N ILE A 164 -6.38 -21.43 -27.36
CA ILE A 164 -6.53 -20.49 -28.45
C ILE A 164 -6.49 -19.05 -27.93
N PHE A 165 -6.83 -18.79 -26.68
CA PHE A 165 -6.81 -17.40 -26.21
C PHE A 165 -5.46 -16.96 -25.67
N ALA A 166 -4.66 -17.90 -25.16
CA ALA A 166 -3.38 -17.51 -24.55
C ALA A 166 -2.41 -16.95 -25.59
N ILE A 167 -2.35 -17.58 -26.76
CA ILE A 167 -1.45 -17.14 -27.82
C ILE A 167 -1.89 -15.79 -28.35
N MET A 168 -3.19 -15.56 -28.40
CA MET A 168 -3.71 -14.27 -28.79
C MET A 168 -3.41 -13.21 -27.75
N ALA A 169 -3.31 -13.59 -26.48
CA ALA A 169 -3.07 -12.60 -25.44
C ALA A 169 -1.61 -12.18 -25.39
N THR A 170 -0.68 -13.12 -25.59
CA THR A 170 0.74 -12.85 -25.38
C THR A 170 1.28 -11.81 -26.36
N GLN A 171 0.80 -11.83 -27.59
CA GLN A 171 1.33 -10.90 -28.59
C GLN A 171 0.80 -9.49 -28.42
N LEU A 172 -0.33 -9.31 -27.76
CA LEU A 172 -0.77 -7.95 -27.49
C LEU A 172 -0.19 -7.39 -26.21
N PHE A 173 -0.11 -8.19 -25.15
CA PHE A 173 0.28 -7.61 -23.87
C PHE A 173 1.62 -8.12 -23.39
N GLY A 174 2.46 -8.60 -24.29
CA GLY A 174 3.74 -9.13 -23.88
C GLY A 174 4.77 -8.07 -23.64
N GLU A 175 4.91 -7.17 -24.61
CA GLU A 175 5.69 -5.97 -24.40
C GLU A 175 5.06 -5.15 -23.29
N ARG A 176 5.90 -4.60 -22.42
CA ARG A 176 5.58 -3.59 -21.41
C ARG A 176 4.79 -4.17 -20.24
N PHE A 177 4.38 -5.42 -20.28
CA PHE A 177 3.88 -6.10 -19.08
C PHE A 177 4.43 -7.52 -19.00
N PRO A 178 5.74 -7.68 -18.81
CA PRO A 178 6.31 -9.02 -18.88
C PRO A 178 6.05 -9.85 -17.65
N GLU A 179 5.57 -9.25 -16.56
CA GLU A 179 5.54 -9.99 -15.32
C GLU A 179 4.30 -10.87 -15.20
N TRP A 180 3.20 -10.51 -15.85
CA TRP A 180 2.09 -11.44 -15.82
C TRP A 180 1.37 -11.55 -17.17
N PHE A 181 2.07 -11.27 -18.27
CA PHE A 181 1.69 -11.80 -19.57
C PHE A 181 2.88 -12.18 -20.44
N GLY A 182 4.09 -12.26 -19.88
CA GLY A 182 5.31 -12.24 -20.68
C GLY A 182 5.56 -13.48 -21.50
N THR A 183 4.98 -14.61 -21.15
CA THR A 183 5.18 -15.83 -21.91
C THR A 183 3.95 -16.71 -21.71
N LEU A 184 3.92 -17.82 -22.44
CA LEU A 184 2.73 -18.67 -22.41
C LEU A 184 2.58 -19.37 -21.07
N GLY A 185 3.69 -19.80 -20.48
CA GLY A 185 3.68 -20.45 -19.18
C GLY A 185 3.32 -19.57 -18.01
N GLU A 186 3.13 -18.27 -18.24
CA GLU A 186 2.52 -17.37 -17.29
C GLU A 186 1.23 -16.74 -17.79
N SER A 187 1.05 -16.59 -19.09
CA SER A 187 -0.21 -16.09 -19.61
C SER A 187 -1.33 -17.07 -19.35
N PHE A 188 -1.01 -18.37 -19.39
CA PHE A 188 -1.99 -19.39 -19.04
C PHE A 188 -2.44 -19.23 -17.60
N TYR A 189 -1.49 -18.96 -16.69
CA TYR A 189 -1.85 -18.83 -15.28
C TYR A 189 -2.66 -17.57 -15.01
N THR A 190 -2.27 -16.46 -15.62
CA THR A 190 -3.00 -15.22 -15.41
C THR A 190 -4.41 -15.30 -15.96
N LEU A 191 -4.58 -15.93 -17.11
CA LEU A 191 -5.92 -16.06 -17.62
C LEU A 191 -6.74 -17.09 -16.83
N PHE A 192 -6.10 -18.08 -16.21
CA PHE A 192 -6.86 -18.92 -15.30
C PHE A 192 -7.29 -18.16 -14.07
N GLN A 193 -6.51 -17.18 -13.64
CA GLN A 193 -6.97 -16.30 -12.57
C GLN A 193 -8.20 -15.52 -13.00
N VAL A 194 -8.18 -14.98 -14.23
CA VAL A 194 -9.28 -14.16 -14.70
C VAL A 194 -10.55 -14.97 -14.88
N MET A 195 -10.45 -16.28 -15.11
CA MET A 195 -11.67 -17.08 -15.27
C MET A 195 -12.45 -17.19 -13.96
N THR A 196 -11.78 -17.43 -12.85
CA THR A 196 -12.50 -17.71 -11.61
C THR A 196 -12.93 -16.47 -10.86
N LEU A 197 -13.05 -15.33 -11.54
CA LEU A 197 -13.70 -14.12 -11.03
C LEU A 197 -13.04 -13.59 -9.76
N GLU A 198 -11.73 -13.69 -9.67
CA GLU A 198 -11.03 -13.20 -8.51
C GLU A 198 -10.13 -12.06 -8.95
N SER A 199 -10.45 -10.85 -8.47
CA SER A 199 -9.59 -9.68 -8.56
C SER A 199 -9.23 -9.33 -9.99
N TRP A 200 -10.13 -9.56 -10.93
CA TRP A 200 -9.79 -9.25 -12.30
C TRP A 200 -9.85 -7.76 -12.57
N SER A 201 -10.72 -7.04 -11.89
CA SER A 201 -10.85 -5.63 -12.20
C SER A 201 -9.73 -4.79 -11.58
N MET A 202 -9.63 -4.81 -10.25
CA MET A 202 -8.68 -3.93 -9.58
C MET A 202 -7.24 -4.41 -9.70
N GLY A 203 -6.99 -5.59 -10.24
CA GLY A 203 -5.63 -6.09 -10.22
C GLY A 203 -5.05 -6.36 -11.59
N ILE A 204 -5.89 -6.59 -12.58
CA ILE A 204 -5.46 -7.00 -13.91
C ILE A 204 -5.91 -6.03 -14.98
N VAL A 205 -7.20 -5.74 -15.06
CA VAL A 205 -7.68 -5.01 -16.23
C VAL A 205 -7.42 -3.51 -16.10
N ARG A 206 -7.79 -2.91 -14.98
CA ARG A 206 -7.61 -1.46 -14.85
C ARG A 206 -6.15 -1.00 -14.81
N PRO A 207 -5.16 -1.73 -14.31
CA PRO A 207 -3.78 -1.36 -14.62
C PRO A 207 -3.39 -1.56 -16.07
N LEU A 208 -4.19 -2.26 -16.88
CA LEU A 208 -3.93 -2.28 -18.31
C LEU A 208 -4.67 -1.18 -19.03
N MET A 209 -5.76 -0.69 -18.49
CA MET A 209 -6.50 0.36 -19.20
C MET A 209 -5.86 1.74 -19.07
N GLU A 210 -4.71 1.87 -18.42
CA GLU A 210 -3.95 3.09 -18.45
C GLU A 210 -2.90 3.10 -19.54
N VAL A 211 -2.79 2.01 -20.30
CA VAL A 211 -1.81 1.94 -21.38
C VAL A 211 -2.54 1.64 -22.69
N TYR A 212 -3.39 0.63 -22.69
CA TYR A 212 -4.18 0.31 -23.88
C TYR A 212 -5.64 0.55 -23.55
N PRO A 213 -6.23 1.68 -23.95
CA PRO A 213 -7.58 2.02 -23.48
C PRO A 213 -8.70 1.20 -24.08
N TYR A 214 -8.42 0.26 -24.97
CA TYR A 214 -9.44 -0.60 -25.54
C TYR A 214 -9.28 -2.04 -25.05
N ALA A 215 -8.75 -2.24 -23.85
CA ALA A 215 -8.45 -3.59 -23.41
C ALA A 215 -9.69 -4.38 -23.06
N TRP A 216 -10.77 -3.71 -22.66
CA TRP A 216 -11.95 -4.41 -22.17
C TRP A 216 -12.62 -5.22 -23.25
N VAL A 217 -12.45 -4.81 -24.51
CA VAL A 217 -12.95 -5.55 -25.66
C VAL A 217 -12.37 -6.95 -25.71
N PHE A 218 -11.19 -7.15 -25.16
CA PHE A 218 -10.65 -8.50 -25.10
C PHE A 218 -11.06 -9.25 -23.84
N PHE A 219 -11.40 -8.57 -22.76
CA PHE A 219 -11.63 -9.28 -21.50
C PHE A 219 -13.10 -9.52 -21.18
N ILE A 220 -14.00 -8.61 -21.53
CA ILE A 220 -15.41 -8.79 -21.21
C ILE A 220 -16.07 -9.87 -22.07
N PRO A 221 -15.81 -10.02 -23.38
CA PRO A 221 -16.29 -11.23 -24.05
C PRO A 221 -15.68 -12.51 -23.55
N PHE A 222 -14.46 -12.47 -22.99
CA PHE A 222 -13.89 -13.67 -22.43
C PHE A 222 -14.70 -14.19 -21.25
N ILE A 223 -15.12 -13.30 -20.36
CA ILE A 223 -16.02 -13.71 -19.28
C ILE A 223 -17.39 -14.10 -19.84
N PHE A 224 -17.77 -13.59 -21.01
CA PHE A 224 -19.00 -14.10 -21.62
C PHE A 224 -18.85 -15.50 -22.20
N VAL A 225 -17.64 -16.05 -22.24
CA VAL A 225 -17.52 -17.40 -22.79
C VAL A 225 -17.25 -18.40 -21.67
N VAL A 226 -16.15 -18.22 -20.94
CA VAL A 226 -15.73 -19.26 -20.00
C VAL A 226 -16.54 -19.28 -18.72
N THR A 227 -17.32 -18.25 -18.42
CA THR A 227 -18.26 -18.32 -17.32
C THR A 227 -19.61 -18.87 -17.76
N PHE A 228 -19.98 -18.69 -19.03
CA PHE A 228 -21.12 -19.45 -19.54
C PHE A 228 -20.70 -20.75 -20.21
N VAL A 229 -19.59 -21.34 -19.74
CA VAL A 229 -19.40 -22.78 -19.75
C VAL A 229 -20.22 -23.41 -18.63
N MET A 230 -20.47 -22.63 -17.57
CA MET A 230 -21.09 -23.19 -16.38
C MET A 230 -22.54 -23.57 -16.62
N ILE A 231 -23.16 -23.03 -17.66
CA ILE A 231 -24.56 -23.35 -17.87
C ILE A 231 -24.74 -24.68 -18.58
N ASN A 232 -23.88 -25.03 -19.54
CA ASN A 232 -24.12 -26.32 -20.20
C ASN A 232 -23.55 -27.47 -19.39
N LEU A 233 -22.68 -27.16 -18.43
CA LEU A 233 -22.17 -28.14 -17.49
C LEU A 233 -23.32 -28.70 -16.66
N VAL A 234 -24.19 -27.80 -16.20
CA VAL A 234 -25.39 -28.19 -15.47
C VAL A 234 -26.31 -29.04 -16.35
N VAL A 235 -26.35 -28.76 -17.66
CA VAL A 235 -27.16 -29.56 -18.58
C VAL A 235 -26.60 -30.97 -18.69
N ALA A 236 -25.27 -31.09 -18.80
CA ALA A 236 -24.66 -32.42 -18.86
C ALA A 236 -24.92 -33.21 -17.60
N ILE A 237 -24.88 -32.56 -16.43
CA ILE A 237 -25.15 -33.30 -15.19
C ILE A 237 -26.61 -33.69 -15.09
N CYS A 238 -27.51 -32.76 -15.41
CA CYS A 238 -28.93 -33.02 -15.24
C CYS A 238 -29.45 -34.05 -16.26
N VAL A 239 -28.84 -34.09 -17.45
CA VAL A 239 -29.15 -35.17 -18.37
C VAL A 239 -28.60 -36.48 -17.85
N ASP A 240 -27.41 -36.45 -17.24
CA ASP A 240 -26.86 -37.69 -16.72
C ASP A 240 -27.55 -38.11 -15.43
N ALA A 241 -27.55 -37.25 -14.42
CA ALA A 241 -28.18 -37.60 -13.15
C ALA A 241 -29.68 -37.35 -13.21
N SER B 17 -10.25 -30.04 -70.93
CA SER B 17 -10.93 -29.69 -69.69
C SER B 17 -10.53 -30.64 -68.59
N HIS B 18 -9.53 -31.45 -68.90
CA HIS B 18 -9.12 -32.48 -67.95
C HIS B 18 -8.36 -31.89 -66.78
N MET B 19 -7.86 -30.66 -66.90
CA MET B 19 -7.23 -30.01 -65.75
C MET B 19 -8.26 -29.58 -64.72
N TYR B 20 -9.47 -29.23 -65.16
CA TYR B 20 -10.55 -28.98 -64.23
C TYR B 20 -10.95 -30.27 -63.52
N LEU B 21 -10.87 -31.37 -64.25
CA LEU B 21 -11.07 -32.68 -63.65
C LEU B 21 -9.98 -32.98 -62.63
N ARG B 22 -8.73 -32.60 -62.95
CA ARG B 22 -7.63 -32.79 -62.01
C ARG B 22 -7.84 -32.00 -60.74
N ILE B 23 -8.28 -30.75 -60.88
CA ILE B 23 -8.51 -29.91 -59.71
C ILE B 23 -9.66 -30.44 -58.89
N THR B 24 -10.72 -30.92 -59.55
CA THR B 24 -11.87 -31.49 -58.84
C THR B 24 -11.47 -32.75 -58.07
N ASN B 25 -10.60 -33.57 -58.65
CA ASN B 25 -10.16 -34.76 -57.96
C ASN B 25 -9.21 -34.42 -56.82
N ILE B 26 -8.07 -33.82 -57.16
CA ILE B 26 -6.97 -33.70 -56.23
C ILE B 26 -7.25 -32.66 -55.16
N VAL B 27 -7.99 -31.61 -55.50
CA VAL B 27 -8.37 -30.64 -54.48
C VAL B 27 -9.36 -31.24 -53.51
N GLU B 28 -10.43 -31.85 -54.01
CA GLU B 28 -11.38 -32.51 -53.14
C GLU B 28 -10.85 -33.88 -52.77
N SER B 29 -9.93 -33.89 -51.80
CA SER B 29 -9.25 -35.10 -51.39
C SER B 29 -9.05 -35.08 -49.89
N SER B 30 -9.22 -36.26 -49.27
CA SER B 30 -9.07 -36.38 -47.82
C SER B 30 -7.64 -36.12 -47.39
N PHE B 31 -6.68 -36.53 -48.23
CA PHE B 31 -5.28 -36.28 -47.94
C PHE B 31 -4.99 -34.79 -47.95
N PHE B 32 -5.66 -34.05 -48.83
CA PHE B 32 -5.45 -32.61 -48.92
C PHE B 32 -5.95 -31.89 -47.67
N THR B 33 -7.15 -32.25 -47.22
CA THR B 33 -7.74 -31.62 -46.03
C THR B 33 -6.95 -32.00 -44.78
N LYS B 34 -6.50 -33.27 -44.70
CA LYS B 34 -5.67 -33.68 -43.58
C LYS B 34 -4.34 -32.93 -43.57
N PHE B 35 -3.73 -32.74 -44.74
CA PHE B 35 -2.49 -31.97 -44.84
C PHE B 35 -2.69 -30.53 -44.42
N ILE B 36 -3.81 -29.92 -44.81
CA ILE B 36 -3.96 -28.52 -44.48
C ILE B 36 -4.28 -28.34 -42.99
N ILE B 37 -4.92 -29.34 -42.36
CA ILE B 37 -5.17 -29.25 -40.92
C ILE B 37 -3.87 -29.40 -40.14
N TYR B 38 -3.02 -30.34 -40.54
CA TYR B 38 -1.73 -30.45 -39.86
C TYR B 38 -0.86 -29.22 -40.11
N LEU B 39 -1.03 -28.56 -41.25
CA LEU B 39 -0.27 -27.34 -41.49
C LEU B 39 -0.76 -26.19 -40.60
N ILE B 40 -2.08 -26.09 -40.36
CA ILE B 40 -2.60 -25.05 -39.47
C ILE B 40 -2.13 -25.29 -38.04
N VAL B 41 -2.08 -26.55 -37.62
CA VAL B 41 -1.59 -26.85 -36.28
C VAL B 41 -0.10 -26.50 -36.17
N LEU B 42 0.65 -26.72 -37.25
CA LEU B 42 2.06 -26.34 -37.20
C LEU B 42 2.22 -24.82 -37.20
N ASN B 43 1.31 -24.09 -37.85
CA ASN B 43 1.28 -22.63 -37.75
C ASN B 43 1.11 -22.19 -36.30
N THR B 44 0.16 -22.81 -35.60
CA THR B 44 -0.10 -22.43 -34.22
C THR B 44 1.09 -22.74 -33.32
N LEU B 45 1.69 -23.91 -33.50
CA LEU B 45 2.77 -24.31 -32.61
C LEU B 45 4.04 -23.55 -32.90
N PHE B 46 4.25 -23.09 -34.14
CA PHE B 46 5.38 -22.21 -34.35
C PHE B 46 5.08 -20.80 -33.87
N MET B 47 3.82 -20.39 -33.90
CA MET B 47 3.48 -19.04 -33.50
C MET B 47 3.56 -18.88 -31.99
N ALA B 48 3.38 -19.96 -31.24
CA ALA B 48 3.37 -19.88 -29.79
C ALA B 48 4.75 -20.11 -29.17
N MET B 49 5.83 -19.78 -29.86
CA MET B 49 7.12 -19.83 -29.21
C MET B 49 7.59 -18.48 -28.73
N GLU B 50 6.77 -17.44 -28.87
CA GLU B 50 7.24 -16.10 -28.57
C GLU B 50 7.34 -15.90 -27.08
N HIS B 51 8.45 -15.32 -26.63
CA HIS B 51 8.62 -14.95 -25.25
C HIS B 51 9.24 -13.57 -25.15
N HIS B 52 8.84 -12.81 -24.15
CA HIS B 52 9.34 -11.45 -23.99
C HIS B 52 10.05 -11.31 -22.66
N PRO B 53 11.12 -10.49 -22.59
CA PRO B 53 11.76 -9.66 -23.60
C PRO B 53 12.61 -10.46 -24.58
N MET B 54 12.92 -9.89 -25.74
CA MET B 54 13.43 -10.64 -26.86
C MET B 54 14.82 -10.15 -27.24
N THR B 55 15.64 -11.08 -27.74
CA THR B 55 17.02 -10.79 -28.15
C THR B 55 17.06 -10.12 -29.52
N GLU B 56 15.92 -10.05 -30.22
CA GLU B 56 15.66 -9.41 -31.52
C GLU B 56 16.24 -10.24 -32.68
N GLU B 57 17.07 -11.23 -32.36
CA GLU B 57 17.47 -12.18 -33.38
C GLU B 57 16.32 -13.13 -33.70
N PHE B 58 15.46 -13.40 -32.71
CA PHE B 58 14.26 -14.18 -32.98
C PHE B 58 13.23 -13.39 -33.78
N LYS B 59 13.33 -12.07 -33.76
CA LYS B 59 12.28 -11.23 -34.35
C LYS B 59 12.28 -11.33 -35.87
N ASN B 60 13.47 -11.29 -36.45
CA ASN B 60 13.58 -11.46 -37.90
C ASN B 60 13.35 -12.91 -38.31
N VAL B 61 13.43 -13.85 -37.38
CA VAL B 61 12.97 -15.20 -37.66
C VAL B 61 11.45 -15.21 -37.73
N LEU B 62 10.81 -14.54 -36.77
CA LEU B 62 9.38 -14.65 -36.59
C LEU B 62 8.62 -13.95 -37.71
N ALA B 63 9.15 -12.81 -38.19
CA ALA B 63 8.51 -12.12 -39.30
C ALA B 63 8.55 -12.95 -40.58
N ILE B 64 9.68 -13.62 -40.82
CA ILE B 64 9.82 -14.46 -42.00
C ILE B 64 8.91 -15.67 -41.92
N GLY B 65 8.77 -16.25 -40.73
CA GLY B 65 7.83 -17.36 -40.56
C GLY B 65 6.39 -16.94 -40.81
N ASN B 66 6.03 -15.74 -40.35
CA ASN B 66 4.71 -15.19 -40.60
C ASN B 66 4.49 -15.00 -42.11
N LEU B 67 5.52 -14.52 -42.80
CA LEU B 67 5.44 -14.31 -44.25
C LEU B 67 5.21 -15.62 -44.99
N VAL B 68 5.95 -16.67 -44.60
CA VAL B 68 5.88 -17.93 -45.32
C VAL B 68 4.52 -18.60 -45.11
N PHE B 69 4.02 -18.58 -43.86
CA PHE B 69 2.71 -19.16 -43.61
C PHE B 69 1.60 -18.39 -44.31
N THR B 70 1.73 -17.07 -44.37
CA THR B 70 0.71 -16.25 -45.01
C THR B 70 0.65 -16.50 -46.51
N GLY B 71 1.82 -16.63 -47.15
CA GLY B 71 1.84 -16.90 -48.58
C GLY B 71 1.30 -18.27 -48.93
N ILE B 72 1.62 -19.27 -48.10
CA ILE B 72 1.13 -20.62 -48.37
C ILE B 72 -0.38 -20.69 -48.20
N PHE B 73 -0.92 -20.01 -47.19
CA PHE B 73 -2.38 -20.00 -47.04
C PHE B 73 -3.06 -19.17 -48.11
N ALA B 74 -2.37 -18.19 -48.69
CA ALA B 74 -2.95 -17.47 -49.81
C ALA B 74 -3.04 -18.35 -51.05
N ILE B 75 -2.00 -19.15 -51.31
CA ILE B 75 -2.04 -20.10 -52.42
C ILE B 75 -3.14 -21.13 -52.19
N GLU B 76 -3.32 -21.52 -50.92
CA GLU B 76 -4.42 -22.39 -50.53
C GLU B 76 -5.77 -21.81 -50.89
N ILE B 77 -6.03 -20.56 -50.47
CA ILE B 77 -7.37 -20.01 -50.66
C ILE B 77 -7.63 -19.73 -52.14
N ILE B 78 -6.59 -19.44 -52.93
CA ILE B 78 -6.78 -19.26 -54.37
C ILE B 78 -7.17 -20.57 -55.04
N LEU B 79 -6.46 -21.66 -54.70
CA LEU B 79 -6.82 -22.95 -55.28
C LEU B 79 -8.19 -23.43 -54.80
N ARG B 80 -8.61 -23.03 -53.60
CA ARG B 80 -9.93 -23.44 -53.15
C ARG B 80 -11.03 -22.64 -53.81
N ILE B 81 -10.77 -21.38 -54.18
CA ILE B 81 -11.82 -20.64 -54.87
C ILE B 81 -11.80 -20.84 -56.37
N TYR B 82 -10.77 -21.47 -56.93
CA TYR B 82 -10.73 -21.60 -58.37
C TYR B 82 -11.76 -22.60 -58.88
N VAL B 83 -12.13 -23.57 -58.06
CA VAL B 83 -12.99 -24.65 -58.54
C VAL B 83 -14.43 -24.19 -58.71
N HIS B 84 -14.87 -23.18 -57.98
CA HIS B 84 -16.21 -22.65 -58.20
C HIS B 84 -16.25 -21.18 -57.85
N ARG B 85 -17.06 -20.43 -58.61
CA ARG B 85 -17.17 -18.98 -58.51
C ARG B 85 -18.40 -18.52 -57.74
N ILE B 86 -19.54 -19.17 -57.94
CA ILE B 86 -20.79 -18.73 -57.31
C ILE B 86 -21.22 -19.68 -56.19
N SER B 87 -20.70 -20.92 -56.15
CA SER B 87 -20.88 -21.78 -54.98
C SER B 87 -20.14 -21.25 -53.75
N PHE B 88 -19.25 -20.29 -53.93
CA PHE B 88 -18.65 -19.50 -52.87
C PHE B 88 -19.70 -18.52 -52.32
N PHE B 89 -19.31 -17.71 -51.33
CA PHE B 89 -20.17 -16.79 -50.57
C PHE B 89 -21.32 -17.52 -49.88
N LYS B 90 -21.14 -18.80 -49.57
CA LYS B 90 -22.22 -19.64 -49.09
C LYS B 90 -22.06 -20.02 -47.63
N ASP B 91 -20.94 -20.66 -47.26
CA ASP B 91 -20.72 -20.94 -45.86
C ASP B 91 -20.05 -19.75 -45.19
N PRO B 92 -20.32 -19.53 -43.89
CA PRO B 92 -19.59 -18.47 -43.19
C PRO B 92 -18.11 -18.76 -42.99
N TRP B 93 -17.69 -20.03 -43.09
CA TRP B 93 -16.29 -20.36 -42.81
C TRP B 93 -15.37 -19.85 -43.90
N SER B 94 -15.80 -19.92 -45.17
CA SER B 94 -14.92 -19.47 -46.24
C SER B 94 -14.82 -17.95 -46.27
N LEU B 95 -15.93 -17.26 -45.99
CA LEU B 95 -15.90 -15.80 -45.86
C LEU B 95 -15.01 -15.39 -44.70
N PHE B 96 -15.07 -16.15 -43.62
CA PHE B 96 -14.26 -15.88 -42.44
C PHE B 96 -12.78 -16.07 -42.74
N ASP B 97 -12.45 -17.11 -43.50
CA ASP B 97 -11.07 -17.34 -43.88
C ASP B 97 -10.57 -16.28 -44.84
N SER B 98 -11.47 -15.78 -45.69
CA SER B 98 -11.11 -14.70 -46.59
C SER B 98 -10.80 -13.43 -45.81
N LEU B 99 -11.58 -13.17 -44.76
CA LEU B 99 -11.34 -12.00 -43.91
C LEU B 99 -10.01 -12.13 -43.18
N ILE B 100 -9.68 -13.34 -42.74
CA ILE B 100 -8.43 -13.57 -42.03
C ILE B 100 -7.22 -13.36 -42.95
N VAL B 101 -7.25 -13.97 -44.13
CA VAL B 101 -6.16 -13.80 -45.09
C VAL B 101 -6.06 -12.36 -45.57
N THR B 102 -7.21 -11.67 -45.67
CA THR B 102 -7.21 -10.27 -46.09
C THR B 102 -6.57 -9.38 -45.03
N LEU B 103 -6.91 -9.58 -43.77
CA LEU B 103 -6.29 -8.80 -42.71
C LEU B 103 -4.81 -9.08 -42.59
N SER B 104 -4.41 -10.34 -42.86
CA SER B 104 -2.99 -10.67 -42.78
C SER B 104 -2.21 -10.01 -43.91
N LEU B 105 -2.81 -9.93 -45.11
CA LEU B 105 -2.15 -9.23 -46.20
C LEU B 105 -2.09 -7.72 -45.98
N VAL B 106 -3.14 -7.14 -45.37
CA VAL B 106 -3.14 -5.73 -45.01
C VAL B 106 -2.02 -5.42 -44.03
N GLU B 107 -1.80 -6.33 -43.07
CA GLU B 107 -0.64 -6.18 -42.21
C GLU B 107 0.66 -6.38 -42.98
N LEU B 108 0.66 -7.24 -44.00
CA LEU B 108 1.89 -7.54 -44.70
C LEU B 108 2.39 -6.35 -45.51
N PHE B 109 1.49 -5.62 -46.18
CA PHE B 109 1.93 -4.48 -46.97
C PHE B 109 2.18 -3.25 -46.11
N LEU B 110 1.12 -2.75 -45.46
CA LEU B 110 1.15 -1.46 -44.82
C LEU B 110 1.91 -1.52 -43.50
N ALA B 111 2.27 -0.36 -42.97
CA ALA B 111 3.07 -0.22 -41.77
C ALA B 111 2.26 -0.54 -40.51
N ASP B 112 2.72 -0.08 -39.35
CA ASP B 112 2.42 -0.75 -38.09
C ASP B 112 0.96 -0.70 -37.65
N VAL B 113 0.23 -1.73 -38.04
CA VAL B 113 -1.10 -2.04 -37.54
C VAL B 113 -0.91 -3.38 -36.83
N GLU B 114 0.24 -3.52 -36.17
CA GLU B 114 0.53 -4.70 -35.36
C GLU B 114 -0.50 -4.85 -34.27
N GLY B 115 -0.88 -6.09 -34.00
CA GLY B 115 -2.05 -6.29 -33.18
C GLY B 115 -3.35 -6.28 -33.95
N LEU B 116 -3.29 -6.20 -35.28
CA LEU B 116 -4.44 -6.48 -36.11
C LEU B 116 -4.18 -7.64 -37.05
N SER B 117 -3.00 -8.24 -36.96
CA SER B 117 -2.74 -9.55 -37.51
C SER B 117 -2.93 -10.65 -36.48
N VAL B 118 -3.44 -10.31 -35.30
CA VAL B 118 -3.57 -11.29 -34.22
C VAL B 118 -4.90 -12.01 -34.25
N LEU B 119 -5.74 -11.72 -35.23
CA LEU B 119 -6.96 -12.48 -35.40
C LEU B 119 -6.71 -13.83 -36.05
N ARG B 120 -5.49 -14.05 -36.56
CA ARG B 120 -5.20 -15.20 -37.40
C ARG B 120 -5.13 -16.50 -36.64
N SER B 121 -5.11 -16.49 -35.32
CA SER B 121 -4.90 -17.72 -34.60
C SER B 121 -6.19 -18.46 -34.31
N PHE B 122 -7.29 -18.08 -34.95
CA PHE B 122 -8.56 -18.77 -34.74
C PHE B 122 -8.79 -19.94 -35.67
N ARG B 123 -7.94 -20.12 -36.68
CA ARG B 123 -8.22 -21.15 -37.68
C ARG B 123 -8.03 -22.57 -37.16
N LEU B 124 -7.43 -22.74 -35.99
CA LEU B 124 -7.44 -24.02 -35.30
C LEU B 124 -8.86 -24.47 -34.98
N LEU B 125 -9.80 -23.52 -34.90
CA LEU B 125 -11.22 -23.78 -34.78
C LEU B 125 -11.75 -24.69 -35.90
N ARG B 126 -11.12 -24.67 -37.09
CA ARG B 126 -11.46 -25.56 -38.21
C ARG B 126 -11.40 -27.04 -37.84
N VAL B 127 -10.61 -27.40 -36.81
CA VAL B 127 -10.51 -28.78 -36.32
C VAL B 127 -11.86 -29.36 -35.91
N PHE B 128 -12.82 -28.51 -35.52
CA PHE B 128 -14.17 -28.98 -35.20
C PHE B 128 -14.85 -29.68 -36.38
N ARG B 129 -14.59 -29.20 -37.60
CA ARG B 129 -15.17 -29.83 -38.78
C ARG B 129 -14.62 -31.24 -39.00
N LEU B 130 -13.45 -31.56 -38.44
CA LEU B 130 -12.97 -32.93 -38.52
C LEU B 130 -13.79 -33.86 -37.64
N VAL B 131 -14.35 -33.38 -36.53
CA VAL B 131 -14.83 -34.31 -35.51
C VAL B 131 -16.34 -34.34 -35.43
N THR B 132 -17.02 -34.16 -36.57
CA THR B 132 -18.46 -34.32 -36.60
C THR B 132 -18.88 -35.76 -36.34
N ALA B 133 -18.10 -36.73 -36.83
CA ALA B 133 -18.46 -38.13 -36.73
C ALA B 133 -18.24 -38.72 -35.34
N VAL B 134 -17.70 -37.97 -34.40
CA VAL B 134 -17.46 -38.52 -33.07
C VAL B 134 -18.80 -38.67 -32.34
N PRO B 135 -19.10 -39.83 -31.76
CA PRO B 135 -20.40 -39.99 -31.11
C PRO B 135 -20.50 -39.27 -29.78
N GLN B 136 -19.37 -39.01 -29.12
CA GLN B 136 -19.41 -38.35 -27.82
C GLN B 136 -19.71 -36.85 -27.97
N MET B 137 -19.27 -36.26 -29.08
CA MET B 137 -19.45 -34.83 -29.30
C MET B 137 -20.91 -34.48 -29.52
N ARG B 138 -21.70 -35.43 -30.02
CA ARG B 138 -23.08 -35.17 -30.39
C ARG B 138 -23.94 -34.86 -29.17
N LYS B 139 -23.67 -35.52 -28.04
CA LYS B 139 -24.45 -35.27 -26.83
C LYS B 139 -24.22 -33.87 -26.29
N ILE B 140 -22.97 -33.41 -26.26
CA ILE B 140 -22.75 -32.08 -25.72
C ILE B 140 -23.18 -31.01 -26.70
N VAL B 141 -23.12 -31.26 -28.01
CA VAL B 141 -23.58 -30.22 -28.92
C VAL B 141 -25.11 -30.17 -28.95
N SER B 142 -25.78 -31.30 -28.71
CA SER B 142 -27.23 -31.27 -28.56
C SER B 142 -27.62 -30.66 -27.22
N ALA B 143 -26.76 -30.75 -26.22
CA ALA B 143 -26.96 -30.00 -24.99
C ALA B 143 -26.85 -28.50 -25.24
N LEU B 144 -25.80 -28.10 -25.96
CA LEU B 144 -25.52 -26.68 -26.15
C LEU B 144 -26.55 -26.02 -27.05
N ILE B 145 -27.15 -26.76 -27.97
CA ILE B 145 -28.22 -26.16 -28.75
C ILE B 145 -29.52 -26.08 -27.94
N SER B 146 -29.63 -26.85 -26.85
CA SER B 146 -30.86 -26.88 -26.08
C SER B 146 -30.90 -25.85 -24.95
N VAL B 147 -30.00 -24.88 -24.94
CA VAL B 147 -29.93 -23.88 -23.88
C VAL B 147 -30.28 -22.49 -24.40
N ILE B 148 -29.87 -22.18 -25.62
CA ILE B 148 -29.83 -20.88 -26.28
C ILE B 148 -30.97 -19.89 -26.03
N PRO B 149 -32.27 -20.26 -26.10
CA PRO B 149 -33.31 -19.23 -25.93
C PRO B 149 -33.38 -18.62 -24.54
N GLY B 150 -33.11 -19.39 -23.50
CA GLY B 150 -33.12 -18.83 -22.16
C GLY B 150 -32.03 -17.80 -21.96
N MET B 151 -30.81 -18.14 -22.39
CA MET B 151 -29.69 -17.21 -22.31
C MET B 151 -29.94 -15.98 -23.16
N LEU B 152 -30.50 -16.16 -24.36
CA LEU B 152 -30.75 -15.03 -25.23
C LEU B 152 -31.95 -14.20 -24.80
N SER B 153 -32.75 -14.68 -23.87
CA SER B 153 -33.72 -13.79 -23.24
C SER B 153 -33.12 -13.06 -22.05
N VAL B 154 -32.31 -13.77 -21.26
CA VAL B 154 -31.71 -13.21 -20.06
C VAL B 154 -30.77 -12.08 -20.40
N ILE B 155 -30.06 -12.18 -21.53
CA ILE B 155 -29.11 -11.14 -21.92
C ILE B 155 -29.82 -9.83 -22.21
N ALA B 156 -30.92 -9.88 -22.95
CA ALA B 156 -31.67 -8.66 -23.24
C ALA B 156 -32.31 -8.08 -21.97
N LEU B 157 -32.83 -8.94 -21.09
CA LEU B 157 -33.48 -8.44 -19.88
C LEU B 157 -32.48 -7.76 -18.95
N MET B 158 -31.33 -8.39 -18.76
CA MET B 158 -30.29 -7.80 -17.93
C MET B 158 -29.71 -6.54 -18.57
N THR B 159 -29.68 -6.48 -19.90
CA THR B 159 -29.23 -5.26 -20.57
C THR B 159 -30.19 -4.12 -20.28
N LEU B 160 -31.48 -4.42 -20.22
CA LEU B 160 -32.46 -3.38 -19.91
C LEU B 160 -32.31 -2.89 -18.48
N PHE B 161 -32.02 -3.80 -17.55
CA PHE B 161 -31.75 -3.35 -16.18
C PHE B 161 -30.50 -2.48 -16.09
N PHE B 162 -29.46 -2.82 -16.84
CA PHE B 162 -28.26 -1.98 -16.84
C PHE B 162 -28.56 -0.60 -17.40
N TYR B 163 -29.35 -0.52 -18.47
CA TYR B 163 -29.65 0.78 -19.06
C TYR B 163 -30.55 1.60 -18.14
N ILE B 164 -31.34 0.94 -17.29
CA ILE B 164 -32.08 1.70 -16.29
C ILE B 164 -31.15 2.23 -15.20
N PHE B 165 -30.34 1.35 -14.60
CA PHE B 165 -29.56 1.76 -13.43
C PHE B 165 -28.37 2.65 -13.77
N ALA B 166 -27.84 2.58 -14.99
CA ALA B 166 -26.58 3.27 -15.29
C ALA B 166 -26.76 4.78 -15.37
N ILE B 167 -27.87 5.23 -15.95
CA ILE B 167 -28.11 6.66 -16.10
C ILE B 167 -28.36 7.31 -14.74
N MET B 168 -29.12 6.61 -13.89
CA MET B 168 -29.31 7.04 -12.51
C MET B 168 -28.00 7.10 -11.75
N ALA B 169 -27.11 6.14 -12.00
CA ALA B 169 -25.80 6.16 -11.38
C ALA B 169 -24.94 7.30 -11.89
N THR B 170 -25.11 7.69 -13.15
CA THR B 170 -24.32 8.81 -13.66
C THR B 170 -24.81 10.14 -13.10
N GLN B 171 -26.14 10.30 -12.96
CA GLN B 171 -26.66 11.56 -12.44
C GLN B 171 -26.37 11.72 -10.95
N LEU B 172 -26.39 10.62 -10.19
CA LEU B 172 -26.14 10.70 -8.77
C LEU B 172 -24.69 11.03 -8.46
N PHE B 173 -23.77 10.18 -8.92
CA PHE B 173 -22.39 10.20 -8.48
C PHE B 173 -21.47 10.83 -9.51
N GLY B 174 -21.94 11.81 -10.26
CA GLY B 174 -21.22 12.23 -11.43
C GLY B 174 -20.23 13.36 -11.23
N GLU B 175 -20.58 14.36 -10.43
CA GLU B 175 -19.70 15.51 -10.24
C GLU B 175 -18.41 15.11 -9.56
N ARG B 176 -18.52 14.65 -8.32
CA ARG B 176 -17.36 14.07 -7.70
C ARG B 176 -17.24 12.62 -8.19
N PHE B 177 -16.06 12.05 -7.99
CA PHE B 177 -15.66 10.72 -8.46
C PHE B 177 -15.89 10.52 -9.96
N PRO B 178 -15.15 11.16 -10.82
CA PRO B 178 -15.49 11.07 -12.24
C PRO B 178 -14.90 9.85 -12.91
N GLU B 179 -13.85 9.29 -12.33
CA GLU B 179 -13.09 8.22 -12.98
C GLU B 179 -13.92 6.96 -13.12
N TRP B 180 -14.89 6.77 -12.24
CA TRP B 180 -15.70 5.57 -12.25
C TRP B 180 -17.09 5.78 -12.81
N PHE B 181 -17.56 7.02 -12.90
CA PHE B 181 -18.94 7.24 -13.29
C PHE B 181 -19.13 8.45 -14.21
N GLY B 182 -18.07 9.04 -14.75
CA GLY B 182 -18.20 10.32 -15.43
C GLY B 182 -18.87 10.29 -16.77
N THR B 183 -19.10 9.12 -17.32
CA THR B 183 -19.86 8.99 -18.54
C THR B 183 -20.71 7.74 -18.45
N LEU B 184 -21.50 7.49 -19.48
CA LEU B 184 -22.21 6.22 -19.55
C LEU B 184 -21.25 5.10 -19.87
N GLY B 185 -20.31 5.36 -20.75
CA GLY B 185 -19.38 4.37 -21.25
C GLY B 185 -18.37 3.87 -20.25
N GLU B 186 -18.38 4.40 -19.04
CA GLU B 186 -17.66 3.79 -17.93
C GLU B 186 -18.58 3.39 -16.79
N SER B 187 -19.77 3.97 -16.70
CA SER B 187 -20.74 3.51 -15.73
C SER B 187 -21.16 2.08 -16.00
N PHE B 188 -21.28 1.72 -17.29
CA PHE B 188 -21.46 0.32 -17.67
C PHE B 188 -20.38 -0.56 -17.10
N TYR B 189 -19.13 -0.12 -17.19
CA TYR B 189 -18.03 -0.96 -16.79
C TYR B 189 -17.98 -1.14 -15.28
N THR B 190 -18.28 -0.08 -14.55
CA THR B 190 -18.27 -0.19 -13.09
C THR B 190 -19.42 -1.05 -12.59
N LEU B 191 -20.60 -0.93 -13.20
CA LEU B 191 -21.68 -1.81 -12.77
C LEU B 191 -21.46 -3.25 -13.19
N PHE B 192 -20.72 -3.49 -14.27
CA PHE B 192 -20.38 -4.88 -14.58
C PHE B 192 -19.34 -5.42 -13.62
N GLN B 193 -18.50 -4.55 -13.06
CA GLN B 193 -17.62 -5.01 -11.99
C GLN B 193 -18.40 -5.38 -10.75
N VAL B 194 -19.34 -4.52 -10.35
CA VAL B 194 -20.08 -4.74 -9.11
C VAL B 194 -21.02 -5.93 -9.21
N MET B 195 -21.48 -6.28 -10.42
CA MET B 195 -22.38 -7.43 -10.55
C MET B 195 -21.69 -8.74 -10.20
N THR B 196 -20.48 -8.95 -10.70
CA THR B 196 -19.82 -10.24 -10.49
C THR B 196 -19.06 -10.32 -9.19
N LEU B 197 -19.35 -9.43 -8.23
CA LEU B 197 -18.96 -9.55 -6.83
C LEU B 197 -17.44 -9.57 -6.67
N GLU B 198 -16.82 -8.50 -7.11
CA GLU B 198 -15.39 -8.32 -6.93
C GLU B 198 -15.17 -6.92 -6.38
N SER B 199 -14.70 -6.86 -5.14
CA SER B 199 -14.18 -5.66 -4.50
C SER B 199 -15.22 -4.55 -4.40
N TRP B 200 -16.50 -4.91 -4.37
CA TRP B 200 -17.52 -3.88 -4.40
C TRP B 200 -17.64 -3.13 -3.09
N SER B 201 -17.17 -3.71 -2.00
CA SER B 201 -17.16 -2.95 -0.77
C SER B 201 -15.80 -2.26 -0.58
N MET B 202 -14.73 -3.03 -0.51
CA MET B 202 -13.44 -2.50 -0.09
C MET B 202 -12.81 -1.62 -1.14
N GLY B 203 -13.24 -1.69 -2.39
CA GLY B 203 -12.65 -0.86 -3.41
C GLY B 203 -13.60 0.10 -4.10
N ILE B 204 -14.88 0.08 -3.74
CA ILE B 204 -15.85 0.97 -4.38
C ILE B 204 -16.60 1.81 -3.35
N VAL B 205 -17.33 1.14 -2.45
CA VAL B 205 -18.33 1.85 -1.64
C VAL B 205 -17.71 2.48 -0.40
N ARG B 206 -16.73 1.83 0.22
CA ARG B 206 -16.04 2.44 1.36
C ARG B 206 -15.35 3.76 1.05
N PRO B 207 -14.86 4.06 -0.16
CA PRO B 207 -14.55 5.45 -0.45
C PRO B 207 -15.75 6.28 -0.82
N LEU B 208 -16.82 5.67 -1.33
CA LEU B 208 -18.03 6.43 -1.63
C LEU B 208 -18.69 6.93 -0.36
N MET B 209 -18.79 6.08 0.65
CA MET B 209 -19.53 6.43 1.86
C MET B 209 -18.81 7.48 2.70
N GLU B 210 -17.54 7.76 2.43
CA GLU B 210 -16.87 8.83 3.16
C GLU B 210 -17.36 10.18 2.70
N VAL B 211 -17.85 10.29 1.48
CA VAL B 211 -18.32 11.56 0.93
C VAL B 211 -19.83 11.59 0.85
N TYR B 212 -20.43 10.56 0.27
CA TYR B 212 -21.88 10.49 0.13
C TYR B 212 -22.39 9.43 1.10
N PRO B 213 -22.84 9.81 2.29
CA PRO B 213 -23.11 8.82 3.34
C PRO B 213 -24.40 8.03 3.15
N TYR B 214 -25.11 8.19 2.04
CA TYR B 214 -26.30 7.41 1.76
C TYR B 214 -26.13 6.57 0.50
N ALA B 215 -24.90 6.18 0.17
CA ALA B 215 -24.68 5.42 -1.05
C ALA B 215 -25.17 3.99 -0.94
N TRP B 216 -25.28 3.46 0.27
CA TRP B 216 -25.74 2.09 0.46
C TRP B 216 -27.21 1.90 0.14
N VAL B 217 -27.97 2.97 -0.07
CA VAL B 217 -29.32 2.79 -0.57
C VAL B 217 -29.30 2.39 -2.03
N PHE B 218 -28.23 2.71 -2.75
CA PHE B 218 -28.25 2.40 -4.18
C PHE B 218 -27.68 1.02 -4.49
N PHE B 219 -26.50 0.71 -3.98
CA PHE B 219 -25.83 -0.50 -4.42
C PHE B 219 -26.36 -1.78 -3.76
N ILE B 220 -26.99 -1.69 -2.60
CA ILE B 220 -27.42 -2.90 -1.89
C ILE B 220 -28.66 -3.55 -2.48
N PRO B 221 -29.73 -2.85 -2.90
CA PRO B 221 -30.81 -3.58 -3.59
C PRO B 221 -30.39 -4.15 -4.92
N PHE B 222 -29.55 -3.42 -5.66
CA PHE B 222 -29.11 -3.80 -7.00
C PHE B 222 -28.54 -5.21 -7.03
N ILE B 223 -27.68 -5.53 -6.05
CA ILE B 223 -27.04 -6.84 -5.97
C ILE B 223 -28.09 -7.94 -5.90
N PHE B 224 -29.12 -7.74 -5.04
CA PHE B 224 -30.24 -8.68 -4.91
C PHE B 224 -30.81 -9.03 -6.26
N VAL B 225 -31.06 -7.98 -7.06
CA VAL B 225 -31.71 -8.13 -8.36
C VAL B 225 -30.95 -9.09 -9.23
N VAL B 226 -29.64 -8.85 -9.41
CA VAL B 226 -28.94 -9.65 -10.40
C VAL B 226 -28.71 -11.04 -9.86
N THR B 227 -28.53 -11.15 -8.53
CA THR B 227 -28.32 -12.46 -7.93
C THR B 227 -29.56 -13.30 -8.09
N PHE B 228 -30.73 -12.66 -7.93
CA PHE B 228 -32.00 -13.36 -8.05
C PHE B 228 -32.14 -13.93 -9.44
N VAL B 229 -31.82 -13.11 -10.45
CA VAL B 229 -32.02 -13.51 -11.83
C VAL B 229 -31.16 -14.69 -12.16
N MET B 230 -29.93 -14.69 -11.63
CA MET B 230 -28.97 -15.72 -11.99
C MET B 230 -29.41 -17.07 -11.49
N ILE B 231 -29.97 -17.11 -10.27
CA ILE B 231 -30.36 -18.40 -9.71
C ILE B 231 -31.53 -18.96 -10.50
N ASN B 232 -32.44 -18.08 -10.93
CA ASN B 232 -33.60 -18.51 -11.70
C ASN B 232 -33.16 -19.12 -13.01
N LEU B 233 -32.13 -18.52 -13.63
CA LEU B 233 -31.57 -19.01 -14.88
C LEU B 233 -31.14 -20.45 -14.75
N VAL B 234 -30.38 -20.76 -13.69
CA VAL B 234 -29.86 -22.11 -13.52
C VAL B 234 -30.99 -23.08 -13.33
N VAL B 235 -31.97 -22.72 -12.48
CA VAL B 235 -32.98 -23.70 -12.17
C VAL B 235 -33.97 -23.81 -13.31
N ALA B 236 -34.04 -22.79 -14.18
CA ALA B 236 -34.90 -22.89 -15.35
C ALA B 236 -34.41 -24.00 -16.26
N ILE B 237 -33.08 -24.07 -16.44
CA ILE B 237 -32.47 -25.16 -17.18
C ILE B 237 -32.80 -26.49 -16.52
N CYS B 238 -32.69 -26.53 -15.19
CA CYS B 238 -32.87 -27.76 -14.46
C CYS B 238 -34.32 -28.22 -14.44
N VAL B 239 -35.26 -27.39 -14.86
CA VAL B 239 -36.60 -27.96 -14.96
C VAL B 239 -36.87 -28.28 -16.44
N ASP B 240 -36.28 -27.49 -17.35
CA ASP B 240 -36.70 -27.60 -18.75
C ASP B 240 -36.18 -28.88 -19.38
N ALA B 241 -34.89 -29.16 -19.21
CA ALA B 241 -34.36 -30.44 -19.64
C ALA B 241 -34.94 -31.59 -18.85
N MET B 242 -35.50 -31.32 -17.66
CA MET B 242 -36.20 -32.37 -16.97
C MET B 242 -37.62 -32.53 -17.51
N ALA B 243 -38.18 -31.46 -18.09
CA ALA B 243 -39.59 -31.49 -18.48
C ALA B 243 -39.81 -32.28 -19.76
N ILE B 244 -38.86 -32.27 -20.68
CA ILE B 244 -39.09 -32.94 -21.96
C ILE B 244 -38.86 -34.44 -21.83
N LEU B 245 -37.89 -34.85 -21.00
CA LEU B 245 -37.52 -36.26 -20.91
C LEU B 245 -38.64 -37.12 -20.34
N ASN B 246 -39.40 -36.58 -19.38
CA ASN B 246 -40.59 -37.28 -18.89
C ASN B 246 -41.61 -37.49 -19.99
N GLN B 247 -41.71 -36.53 -20.92
CA GLN B 247 -42.58 -36.69 -22.08
C GLN B 247 -42.18 -37.89 -22.93
N LYS B 248 -40.87 -38.20 -22.96
CA LYS B 248 -40.39 -39.36 -23.70
C LYS B 248 -40.81 -40.68 -23.09
N GLU B 249 -41.42 -40.70 -21.91
CA GLU B 249 -42.08 -41.91 -21.47
C GLU B 249 -43.59 -41.74 -21.34
N GLU B 250 -44.10 -40.51 -21.52
CA GLU B 250 -45.53 -40.27 -21.40
C GLU B 250 -46.32 -41.01 -22.48
N GLN B 251 -45.73 -41.12 -23.68
CA GLN B 251 -46.33 -41.89 -24.76
C GLN B 251 -46.44 -43.37 -24.40
N HIS B 252 -45.53 -43.86 -23.54
CA HIS B 252 -45.64 -45.23 -23.08
C HIS B 252 -46.82 -45.43 -22.14
N ILE B 253 -47.29 -44.36 -21.48
CA ILE B 253 -48.57 -44.43 -20.78
C ILE B 253 -49.70 -44.65 -21.78
N ILE B 254 -49.56 -44.06 -22.98
CA ILE B 254 -50.43 -44.41 -24.11
C ILE B 254 -50.27 -45.88 -24.46
N ASP B 255 -49.03 -46.38 -24.40
CA ASP B 255 -48.80 -47.82 -24.56
C ASP B 255 -49.40 -48.61 -23.41
N GLU B 256 -49.56 -47.98 -22.24
CA GLU B 256 -50.25 -48.59 -21.12
C GLU B 256 -51.76 -48.42 -21.18
N VAL B 257 -52.31 -47.89 -22.27
CA VAL B 257 -53.77 -47.80 -22.38
C VAL B 257 -54.39 -49.19 -22.50
N GLN B 258 -53.71 -50.09 -23.21
CA GLN B 258 -54.21 -51.47 -23.33
C GLN B 258 -54.11 -52.23 -22.02
N SER B 259 -53.10 -51.94 -21.20
CA SER B 259 -52.91 -52.63 -19.93
C SER B 259 -53.96 -52.18 -18.91
N SER C 17 -69.15 13.51 -26.11
CA SER C 17 -70.24 12.84 -26.79
C SER C 17 -69.67 11.87 -27.81
N HIS C 18 -69.89 12.21 -29.08
CA HIS C 18 -69.13 11.58 -30.15
C HIS C 18 -67.65 11.91 -30.05
N MET C 19 -67.31 13.06 -29.47
CA MET C 19 -65.92 13.43 -29.27
C MET C 19 -65.25 12.54 -28.23
N TYR C 20 -66.02 12.00 -27.31
CA TYR C 20 -65.49 10.97 -26.42
C TYR C 20 -65.06 9.75 -27.21
N LEU C 21 -65.87 9.36 -28.19
CA LEU C 21 -65.49 8.25 -29.05
C LEU C 21 -64.27 8.61 -29.88
N ARG C 22 -64.17 9.89 -30.28
CA ARG C 22 -63.02 10.36 -31.03
C ARG C 22 -61.75 10.28 -30.21
N ILE C 23 -61.82 10.64 -28.93
CA ILE C 23 -60.60 10.62 -28.14
C ILE C 23 -60.25 9.19 -27.74
N THR C 24 -61.25 8.29 -27.66
CA THR C 24 -60.90 6.89 -27.52
C THR C 24 -60.23 6.35 -28.78
N ASN C 25 -60.60 6.86 -29.95
CA ASN C 25 -59.92 6.42 -31.17
C ASN C 25 -58.50 6.98 -31.24
N ILE C 26 -58.28 8.18 -30.72
CA ILE C 26 -56.95 8.77 -30.80
C ILE C 26 -55.99 8.14 -29.79
N VAL C 27 -56.44 7.93 -28.54
CA VAL C 27 -55.51 7.46 -27.53
C VAL C 27 -55.14 6.00 -27.69
N GLU C 28 -55.93 5.22 -28.43
CA GLU C 28 -55.57 3.83 -28.65
C GLU C 28 -54.63 3.66 -29.83
N SER C 29 -54.22 4.75 -30.46
CA SER C 29 -53.20 4.70 -31.50
C SER C 29 -51.86 4.35 -30.85
N SER C 30 -51.37 3.16 -31.15
CA SER C 30 -50.11 2.70 -30.58
C SER C 30 -48.90 3.43 -31.14
N PHE C 31 -49.07 4.13 -32.27
CA PHE C 31 -48.01 4.95 -32.80
C PHE C 31 -47.67 6.09 -31.85
N PHE C 32 -48.68 6.63 -31.18
CA PHE C 32 -48.44 7.64 -30.15
C PHE C 32 -47.70 7.06 -28.95
N THR C 33 -47.99 5.81 -28.61
CA THR C 33 -47.30 5.17 -27.50
C THR C 33 -45.84 4.91 -27.84
N LYS C 34 -45.57 4.43 -29.06
CA LYS C 34 -44.20 4.23 -29.50
C LYS C 34 -43.45 5.57 -29.58
N PHE C 35 -44.16 6.62 -29.98
CA PHE C 35 -43.57 7.95 -30.06
C PHE C 35 -43.17 8.46 -28.69
N ILE C 36 -44.06 8.34 -27.69
CA ILE C 36 -43.74 8.84 -26.37
C ILE C 36 -42.69 7.96 -25.70
N ILE C 37 -42.64 6.67 -26.04
CA ILE C 37 -41.60 5.80 -25.49
C ILE C 37 -40.23 6.19 -26.03
N TYR C 38 -40.10 6.34 -27.36
CA TYR C 38 -38.81 6.76 -27.93
C TYR C 38 -38.45 8.18 -27.49
N LEU C 39 -39.47 9.03 -27.32
CA LEU C 39 -39.26 10.39 -26.84
C LEU C 39 -38.67 10.39 -25.45
N ILE C 40 -39.14 9.50 -24.59
CA ILE C 40 -38.66 9.56 -23.22
C ILE C 40 -37.38 8.75 -23.03
N VAL C 41 -37.08 7.82 -23.95
CA VAL C 41 -35.71 7.32 -24.09
C VAL C 41 -34.76 8.48 -24.34
N LEU C 42 -35.12 9.35 -25.29
CA LEU C 42 -34.30 10.52 -25.58
C LEU C 42 -34.24 11.47 -24.38
N ASN C 43 -35.37 11.62 -23.68
CA ASN C 43 -35.45 12.52 -22.53
C ASN C 43 -34.55 12.07 -21.39
N THR C 44 -34.49 10.76 -21.15
CA THR C 44 -33.54 10.26 -20.17
C THR C 44 -32.11 10.37 -20.70
N LEU C 45 -31.95 10.19 -22.02
CA LEU C 45 -30.63 10.16 -22.63
C LEU C 45 -29.92 11.51 -22.59
N PHE C 46 -30.68 12.61 -22.51
CA PHE C 46 -30.07 13.95 -22.56
C PHE C 46 -29.04 14.26 -21.49
N MET C 47 -29.46 14.37 -20.23
CA MET C 47 -28.55 14.86 -19.19
C MET C 47 -27.57 13.79 -18.72
N ALA C 48 -27.69 12.56 -19.21
CA ALA C 48 -26.69 11.55 -18.94
C ALA C 48 -25.43 11.83 -19.75
N MET C 49 -25.59 12.08 -21.04
CA MET C 49 -24.52 12.13 -22.03
C MET C 49 -23.60 13.34 -21.83
N GLU C 50 -23.95 14.25 -20.93
CA GLU C 50 -23.23 15.50 -20.78
C GLU C 50 -21.82 15.27 -20.26
N HIS C 51 -20.86 15.85 -20.96
CA HIS C 51 -19.49 15.89 -20.49
C HIS C 51 -19.41 16.86 -19.33
N HIS C 52 -18.95 16.39 -18.18
CA HIS C 52 -18.81 17.22 -16.98
C HIS C 52 -17.94 18.47 -17.09
N PRO C 53 -17.02 18.61 -18.05
CA PRO C 53 -16.65 19.97 -18.43
C PRO C 53 -17.85 20.57 -19.12
N MET C 54 -18.59 21.40 -18.41
CA MET C 54 -19.93 21.78 -18.82
C MET C 54 -19.87 23.13 -19.51
N THR C 55 -20.27 23.16 -20.79
CA THR C 55 -20.18 24.35 -21.60
C THR C 55 -21.28 25.36 -21.25
N GLU C 56 -22.32 24.90 -20.53
CA GLU C 56 -23.47 25.63 -19.97
C GLU C 56 -24.22 26.52 -20.95
N GLU C 57 -23.99 26.36 -22.25
CA GLU C 57 -24.78 27.07 -23.24
C GLU C 57 -25.87 26.16 -23.80
N PHE C 58 -25.50 24.95 -24.21
CA PHE C 58 -26.50 23.97 -24.60
C PHE C 58 -27.09 23.23 -23.41
N LYS C 59 -26.48 23.38 -22.22
CA LYS C 59 -27.11 22.88 -21.00
C LYS C 59 -28.38 23.67 -20.68
N ASN C 60 -28.38 24.96 -21.02
CA ASN C 60 -29.59 25.77 -20.94
C ASN C 60 -30.68 25.19 -21.83
N VAL C 61 -30.31 24.77 -23.04
CA VAL C 61 -31.28 24.18 -23.96
C VAL C 61 -31.70 22.80 -23.47
N LEU C 62 -30.82 22.10 -22.75
CA LEU C 62 -31.20 20.83 -22.13
C LEU C 62 -32.26 21.04 -21.07
N ALA C 63 -32.12 22.11 -20.28
CA ALA C 63 -33.15 22.45 -19.30
C ALA C 63 -34.45 22.87 -19.99
N ILE C 64 -34.33 23.54 -21.14
CA ILE C 64 -35.51 23.95 -21.90
C ILE C 64 -36.27 22.72 -22.40
N GLY C 65 -35.55 21.78 -23.03
CA GLY C 65 -36.18 20.56 -23.50
C GLY C 65 -36.68 19.67 -22.39
N ASN C 66 -36.02 19.71 -21.23
CA ASN C 66 -36.51 19.09 -20.02
C ASN C 66 -37.90 19.61 -19.66
N LEU C 67 -38.03 20.94 -19.64
CA LEU C 67 -39.31 21.57 -19.34
C LEU C 67 -40.36 21.22 -20.38
N VAL C 68 -39.96 21.22 -21.66
CA VAL C 68 -40.90 20.96 -22.75
C VAL C 68 -41.42 19.53 -22.70
N PHE C 69 -40.53 18.57 -22.46
CA PHE C 69 -40.97 17.18 -22.47
C PHE C 69 -41.77 16.85 -21.23
N THR C 70 -41.44 17.46 -20.08
CA THR C 70 -42.30 17.27 -18.91
C THR C 70 -43.68 17.90 -19.13
N GLY C 71 -43.74 19.01 -19.87
CA GLY C 71 -45.02 19.62 -20.15
C GLY C 71 -45.89 18.78 -21.07
N ILE C 72 -45.30 18.26 -22.15
CA ILE C 72 -46.02 17.37 -23.06
C ILE C 72 -46.45 16.11 -22.34
N PHE C 73 -45.60 15.64 -21.42
CA PHE C 73 -45.91 14.44 -20.67
C PHE C 73 -47.06 14.68 -19.69
N ALA C 74 -47.11 15.87 -19.10
CA ALA C 74 -48.24 16.21 -18.23
C ALA C 74 -49.53 16.39 -19.02
N ILE C 75 -49.43 16.92 -20.24
CA ILE C 75 -50.59 16.99 -21.13
C ILE C 75 -51.12 15.59 -21.43
N GLU C 76 -50.22 14.62 -21.60
CA GLU C 76 -50.63 13.23 -21.76
C GLU C 76 -51.34 12.70 -20.53
N ILE C 77 -50.77 12.94 -19.35
CA ILE C 77 -51.26 12.26 -18.15
C ILE C 77 -52.59 12.87 -17.69
N ILE C 78 -52.88 14.11 -18.09
CA ILE C 78 -54.17 14.68 -17.75
C ILE C 78 -55.17 14.43 -18.88
N LEU C 79 -54.65 14.25 -20.10
CA LEU C 79 -55.51 13.89 -21.22
C LEU C 79 -55.99 12.46 -21.10
N ARG C 80 -55.28 11.64 -20.33
CA ARG C 80 -55.67 10.26 -20.07
C ARG C 80 -57.02 10.13 -19.38
N ILE C 81 -57.31 11.04 -18.44
CA ILE C 81 -58.50 10.87 -17.60
C ILE C 81 -59.79 11.16 -18.36
N TYR C 82 -59.72 11.86 -19.50
CA TYR C 82 -60.92 12.12 -20.29
C TYR C 82 -61.48 10.84 -20.91
N VAL C 83 -60.65 9.83 -21.11
CA VAL C 83 -61.12 8.57 -21.69
C VAL C 83 -61.58 7.65 -20.57
N HIS C 84 -60.67 7.28 -19.69
CA HIS C 84 -60.99 6.39 -18.58
C HIS C 84 -61.19 7.23 -17.34
N ARG C 85 -62.41 7.21 -16.80
CA ARG C 85 -62.70 8.05 -15.64
C ARG C 85 -62.31 7.36 -14.34
N ILE C 86 -62.75 6.12 -14.14
CA ILE C 86 -62.43 5.38 -12.94
C ILE C 86 -61.57 4.16 -13.23
N SER C 87 -61.72 3.55 -14.42
CA SER C 87 -60.99 2.33 -14.76
C SER C 87 -59.49 2.57 -14.90
N PHE C 88 -59.06 3.81 -15.11
CA PHE C 88 -57.65 4.13 -15.08
C PHE C 88 -57.10 4.02 -13.66
N PHE C 89 -57.90 4.37 -12.67
CA PHE C 89 -57.46 4.34 -11.28
C PHE C 89 -57.40 2.93 -10.72
N LYS C 90 -58.18 2.00 -11.28
CA LYS C 90 -58.26 0.65 -10.74
C LYS C 90 -56.99 -0.16 -10.99
N ASP C 91 -56.29 0.12 -12.09
CA ASP C 91 -55.08 -0.61 -12.46
C ASP C 91 -53.97 -0.36 -11.43
N PRO C 92 -53.33 -1.40 -10.90
CA PRO C 92 -52.10 -1.19 -10.13
C PRO C 92 -50.97 -0.65 -10.97
N TRP C 93 -50.94 -0.99 -12.25
CA TRP C 93 -50.09 -0.25 -13.16
C TRP C 93 -50.72 1.11 -13.43
N SER C 94 -49.88 2.06 -13.88
CA SER C 94 -50.20 3.48 -13.99
C SER C 94 -50.63 4.10 -12.67
N LEU C 95 -50.18 3.55 -11.53
CA LEU C 95 -50.44 4.11 -10.21
C LEU C 95 -49.16 4.65 -9.60
N PHE C 96 -48.15 3.79 -9.44
CA PHE C 96 -46.79 4.24 -9.14
C PHE C 96 -46.24 5.06 -10.28
N ASP C 97 -46.65 4.74 -11.51
CA ASP C 97 -46.33 5.56 -12.66
C ASP C 97 -46.94 6.94 -12.54
N SER C 98 -48.20 7.03 -12.09
CA SER C 98 -48.81 8.34 -11.90
C SER C 98 -48.18 9.10 -10.73
N LEU C 99 -47.76 8.36 -9.70
CA LEU C 99 -47.04 8.97 -8.58
C LEU C 99 -45.72 9.57 -9.04
N ILE C 100 -45.01 8.87 -9.92
CA ILE C 100 -43.75 9.44 -10.39
C ILE C 100 -43.98 10.52 -11.45
N VAL C 101 -45.15 10.54 -12.10
CA VAL C 101 -45.53 11.72 -12.88
C VAL C 101 -45.62 12.94 -11.98
N THR C 102 -46.29 12.78 -10.85
CA THR C 102 -46.43 13.89 -9.90
C THR C 102 -45.07 14.31 -9.33
N LEU C 103 -44.24 13.34 -8.96
CA LEU C 103 -42.91 13.67 -8.44
C LEU C 103 -41.99 14.23 -9.52
N SER C 104 -42.28 13.97 -10.79
CA SER C 104 -41.52 14.64 -11.85
C SER C 104 -41.97 16.08 -12.00
N LEU C 105 -43.26 16.34 -11.89
CA LEU C 105 -43.72 17.72 -12.05
C LEU C 105 -43.54 18.56 -10.80
N VAL C 106 -43.06 17.96 -9.70
CA VAL C 106 -42.65 18.74 -8.54
C VAL C 106 -41.55 19.74 -8.90
N GLU C 107 -40.61 19.33 -9.75
CA GLU C 107 -39.33 20.03 -9.93
C GLU C 107 -39.48 21.42 -10.57
N LEU C 108 -40.63 21.71 -11.18
CA LEU C 108 -40.74 22.85 -12.10
C LEU C 108 -40.65 24.20 -11.38
N PHE C 109 -41.27 24.34 -10.22
CA PHE C 109 -41.33 25.64 -9.55
C PHE C 109 -41.09 25.51 -8.06
N LEU C 110 -40.15 24.65 -7.67
CA LEU C 110 -39.85 24.42 -6.26
C LEU C 110 -38.37 24.68 -5.98
N ALA C 111 -38.00 24.50 -4.71
CA ALA C 111 -36.62 24.69 -4.28
C ALA C 111 -35.75 23.52 -4.75
N ASP C 112 -34.44 23.76 -4.73
CA ASP C 112 -33.47 22.79 -5.22
C ASP C 112 -33.26 21.68 -4.19
N VAL C 113 -33.99 20.57 -4.38
CA VAL C 113 -33.72 19.32 -3.68
C VAL C 113 -33.56 18.24 -4.73
N GLU C 114 -32.39 17.63 -4.77
CA GLU C 114 -32.17 16.52 -5.69
C GLU C 114 -32.52 15.21 -5.01
N GLY C 115 -32.26 14.10 -5.68
CA GLY C 115 -32.75 12.83 -5.20
C GLY C 115 -34.22 12.61 -5.46
N LEU C 116 -34.87 13.50 -6.19
CA LEU C 116 -36.27 13.37 -6.59
C LEU C 116 -36.49 13.57 -8.08
N SER C 117 -35.75 14.50 -8.69
CA SER C 117 -35.81 14.67 -10.13
C SER C 117 -35.23 13.46 -10.83
N VAL C 118 -34.16 12.91 -10.25
CA VAL C 118 -33.39 11.83 -10.84
C VAL C 118 -34.15 10.52 -10.94
N LEU C 119 -35.34 10.43 -10.33
CA LEU C 119 -36.20 9.26 -10.48
C LEU C 119 -36.92 9.24 -11.82
N ARG C 120 -36.76 10.30 -12.63
CA ARG C 120 -37.47 10.46 -13.89
C ARG C 120 -37.18 9.34 -14.90
N SER C 121 -36.12 8.56 -14.70
CA SER C 121 -35.80 7.50 -15.62
C SER C 121 -36.69 6.28 -15.45
N PHE C 122 -37.23 6.07 -14.23
CA PHE C 122 -37.76 4.76 -13.85
C PHE C 122 -38.89 4.28 -14.75
N ARG C 123 -39.63 5.19 -15.35
CA ARG C 123 -40.74 4.82 -16.20
C ARG C 123 -40.33 4.20 -17.52
N LEU C 124 -39.04 3.92 -17.78
CA LEU C 124 -38.69 2.93 -18.81
C LEU C 124 -39.29 1.56 -18.53
N LEU C 125 -39.72 1.29 -17.29
CA LEU C 125 -40.56 0.13 -16.96
C LEU C 125 -41.81 0.00 -17.82
N ARG C 126 -42.27 1.08 -18.47
CA ARG C 126 -43.37 0.99 -19.43
C ARG C 126 -43.09 -0.04 -20.51
N VAL C 127 -41.85 -0.11 -21.00
CA VAL C 127 -41.55 -1.10 -22.04
C VAL C 127 -41.53 -2.52 -21.51
N PHE C 128 -41.59 -2.69 -20.17
CA PHE C 128 -41.83 -4.00 -19.57
C PHE C 128 -43.09 -4.66 -20.13
N ARG C 129 -44.15 -3.87 -20.34
CA ARG C 129 -45.33 -4.50 -20.92
C ARG C 129 -45.14 -4.76 -22.40
N LEU C 130 -44.24 -4.01 -23.05
CA LEU C 130 -43.76 -4.42 -24.37
C LEU C 130 -43.03 -5.74 -24.27
N VAL C 131 -42.28 -5.95 -23.19
CA VAL C 131 -41.70 -7.26 -22.88
C VAL C 131 -42.81 -8.29 -22.68
N THR C 132 -43.95 -7.85 -22.12
CA THR C 132 -45.10 -8.74 -22.01
C THR C 132 -45.69 -9.05 -23.38
N ALA C 133 -45.52 -8.16 -24.36
CA ALA C 133 -46.10 -8.38 -25.68
C ALA C 133 -45.38 -9.47 -26.47
N VAL C 134 -44.12 -9.76 -26.15
CA VAL C 134 -43.35 -10.74 -26.90
C VAL C 134 -43.80 -12.14 -26.46
N PRO C 135 -44.15 -13.03 -27.40
CA PRO C 135 -44.56 -14.38 -27.01
C PRO C 135 -43.42 -15.23 -26.49
N GLN C 136 -42.18 -14.95 -26.92
CA GLN C 136 -41.05 -15.72 -26.41
C GLN C 136 -40.71 -15.31 -24.98
N MET C 137 -40.91 -14.04 -24.64
CA MET C 137 -40.65 -13.54 -23.29
C MET C 137 -41.79 -13.82 -22.33
N ARG C 138 -42.79 -14.60 -22.74
CA ARG C 138 -43.92 -14.90 -21.88
C ARG C 138 -43.53 -15.79 -20.70
N LYS C 139 -42.51 -16.62 -20.89
CA LYS C 139 -42.20 -17.65 -19.91
C LYS C 139 -41.55 -17.09 -18.66
N ILE C 140 -40.45 -16.35 -18.83
CA ILE C 140 -39.57 -16.06 -17.71
C ILE C 140 -40.16 -14.99 -16.78
N VAL C 141 -40.96 -14.06 -17.33
CA VAL C 141 -41.55 -13.03 -16.48
C VAL C 141 -42.64 -13.63 -15.62
N SER C 142 -43.43 -14.55 -16.17
CA SER C 142 -44.39 -15.30 -15.37
C SER C 142 -43.67 -16.17 -14.35
N ALA C 143 -42.50 -16.72 -14.70
CA ALA C 143 -41.72 -17.52 -13.78
C ALA C 143 -41.21 -16.70 -12.60
N LEU C 144 -40.95 -15.42 -12.81
CA LEU C 144 -40.54 -14.57 -11.69
C LEU C 144 -41.72 -14.18 -10.82
N ILE C 145 -42.81 -13.72 -11.45
CA ILE C 145 -43.95 -13.19 -10.71
C ILE C 145 -44.67 -14.30 -9.95
N SER C 146 -44.61 -15.53 -10.43
CA SER C 146 -45.23 -16.62 -9.69
C SER C 146 -44.40 -17.06 -8.50
N VAL C 147 -43.14 -16.61 -8.38
CA VAL C 147 -42.22 -17.17 -7.41
C VAL C 147 -41.75 -16.14 -6.39
N ILE C 148 -42.12 -14.87 -6.57
CA ILE C 148 -41.79 -13.81 -5.58
C ILE C 148 -42.12 -14.15 -4.11
N PRO C 149 -43.34 -14.58 -3.73
CA PRO C 149 -43.66 -14.62 -2.28
C PRO C 149 -42.89 -15.68 -1.48
N GLY C 150 -42.58 -16.81 -2.09
CA GLY C 150 -41.76 -17.81 -1.40
C GLY C 150 -40.35 -17.33 -1.16
N MET C 151 -39.87 -16.40 -1.99
CA MET C 151 -38.61 -15.73 -1.72
C MET C 151 -38.76 -14.69 -0.62
N LEU C 152 -39.93 -14.03 -0.57
CA LEU C 152 -40.16 -12.97 0.41
C LEU C 152 -40.15 -13.52 1.83
N SER C 153 -40.70 -14.73 2.01
CA SER C 153 -40.66 -15.38 3.33
C SER C 153 -39.23 -15.63 3.78
N VAL C 154 -38.37 -16.09 2.86
CA VAL C 154 -36.98 -16.37 3.18
C VAL C 154 -36.23 -15.09 3.49
N ILE C 155 -36.58 -14.00 2.80
CA ILE C 155 -35.97 -12.69 3.06
C ILE C 155 -36.26 -12.23 4.48
N ALA C 156 -37.50 -12.39 4.94
CA ALA C 156 -37.82 -12.02 6.31
C ALA C 156 -37.10 -12.92 7.33
N LEU C 157 -37.01 -14.21 7.01
CA LEU C 157 -36.38 -15.16 7.93
C LEU C 157 -34.90 -14.84 8.14
N MET C 158 -34.20 -14.49 7.07
CA MET C 158 -32.78 -14.22 7.26
C MET C 158 -32.53 -12.80 7.73
N THR C 159 -33.50 -11.90 7.57
CA THR C 159 -33.42 -10.60 8.24
C THR C 159 -33.41 -10.78 9.74
N LEU C 160 -34.17 -11.76 10.24
CA LEU C 160 -34.13 -12.02 11.68
C LEU C 160 -32.77 -12.52 12.15
N PHE C 161 -32.06 -13.32 11.35
CA PHE C 161 -30.74 -13.77 11.80
C PHE C 161 -29.68 -12.69 11.68
N PHE C 162 -29.79 -11.79 10.70
CA PHE C 162 -28.92 -10.61 10.71
C PHE C 162 -29.13 -9.81 11.99
N TYR C 163 -30.38 -9.62 12.38
CA TYR C 163 -30.65 -8.82 13.57
C TYR C 163 -30.21 -9.54 14.84
N ILE C 164 -30.19 -10.87 14.84
CA ILE C 164 -29.72 -11.53 16.04
C ILE C 164 -28.19 -11.60 16.07
N PHE C 165 -27.51 -11.56 14.93
CA PHE C 165 -26.06 -11.63 14.97
C PHE C 165 -25.38 -10.29 15.13
N ALA C 166 -26.01 -9.21 14.68
CA ALA C 166 -25.35 -7.90 14.74
C ALA C 166 -25.16 -7.43 16.17
N ILE C 167 -26.17 -7.63 17.02
CA ILE C 167 -26.10 -7.22 18.42
C ILE C 167 -25.06 -8.04 19.15
N MET C 168 -24.94 -9.31 18.79
CA MET C 168 -23.91 -10.15 19.37
C MET C 168 -22.53 -9.74 18.89
N ALA C 169 -22.42 -9.16 17.70
CA ALA C 169 -21.10 -8.79 17.20
C ALA C 169 -20.60 -7.49 17.82
N THR C 170 -21.50 -6.53 18.03
CA THR C 170 -21.10 -5.18 18.45
C THR C 170 -20.46 -5.19 19.83
N GLN C 171 -20.95 -6.01 20.73
CA GLN C 171 -20.42 -6.01 22.09
C GLN C 171 -19.08 -6.70 22.20
N LEU C 172 -18.73 -7.58 21.27
CA LEU C 172 -17.39 -8.15 21.31
C LEU C 172 -16.38 -7.30 20.58
N PHE C 173 -16.72 -6.74 19.44
CA PHE C 173 -15.70 -6.08 18.64
C PHE C 173 -15.92 -4.58 18.54
N GLY C 174 -16.65 -4.00 19.49
CA GLY C 174 -16.93 -2.58 19.41
C GLY C 174 -15.79 -1.74 19.93
N GLU C 175 -15.30 -2.08 21.11
CA GLU C 175 -14.06 -1.51 21.60
C GLU C 175 -12.93 -1.89 20.65
N ARG C 176 -12.06 -0.94 20.38
CA ARG C 176 -10.78 -1.08 19.71
C ARG C 176 -10.93 -1.34 18.20
N PHE C 177 -12.13 -1.50 17.68
CA PHE C 177 -12.35 -1.47 16.23
C PHE C 177 -13.61 -0.68 15.91
N PRO C 178 -13.62 0.63 16.17
CA PRO C 178 -14.86 1.39 16.00
C PRO C 178 -15.19 1.69 14.57
N GLU C 179 -14.27 1.48 13.65
CA GLU C 179 -14.50 1.98 12.30
C GLU C 179 -15.35 1.03 11.47
N TRP C 180 -15.32 -0.27 11.75
CA TRP C 180 -16.23 -1.12 11.03
C TRP C 180 -16.86 -2.21 11.91
N PHE C 181 -16.96 -1.96 13.21
CA PHE C 181 -17.95 -2.63 14.05
C PHE C 181 -18.55 -1.73 15.12
N GLY C 182 -18.35 -0.41 15.05
CA GLY C 182 -18.56 0.46 16.20
C GLY C 182 -20.00 0.67 16.62
N THR C 183 -20.95 0.44 15.72
CA THR C 183 -22.36 0.60 16.07
C THR C 183 -23.16 -0.32 15.18
N LEU C 184 -24.48 -0.39 15.44
CA LEU C 184 -25.33 -1.32 14.71
C LEU C 184 -25.49 -0.90 13.26
N GLY C 185 -25.62 0.39 13.00
CA GLY C 185 -25.75 0.93 11.67
C GLY C 185 -24.53 0.80 10.79
N GLU C 186 -23.41 0.30 11.33
CA GLU C 186 -22.26 -0.12 10.56
C GLU C 186 -21.93 -1.59 10.73
N SER C 187 -22.27 -2.20 11.87
CA SER C 187 -22.07 -3.63 12.02
C SER C 187 -22.96 -4.41 11.07
N PHE C 188 -24.15 -3.88 10.80
CA PHE C 188 -25.02 -4.49 9.81
C PHE C 188 -24.37 -4.49 8.44
N TYR C 189 -23.74 -3.37 8.08
CA TYR C 189 -23.14 -3.27 6.75
C TYR C 189 -21.91 -4.16 6.63
N THR C 190 -21.07 -4.20 7.66
CA THR C 190 -19.88 -5.04 7.61
C THR C 190 -20.24 -6.51 7.55
N LEU C 191 -21.25 -6.92 8.29
CA LEU C 191 -21.63 -8.31 8.21
C LEU C 191 -22.34 -8.63 6.90
N PHE C 192 -23.01 -7.66 6.27
CA PHE C 192 -23.51 -7.91 4.92
C PHE C 192 -22.37 -8.07 3.93
N GLN C 193 -21.26 -7.37 4.15
CA GLN C 193 -20.07 -7.62 3.33
C GLN C 193 -19.58 -9.05 3.52
N VAL C 194 -19.53 -9.51 4.77
CA VAL C 194 -18.98 -10.84 5.04
C VAL C 194 -19.88 -11.93 4.48
N MET C 195 -21.19 -11.67 4.30
CA MET C 195 -22.05 -12.71 3.73
C MET C 195 -21.72 -13.00 2.27
N THR C 196 -21.50 -11.98 1.45
CA THR C 196 -21.36 -12.19 0.02
C THR C 196 -19.95 -12.58 -0.39
N LEU C 197 -19.14 -13.12 0.53
CA LEU C 197 -17.87 -13.77 0.24
C LEU C 197 -16.88 -12.86 -0.46
N GLU C 198 -16.87 -11.59 -0.11
CA GLU C 198 -15.94 -10.65 -0.70
C GLU C 198 -14.99 -10.17 0.37
N SER C 199 -13.73 -10.53 0.23
CA SER C 199 -12.61 -9.98 0.99
C SER C 199 -12.79 -10.17 2.48
N TRP C 200 -13.40 -11.26 2.90
CA TRP C 200 -13.58 -11.43 4.33
C TRP C 200 -12.30 -11.85 5.02
N SER C 201 -11.43 -12.57 4.34
CA SER C 201 -10.24 -13.05 5.01
C SER C 201 -9.18 -11.96 5.14
N MET C 202 -8.70 -11.44 4.02
CA MET C 202 -7.59 -10.50 4.06
C MET C 202 -7.99 -9.11 4.52
N GLY C 203 -9.27 -8.84 4.71
CA GLY C 203 -9.65 -7.48 5.03
C GLY C 203 -10.38 -7.32 6.35
N ILE C 204 -10.99 -8.39 6.84
CA ILE C 204 -11.84 -8.34 8.03
C ILE C 204 -11.35 -9.27 9.13
N VAL C 205 -11.17 -10.55 8.81
CA VAL C 205 -10.95 -11.51 9.89
C VAL C 205 -9.50 -11.49 10.35
N ARG C 206 -8.54 -11.59 9.43
CA ARG C 206 -7.14 -11.62 9.84
C ARG C 206 -6.61 -10.36 10.49
N PRO C 207 -7.07 -9.13 10.17
CA PRO C 207 -6.76 -8.03 11.08
C PRO C 207 -7.45 -8.10 12.41
N LEU C 208 -8.44 -8.96 12.60
CA LEU C 208 -8.96 -9.18 13.94
C LEU C 208 -8.24 -10.29 14.67
N MET C 209 -7.65 -11.23 13.96
CA MET C 209 -6.97 -12.32 14.63
C MET C 209 -5.61 -11.94 15.20
N GLU C 210 -5.19 -10.69 15.09
CA GLU C 210 -4.01 -10.22 15.79
C GLU C 210 -4.35 -9.59 17.13
N VAL C 211 -5.63 -9.53 17.47
CA VAL C 211 -6.03 -8.95 18.76
C VAL C 211 -6.83 -9.99 19.55
N TYR C 212 -7.81 -10.61 18.91
CA TYR C 212 -8.58 -11.66 19.56
C TYR C 212 -8.33 -12.96 18.81
N PRO C 213 -7.46 -13.84 19.32
CA PRO C 213 -7.05 -15.00 18.52
C PRO C 213 -8.09 -16.09 18.38
N TYR C 214 -9.28 -15.94 18.96
CA TYR C 214 -10.34 -16.92 18.80
C TYR C 214 -11.49 -16.36 17.98
N ALA C 215 -11.20 -15.44 17.05
CA ALA C 215 -12.29 -14.77 16.35
C ALA C 215 -12.96 -15.66 15.33
N TRP C 216 -12.26 -16.66 14.81
CA TRP C 216 -12.79 -17.48 13.73
C TRP C 216 -13.98 -18.31 14.16
N VAL C 217 -14.04 -18.63 15.46
CA VAL C 217 -15.18 -19.33 16.05
C VAL C 217 -16.47 -18.54 15.86
N PHE C 218 -16.39 -17.23 15.74
CA PHE C 218 -17.58 -16.48 15.46
C PHE C 218 -17.85 -16.31 13.96
N PHE C 219 -16.83 -16.40 13.11
CA PHE C 219 -17.06 -16.09 11.70
C PHE C 219 -17.25 -17.30 10.80
N ILE C 220 -16.58 -18.42 11.08
CA ILE C 220 -16.71 -19.60 10.23
C ILE C 220 -18.07 -20.29 10.40
N PRO C 221 -18.66 -20.45 11.59
CA PRO C 221 -20.06 -20.88 11.62
C PRO C 221 -21.04 -19.92 10.98
N PHE C 222 -20.72 -18.62 10.96
CA PHE C 222 -21.61 -17.68 10.29
C PHE C 222 -21.71 -17.97 8.80
N ILE C 223 -20.58 -18.23 8.14
CA ILE C 223 -20.63 -18.65 6.74
C ILE C 223 -21.26 -20.03 6.60
N PHE C 224 -21.24 -20.86 7.66
CA PHE C 224 -22.00 -22.11 7.58
C PHE C 224 -23.50 -21.90 7.69
N VAL C 225 -23.97 -20.68 7.99
CA VAL C 225 -25.41 -20.49 8.09
C VAL C 225 -25.92 -19.71 6.89
N VAL C 226 -25.42 -18.49 6.71
CA VAL C 226 -26.02 -17.61 5.70
C VAL C 226 -25.63 -17.94 4.27
N THR C 227 -24.60 -18.76 4.07
CA THR C 227 -24.33 -19.27 2.73
C THR C 227 -25.07 -20.57 2.45
N PHE C 228 -25.38 -21.36 3.48
CA PHE C 228 -26.33 -22.44 3.29
C PHE C 228 -27.77 -22.02 3.60
N VAL C 229 -28.07 -20.74 3.41
CA VAL C 229 -29.42 -20.31 3.02
C VAL C 229 -29.63 -20.58 1.55
N MET C 230 -28.55 -20.62 0.77
CA MET C 230 -28.65 -20.71 -0.68
C MET C 230 -29.18 -22.08 -1.12
N ILE C 231 -29.10 -23.08 -0.25
CA ILE C 231 -29.54 -24.39 -0.69
C ILE C 231 -31.05 -24.55 -0.56
N ASN C 232 -31.69 -23.99 0.48
CA ASN C 232 -33.13 -24.19 0.56
C ASN C 232 -33.88 -23.19 -0.30
N LEU C 233 -33.19 -22.14 -0.73
CA LEU C 233 -33.74 -21.18 -1.68
C LEU C 233 -34.02 -21.89 -3.00
N VAL C 234 -33.06 -22.70 -3.43
CA VAL C 234 -33.23 -23.52 -4.64
C VAL C 234 -34.38 -24.50 -4.46
N VAL C 235 -34.60 -25.01 -3.25
CA VAL C 235 -35.73 -25.91 -3.00
C VAL C 235 -37.05 -25.17 -3.15
N ALA C 236 -37.13 -23.94 -2.62
CA ALA C 236 -38.35 -23.16 -2.75
C ALA C 236 -38.64 -22.85 -4.21
N ILE C 237 -37.60 -22.56 -5.01
CA ILE C 237 -37.86 -22.27 -6.42
C ILE C 237 -38.27 -23.54 -7.17
N CYS C 238 -37.57 -24.65 -6.92
CA CYS C 238 -37.84 -25.87 -7.66
C CYS C 238 -39.18 -26.48 -7.29
N VAL C 239 -39.63 -26.29 -6.05
CA VAL C 239 -40.98 -26.68 -5.69
C VAL C 239 -41.97 -25.76 -6.38
N ASP C 240 -41.66 -24.47 -6.46
CA ASP C 240 -42.60 -23.57 -7.11
C ASP C 240 -42.55 -23.71 -8.63
N ALA C 241 -41.39 -23.55 -9.24
CA ALA C 241 -41.29 -23.67 -10.69
C ALA C 241 -41.16 -25.12 -11.10
N TYR D 1 -12.01 1.90 55.76
CA TYR D 1 -12.20 0.46 55.61
C TYR D 1 -12.44 0.08 54.14
N CYS D 2 -11.69 -0.90 53.67
CA CYS D 2 -11.91 -1.40 52.32
C CYS D 2 -13.18 -2.23 52.28
N GLN D 3 -13.92 -2.11 51.18
CA GLN D 3 -15.19 -2.81 51.07
C GLN D 3 -14.98 -4.27 50.72
N LYS D 4 -15.87 -5.11 51.23
CA LYS D 4 -15.81 -6.55 51.08
C LYS D 4 -16.55 -6.96 49.80
N TRP D 5 -16.29 -8.18 49.35
CA TRP D 5 -16.98 -8.77 48.21
C TRP D 5 -18.48 -8.83 48.45
N MET D 6 -19.24 -8.64 47.37
CA MET D 6 -20.71 -8.53 47.39
C MET D 6 -21.14 -7.40 48.32
N TRP D 7 -20.52 -6.23 48.12
CA TRP D 7 -20.92 -4.99 48.79
C TRP D 7 -20.76 -3.85 47.80
N THR D 8 -21.67 -2.90 47.87
CA THR D 8 -21.69 -1.79 46.93
C THR D 8 -20.54 -0.85 47.19
N CYS D 9 -19.86 -0.43 46.12
CA CYS D 9 -18.72 0.47 46.22
C CYS D 9 -18.95 1.70 45.37
N ASP D 10 -18.02 2.64 45.50
CA ASP D 10 -17.99 3.87 44.73
C ASP D 10 -16.52 4.26 44.54
N SER D 11 -16.29 5.51 44.15
CA SER D 11 -14.92 5.95 43.90
C SER D 11 -14.12 6.11 45.20
N GLU D 12 -14.80 6.36 46.32
CA GLU D 12 -14.10 6.63 47.57
C GLU D 12 -13.99 5.43 48.49
N ARG D 13 -14.97 4.53 48.48
CA ARG D 13 -14.86 3.28 49.25
C ARG D 13 -14.27 2.22 48.32
N LYS D 14 -12.96 2.05 48.40
CA LYS D 14 -12.29 1.08 47.55
C LYS D 14 -12.48 -0.33 48.10
N CYS D 15 -12.13 -1.31 47.27
CA CYS D 15 -12.25 -2.71 47.65
C CYS D 15 -11.02 -3.16 48.43
N CYS D 16 -11.05 -4.41 48.88
CA CYS D 16 -9.92 -4.99 49.56
C CYS D 16 -9.02 -5.67 48.52
N GLU D 17 -8.09 -6.50 48.99
CA GLU D 17 -7.08 -7.07 48.11
C GLU D 17 -7.67 -8.13 47.19
N GLY D 18 -7.43 -7.98 45.89
CA GLY D 18 -7.83 -8.96 44.91
C GLY D 18 -9.19 -8.76 44.29
N MET D 19 -9.71 -7.54 44.28
CA MET D 19 -11.05 -7.29 43.78
C MET D 19 -11.06 -6.07 42.87
N VAL D 20 -12.17 -5.93 42.15
CA VAL D 20 -12.42 -4.81 41.25
C VAL D 20 -13.69 -4.12 41.71
N CYS D 21 -13.67 -2.79 41.72
CA CYS D 21 -14.84 -1.98 42.08
C CYS D 21 -15.62 -1.66 40.81
N ARG D 22 -16.32 -2.68 40.31
CA ARG D 22 -17.26 -2.51 39.20
C ARG D 22 -18.65 -2.30 39.81
N LEU D 23 -18.81 -1.14 40.44
CA LEU D 23 -19.99 -0.62 41.14
C LEU D 23 -20.31 -1.42 42.40
N TRP D 24 -19.61 -2.52 42.62
CA TRP D 24 -19.63 -3.34 43.81
C TRP D 24 -18.40 -4.23 43.72
N CYS D 25 -17.86 -4.61 44.87
CA CYS D 25 -16.58 -5.31 44.90
C CYS D 25 -16.73 -6.73 44.38
N LYS D 26 -15.89 -7.09 43.42
CA LYS D 26 -15.95 -8.38 42.75
C LYS D 26 -14.58 -9.04 42.77
N LYS D 27 -14.53 -10.28 43.27
CA LYS D 27 -13.29 -11.04 43.26
C LYS D 27 -12.92 -11.43 41.85
N LYS D 28 -11.62 -11.46 41.58
CA LYS D 28 -11.12 -11.77 40.25
C LYS D 28 -10.37 -13.10 40.26
N LEU D 29 -10.40 -13.78 39.10
CA LEU D 29 -9.70 -15.02 38.88
C LEU D 29 -9.63 -15.25 37.38
N TRP D 30 -8.46 -15.70 36.91
CA TRP D 30 -8.29 -15.99 35.50
C TRP D 30 -8.69 -17.42 35.17
N TYR E 1 37.87 -47.40 10.62
CA TYR E 1 37.15 -48.03 9.52
C TYR E 1 35.88 -47.26 9.18
N CYS E 2 35.72 -46.94 7.89
CA CYS E 2 34.50 -46.30 7.44
C CYS E 2 33.35 -47.31 7.44
N GLN E 3 32.17 -46.84 7.81
CA GLN E 3 31.03 -47.75 7.91
C GLN E 3 30.42 -48.02 6.54
N LYS E 4 29.92 -49.24 6.39
CA LYS E 4 29.37 -49.73 5.14
C LYS E 4 27.88 -49.38 5.06
N TRP E 5 27.33 -49.45 3.85
CA TRP E 5 25.91 -49.24 3.61
C TRP E 5 25.07 -50.24 4.40
N MET E 6 23.90 -49.76 4.85
CA MET E 6 22.99 -50.49 5.74
C MET E 6 23.73 -50.90 7.02
N TRP E 7 24.39 -49.93 7.64
CA TRP E 7 24.99 -50.06 8.95
C TRP E 7 24.82 -48.76 9.70
N THR E 8 24.58 -48.86 11.00
CA THR E 8 24.30 -47.71 11.83
C THR E 8 25.56 -46.86 12.01
N CYS E 9 25.41 -45.54 11.87
CA CYS E 9 26.54 -44.63 12.02
C CYS E 9 26.23 -43.58 13.07
N ASP E 10 27.24 -42.78 13.36
CA ASP E 10 27.14 -41.65 14.27
C ASP E 10 28.11 -40.58 13.78
N SER E 11 28.42 -39.61 14.64
CA SER E 11 29.30 -38.52 14.25
C SER E 11 30.75 -38.98 14.08
N GLU E 12 31.15 -40.04 14.79
CA GLU E 12 32.55 -40.46 14.79
C GLU E 12 32.84 -41.60 13.82
N ARG E 13 31.89 -42.51 13.60
CA ARG E 13 32.06 -43.56 12.59
C ARG E 13 31.46 -43.04 11.29
N LYS E 14 32.31 -42.48 10.44
CA LYS E 14 31.86 -41.94 9.17
C LYS E 14 31.61 -43.07 8.17
N CYS E 15 30.96 -42.72 7.06
CA CYS E 15 30.67 -43.66 6.01
C CYS E 15 31.85 -43.78 5.06
N CYS E 16 31.71 -44.69 4.09
CA CYS E 16 32.71 -44.84 3.06
C CYS E 16 32.38 -43.92 1.89
N GLU E 17 33.02 -44.13 0.75
CA GLU E 17 32.89 -43.22 -0.38
C GLU E 17 31.52 -43.33 -1.04
N GLY E 18 30.86 -42.19 -1.20
CA GLY E 18 29.60 -42.13 -1.91
C GLY E 18 28.36 -42.30 -1.07
N MET E 19 28.42 -42.02 0.23
CA MET E 19 27.29 -42.25 1.11
C MET E 19 27.08 -41.06 2.03
N VAL E 20 25.92 -41.05 2.67
CA VAL E 20 25.52 -40.04 3.64
C VAL E 20 25.22 -40.73 4.95
N CYS E 21 25.70 -40.14 6.05
CA CYS E 21 25.45 -40.66 7.40
C CYS E 21 24.18 -40.01 7.94
N ARG E 22 23.04 -40.45 7.42
CA ARG E 22 21.73 -40.06 7.95
C ARG E 22 21.29 -41.15 8.93
N LEU E 23 22.02 -41.18 10.07
CA LEU E 23 21.89 -42.08 11.23
C LEU E 23 22.28 -43.52 10.89
N TRP E 24 22.51 -43.80 9.60
CA TRP E 24 23.03 -45.05 9.06
C TRP E 24 23.47 -44.72 7.65
N CYS E 25 24.48 -45.44 7.17
CA CYS E 25 25.10 -45.11 5.89
C CYS E 25 24.17 -45.43 4.73
N LYS E 26 23.95 -44.44 3.88
CA LYS E 26 23.02 -44.56 2.76
C LYS E 26 23.71 -44.15 1.46
N LYS E 27 23.67 -45.03 0.47
CA LYS E 27 24.21 -44.71 -0.84
C LYS E 27 23.37 -43.66 -1.53
N LYS E 28 24.02 -42.80 -2.30
CA LYS E 28 23.35 -41.71 -2.98
C LYS E 28 23.39 -41.90 -4.49
N LEU E 29 22.36 -41.38 -5.15
CA LEU E 29 22.26 -41.41 -6.61
C LEU E 29 21.21 -40.38 -7.00
N TRP E 30 21.50 -39.63 -8.06
CA TRP E 30 20.56 -38.63 -8.56
C TRP E 30 19.59 -39.23 -9.56
N TYR F 1 21.40 6.19 -52.76
CA TYR F 1 19.99 6.18 -53.17
C TYR F 1 19.11 5.59 -52.07
N CYS F 2 18.06 6.31 -51.72
CA CYS F 2 17.09 5.79 -50.77
C CYS F 2 16.24 4.71 -51.43
N GLN F 3 15.92 3.67 -50.67
CA GLN F 3 15.18 2.56 -51.23
C GLN F 3 13.70 2.88 -51.31
N LYS F 4 13.06 2.33 -52.34
CA LYS F 4 11.67 2.57 -52.66
C LYS F 4 10.79 1.55 -51.91
N TRP F 5 9.50 1.87 -51.81
CA TRP F 5 8.51 0.97 -51.24
C TRP F 5 8.47 -0.35 -51.97
N MET F 6 8.22 -1.43 -51.21
CA MET F 6 8.27 -2.82 -51.68
C MET F 6 9.64 -3.13 -52.28
N TRP F 7 10.68 -2.79 -51.52
CA TRP F 7 12.05 -3.16 -51.83
C TRP F 7 12.78 -3.49 -50.54
N THR F 8 13.64 -4.48 -50.60
CA THR F 8 14.33 -4.97 -49.40
C THR F 8 15.37 -3.95 -48.94
N CYS F 9 15.39 -3.70 -47.63
CA CYS F 9 16.32 -2.74 -47.05
C CYS F 9 17.16 -3.40 -45.97
N ASP F 10 18.13 -2.64 -45.48
CA ASP F 10 18.98 -3.04 -44.37
C ASP F 10 19.35 -1.79 -43.59
N SER F 11 20.38 -1.87 -42.76
CA SER F 11 20.77 -0.74 -41.94
C SER F 11 21.41 0.37 -42.77
N GLU F 12 22.03 0.04 -43.90
CA GLU F 12 22.76 1.01 -44.69
C GLU F 12 21.98 1.59 -45.86
N ARG F 13 21.09 0.81 -46.48
CA ARG F 13 20.21 1.34 -47.51
C ARG F 13 18.91 1.79 -46.84
N LYS F 14 18.84 3.07 -46.54
CA LYS F 14 17.67 3.61 -45.88
C LYS F 14 16.54 3.82 -46.88
N CYS F 15 15.35 4.06 -46.35
CA CYS F 15 14.18 4.28 -47.18
C CYS F 15 14.08 5.75 -47.59
N CYS F 16 13.09 6.05 -48.42
CA CYS F 16 12.83 7.41 -48.84
C CYS F 16 11.87 8.07 -47.84
N GLU F 17 11.31 9.21 -48.21
CA GLU F 17 10.51 9.99 -47.27
C GLU F 17 9.15 9.33 -47.01
N GLY F 18 8.84 9.15 -45.72
CA GLY F 18 7.55 8.64 -45.32
C GLY F 18 7.46 7.14 -45.16
N MET F 19 8.57 6.45 -44.93
CA MET F 19 8.56 5.00 -44.85
C MET F 19 9.37 4.52 -43.66
N VAL F 20 9.19 3.24 -43.34
CA VAL F 20 9.89 2.57 -42.26
C VAL F 20 10.65 1.39 -42.88
N CYS F 21 11.90 1.20 -42.44
CA CYS F 21 12.73 0.08 -42.89
C CYS F 21 12.53 -1.09 -41.92
N ARG F 22 11.37 -1.73 -42.04
CA ARG F 22 11.09 -2.97 -41.32
C ARG F 22 11.42 -4.14 -42.26
N LEU F 23 12.74 -4.28 -42.49
CA LEU F 23 13.42 -5.27 -43.34
C LEU F 23 13.13 -5.07 -44.83
N TRP F 24 12.20 -4.17 -45.14
CA TRP F 24 11.86 -3.69 -46.47
C TRP F 24 11.06 -2.43 -46.26
N CYS F 25 11.15 -1.51 -47.23
CA CYS F 25 10.56 -0.19 -47.06
C CYS F 25 9.03 -0.25 -47.11
N LYS F 26 8.40 0.31 -46.09
CA LYS F 26 6.95 0.26 -45.94
C LYS F 26 6.41 1.66 -45.72
N LYS F 27 5.43 2.05 -46.54
CA LYS F 27 4.78 3.34 -46.38
C LYS F 27 3.93 3.34 -45.12
N LYS F 28 3.85 4.49 -44.46
CA LYS F 28 3.11 4.61 -43.21
C LYS F 28 1.91 5.53 -43.40
N LEU F 29 0.86 5.26 -42.61
CA LEU F 29 -0.36 6.06 -42.59
C LEU F 29 -1.10 5.73 -41.31
N TRP F 30 -1.64 6.74 -40.66
CA TRP F 30 -2.40 6.53 -39.44
C TRP F 30 -3.88 6.29 -39.75
N TYR G 1 -38.50 47.08 -10.66
CA TYR G 1 -39.47 46.14 -10.13
C TYR G 1 -38.91 44.73 -10.05
N CYS G 2 -39.05 44.10 -8.88
CA CYS G 2 -38.63 42.71 -8.75
C CYS G 2 -39.62 41.81 -9.45
N GLN G 3 -39.10 40.75 -10.07
CA GLN G 3 -39.97 39.87 -10.84
C GLN G 3 -40.70 38.90 -9.92
N LYS G 4 -41.90 38.55 -10.32
CA LYS G 4 -42.81 37.70 -9.57
C LYS G 4 -42.55 36.24 -9.93
N TRP G 5 -43.02 35.33 -9.07
CA TRP G 5 -42.97 33.89 -9.31
C TRP G 5 -43.68 33.54 -10.61
N MET G 6 -43.13 32.53 -11.30
CA MET G 6 -43.56 32.08 -12.63
C MET G 6 -43.50 33.24 -13.62
N TRP G 7 -42.36 33.91 -13.62
CA TRP G 7 -42.03 34.93 -14.62
C TRP G 7 -40.55 34.83 -14.96
N THR G 8 -40.24 35.05 -16.23
CA THR G 8 -38.88 34.88 -16.73
C THR G 8 -37.98 35.99 -16.18
N CYS G 9 -36.80 35.61 -15.73
CA CYS G 9 -35.84 36.56 -15.18
C CYS G 9 -34.51 36.47 -15.92
N ASP G 10 -33.63 37.39 -15.57
CA ASP G 10 -32.27 37.42 -16.08
C ASP G 10 -31.38 38.00 -14.98
N SER G 11 -30.17 38.43 -15.35
CA SER G 11 -29.24 38.95 -14.37
C SER G 11 -29.67 40.31 -13.83
N GLU G 12 -30.43 41.09 -14.61
CA GLU G 12 -30.77 42.45 -14.23
C GLU G 12 -32.15 42.58 -13.61
N ARG G 13 -33.12 41.76 -14.03
CA ARG G 13 -34.43 41.74 -13.38
C ARG G 13 -34.40 40.67 -12.29
N LYS G 14 -34.12 41.10 -11.07
CA LYS G 14 -34.04 40.18 -9.95
C LYS G 14 -35.44 39.79 -9.48
N CYS G 15 -35.49 38.76 -8.64
CA CYS G 15 -36.74 38.29 -8.09
C CYS G 15 -37.12 39.09 -6.84
N CYS G 16 -38.30 38.78 -6.31
CA CYS G 16 -38.76 39.39 -5.08
C CYS G 16 -38.27 38.55 -3.90
N GLU G 17 -38.83 38.81 -2.72
CA GLU G 17 -38.33 38.18 -1.49
C GLU G 17 -38.71 36.70 -1.44
N GLY G 18 -37.71 35.86 -1.20
CA GLY G 18 -37.92 34.44 -1.01
C GLY G 18 -37.86 33.59 -2.26
N MET G 19 -37.17 34.04 -3.30
CA MET G 19 -37.14 33.31 -4.56
C MET G 19 -35.72 33.23 -5.10
N VAL G 20 -35.55 32.36 -6.08
CA VAL G 20 -34.28 32.15 -6.78
C VAL G 20 -34.52 32.42 -8.26
N CYS G 21 -33.59 33.14 -8.89
CA CYS G 21 -33.64 33.43 -10.32
C CYS G 21 -32.89 32.33 -11.07
N ARG G 22 -33.53 31.16 -11.15
CA ARG G 22 -33.04 30.05 -11.98
C ARG G 22 -33.76 30.15 -13.33
N LEU G 23 -33.38 31.19 -14.07
CA LEU G 23 -33.85 31.59 -15.41
C LEU G 23 -35.33 32.06 -15.39
N TRP G 24 -35.99 31.89 -14.25
CA TRP G 24 -37.33 32.38 -13.96
C TRP G 24 -37.47 32.28 -12.45
N CYS G 25 -38.27 33.17 -11.88
CA CYS G 25 -38.34 33.27 -10.42
C CYS G 25 -39.07 32.08 -9.82
N LYS G 26 -38.43 31.43 -8.85
CA LYS G 26 -38.94 30.21 -8.24
C LYS G 26 -38.95 30.38 -6.72
N LYS G 27 -40.10 30.13 -6.11
CA LYS G 27 -40.22 30.17 -4.66
C LYS G 27 -39.48 28.99 -4.04
N LYS G 28 -38.89 29.22 -2.88
CA LYS G 28 -38.11 28.20 -2.20
C LYS G 28 -38.78 27.78 -0.91
N LEU G 29 -38.56 26.52 -0.54
CA LEU G 29 -39.05 25.93 0.70
C LEU G 29 -38.25 24.68 0.97
N TRP G 30 -37.88 24.48 2.24
CA TRP G 30 -37.13 23.30 2.63
C TRP G 30 -38.07 22.15 3.00
N GLU H 1 26.07 -28.24 12.82
CA GLU H 1 25.18 -27.46 11.96
C GLU H 1 25.84 -27.20 10.61
N ILE H 2 25.14 -26.53 9.73
CA ILE H 2 25.67 -26.21 8.41
C ILE H 2 26.66 -25.06 8.57
N VAL H 3 27.95 -25.35 8.45
CA VAL H 3 29.00 -24.36 8.66
C VAL H 3 29.76 -24.17 7.34
N LEU H 4 30.29 -22.97 7.15
CA LEU H 4 30.96 -22.59 5.91
C LEU H 4 32.47 -22.74 6.01
N THR H 5 33.13 -22.50 4.88
CA THR H 5 34.58 -22.48 4.80
C THR H 5 34.97 -21.57 3.65
N GLN H 6 35.75 -20.53 3.95
CA GLN H 6 36.19 -19.60 2.93
C GLN H 6 37.66 -19.82 2.60
N SER H 7 38.05 -19.28 1.45
CA SER H 7 39.41 -19.29 0.95
C SER H 7 39.51 -18.24 -0.15
N PRO H 8 40.58 -17.45 -0.20
CA PRO H 8 41.69 -17.41 0.76
C PRO H 8 41.34 -16.52 1.93
N ALA H 9 42.26 -16.36 2.88
CA ALA H 9 42.04 -15.38 3.94
C ALA H 9 42.15 -13.97 3.38
N LEU H 10 43.26 -13.67 2.70
CA LEU H 10 43.49 -12.36 2.12
C LEU H 10 43.99 -12.54 0.69
N MET H 11 43.83 -11.49 -0.11
CA MET H 11 44.33 -11.47 -1.47
C MET H 11 44.44 -10.01 -1.91
N ALA H 12 45.55 -9.69 -2.57
CA ALA H 12 45.78 -8.34 -3.09
C ALA H 12 45.95 -8.41 -4.59
N ALA H 13 45.54 -7.35 -5.28
CA ALA H 13 45.57 -7.35 -6.73
C ALA H 13 45.73 -5.94 -7.27
N SER H 14 46.32 -5.85 -8.45
CA SER H 14 46.51 -4.75 -9.37
C SER H 14 45.29 -4.61 -10.28
N PRO H 15 44.91 -3.38 -10.64
CA PRO H 15 43.72 -3.20 -11.48
C PRO H 15 43.90 -3.78 -12.88
N GLY H 16 42.78 -4.12 -13.48
CA GLY H 16 42.82 -4.81 -14.75
C GLY H 16 43.23 -6.25 -14.57
N GLU H 17 42.39 -7.02 -13.88
CA GLU H 17 42.73 -8.40 -13.57
C GLU H 17 41.45 -9.18 -13.35
N LYS H 18 41.47 -10.44 -13.74
CA LYS H 18 40.35 -11.38 -13.62
C LYS H 18 40.68 -12.35 -12.49
N VAL H 19 40.18 -12.06 -11.30
CA VAL H 19 40.48 -12.88 -10.13
C VAL H 19 39.25 -13.69 -9.76
N THR H 20 39.44 -14.63 -8.84
CA THR H 20 38.40 -15.60 -8.50
C THR H 20 38.47 -15.92 -7.02
N ILE H 21 37.33 -15.80 -6.35
CA ILE H 21 37.22 -16.12 -4.92
C ILE H 21 36.22 -17.24 -4.73
N THR H 22 36.41 -18.00 -3.66
CA THR H 22 35.69 -19.24 -3.45
C THR H 22 34.91 -19.23 -2.15
N CYS H 23 34.00 -20.20 -2.02
CA CYS H 23 33.21 -20.44 -0.84
C CYS H 23 32.76 -21.89 -0.88
N SER H 24 32.85 -22.59 0.25
CA SER H 24 32.47 -23.99 0.28
C SER H 24 31.79 -24.31 1.60
N VAL H 25 31.27 -25.53 1.69
CA VAL H 25 30.35 -25.89 2.77
C VAL H 25 30.35 -27.41 2.89
N SER H 26 29.94 -27.90 4.07
CA SER H 26 30.09 -29.29 4.45
C SER H 26 28.87 -30.15 4.10
N LEU H 27 28.00 -29.69 3.21
CA LEU H 27 26.84 -30.47 2.80
C LEU H 27 26.34 -29.90 1.48
N SER H 28 25.78 -30.77 0.64
CA SER H 28 25.24 -30.34 -0.64
C SER H 28 24.02 -29.44 -0.44
N ILE H 29 24.05 -28.26 -1.06
CA ILE H 29 23.06 -27.21 -0.83
C ILE H 29 22.63 -26.68 -2.18
N SER H 30 21.32 -26.52 -2.38
CA SER H 30 20.75 -26.10 -3.65
C SER H 30 21.17 -24.68 -4.01
N SER H 31 21.13 -24.39 -5.30
CA SER H 31 21.66 -23.13 -5.81
C SER H 31 20.63 -22.00 -5.81
N SER H 32 19.42 -22.25 -5.34
CA SER H 32 18.42 -21.19 -5.31
C SER H 32 18.44 -20.41 -4.02
N ASN H 33 19.18 -20.86 -3.01
CA ASN H 33 19.31 -20.14 -1.75
C ASN H 33 20.77 -20.11 -1.32
N LEU H 34 21.49 -19.10 -1.82
CA LEU H 34 22.89 -18.80 -1.49
C LEU H 34 23.20 -17.40 -1.97
N PHE H 35 23.70 -16.54 -1.10
CA PHE H 35 23.76 -15.12 -1.44
C PHE H 35 25.15 -14.58 -1.21
N TRP H 36 25.39 -13.36 -1.70
CA TRP H 36 26.67 -12.69 -1.47
C TRP H 36 26.44 -11.30 -0.90
N TYR H 37 27.43 -10.83 -0.14
CA TYR H 37 27.36 -9.49 0.44
C TYR H 37 28.71 -8.81 0.36
N GLN H 38 28.67 -7.49 0.35
CA GLN H 38 29.83 -6.64 0.20
C GLN H 38 29.87 -5.63 1.34
N GLN H 39 31.04 -5.42 1.91
CA GLN H 39 31.19 -4.47 3.01
C GLN H 39 32.41 -3.61 2.79
N LYS H 40 32.21 -2.30 2.74
CA LYS H 40 33.30 -1.33 2.73
C LYS H 40 33.71 -1.03 4.17
N SER H 41 34.51 0.01 4.36
CA SER H 41 34.80 0.48 5.70
C SER H 41 33.69 1.39 6.18
N GLU H 42 33.25 1.18 7.43
CA GLU H 42 32.23 1.96 8.12
C GLU H 42 30.88 1.95 7.43
N THR H 43 30.59 0.90 6.67
CA THR H 43 29.32 0.77 5.96
C THR H 43 28.61 -0.48 6.42
N SER H 44 27.32 -0.34 6.73
CA SER H 44 26.49 -1.50 6.92
C SER H 44 26.41 -2.26 5.60
N PRO H 45 26.66 -3.56 5.58
CA PRO H 45 26.79 -4.29 4.32
C PRO H 45 25.50 -4.35 3.51
N LYS H 46 25.67 -4.52 2.21
CA LYS H 46 24.65 -4.37 1.18
C LYS H 46 24.47 -5.66 0.39
N PRO H 47 23.26 -5.93 -0.12
CA PRO H 47 23.06 -7.15 -0.90
C PRO H 47 23.74 -7.05 -2.24
N TRP H 48 24.36 -8.13 -2.65
CA TRP H 48 25.16 -7.94 -3.84
C TRP H 48 24.89 -8.97 -4.92
N ILE H 49 24.67 -10.23 -4.57
CA ILE H 49 24.36 -11.28 -5.55
C ILE H 49 23.26 -12.16 -4.97
N TYR H 50 22.12 -12.22 -5.66
CA TYR H 50 21.03 -13.12 -5.29
C TYR H 50 21.11 -14.40 -6.10
N GLY H 51 20.94 -15.53 -5.43
CA GLY H 51 20.70 -16.80 -6.09
C GLY H 51 21.84 -17.31 -6.94
N THR H 52 23.08 -16.90 -6.64
CA THR H 52 24.37 -17.28 -7.24
C THR H 52 24.41 -17.23 -8.77
N SER H 53 23.49 -16.51 -9.41
CA SER H 53 23.57 -16.31 -10.85
C SER H 53 23.19 -14.92 -11.31
N LYS H 54 22.67 -14.06 -10.45
CA LYS H 54 22.03 -12.82 -10.85
C LYS H 54 22.62 -11.66 -10.08
N LEU H 55 22.83 -10.54 -10.74
CA LEU H 55 23.28 -9.35 -10.05
C LEU H 55 22.11 -8.69 -9.33
N ALA H 56 22.42 -7.83 -8.38
CA ALA H 56 21.39 -7.05 -7.72
C ALA H 56 21.18 -5.76 -8.50
N SER H 57 20.29 -4.91 -7.99
CA SER H 57 20.03 -3.64 -8.68
C SER H 57 21.16 -2.66 -8.44
N GLY H 58 21.58 -1.98 -9.49
CA GLY H 58 22.67 -1.03 -9.41
C GLY H 58 24.05 -1.62 -9.49
N VAL H 59 24.17 -2.93 -9.53
CA VAL H 59 25.49 -3.56 -9.62
C VAL H 59 26.03 -3.38 -11.03
N PRO H 60 27.30 -3.04 -11.21
CA PRO H 60 27.89 -3.06 -12.55
C PRO H 60 27.94 -4.47 -13.10
N VAL H 61 28.00 -4.57 -14.42
CA VAL H 61 27.75 -5.82 -15.11
C VAL H 61 29.05 -6.58 -15.35
N ARG H 62 30.09 -6.25 -14.59
CA ARG H 62 31.37 -6.91 -14.73
C ARG H 62 31.53 -8.07 -13.76
N PHE H 63 30.55 -8.36 -12.92
CA PHE H 63 30.66 -9.41 -11.94
C PHE H 63 29.77 -10.58 -12.28
N SER H 64 30.21 -11.76 -11.87
CA SER H 64 29.44 -12.97 -12.05
C SER H 64 29.87 -13.98 -11.01
N GLY H 65 28.97 -14.91 -10.73
CA GLY H 65 29.28 -16.01 -9.84
C GLY H 65 28.61 -17.27 -10.33
N SER H 66 29.18 -18.41 -9.96
CA SER H 66 28.66 -19.68 -10.41
C SER H 66 29.07 -20.77 -9.43
N GLY H 67 28.77 -22.01 -9.78
CA GLY H 67 29.04 -23.15 -8.93
C GLY H 67 27.78 -23.90 -8.58
N SER H 68 27.96 -24.96 -7.80
CA SER H 68 26.89 -25.83 -7.33
C SER H 68 27.48 -26.75 -6.26
N GLY H 69 26.63 -27.63 -5.73
CA GLY H 69 27.06 -28.68 -4.83
C GLY H 69 27.63 -28.19 -3.52
N THR H 70 28.93 -28.28 -3.37
CA THR H 70 29.65 -27.73 -2.23
C THR H 70 30.77 -26.82 -2.69
N SER H 71 30.59 -26.13 -3.80
CA SER H 71 31.64 -25.29 -4.36
C SER H 71 31.01 -24.12 -5.11
N TYR H 72 31.29 -22.91 -4.64
CA TYR H 72 30.69 -21.73 -5.21
C TYR H 72 31.77 -20.68 -5.35
N SER H 73 31.67 -19.86 -6.40
CA SER H 73 32.77 -18.96 -6.70
C SER H 73 32.27 -17.70 -7.38
N LEU H 74 33.04 -16.63 -7.20
CA LEU H 74 32.82 -15.35 -7.85
C LEU H 74 34.03 -15.03 -8.70
N THR H 75 33.78 -14.38 -9.84
CA THR H 75 34.82 -14.03 -10.79
C THR H 75 34.76 -12.55 -11.09
N ILE H 76 35.87 -11.85 -10.88
CA ILE H 76 36.03 -10.45 -11.26
C ILE H 76 36.76 -10.39 -12.59
N SER H 77 36.16 -9.72 -13.57
CA SER H 77 36.76 -9.62 -14.89
C SER H 77 37.91 -8.62 -14.93
N SER H 78 37.65 -7.38 -14.50
CA SER H 78 38.66 -6.33 -14.53
C SER H 78 38.51 -5.50 -13.27
N MET H 79 39.57 -5.44 -12.46
CA MET H 79 39.44 -4.84 -11.14
C MET H 79 39.44 -3.32 -11.24
N GLU H 80 38.53 -2.69 -10.51
CA GLU H 80 38.29 -1.28 -10.62
C GLU H 80 38.98 -0.52 -9.49
N ALA H 81 38.69 0.77 -9.39
CA ALA H 81 39.37 1.62 -8.42
C ALA H 81 38.76 1.55 -7.03
N GLU H 82 37.50 1.09 -6.92
CA GLU H 82 36.80 1.13 -5.64
C GLU H 82 36.44 -0.26 -5.11
N ASP H 83 37.13 -1.30 -5.58
CA ASP H 83 36.76 -2.67 -5.24
C ASP H 83 37.70 -3.28 -4.21
N ALA H 84 38.16 -2.49 -3.26
CA ALA H 84 38.88 -2.97 -2.10
C ALA H 84 37.88 -3.02 -0.95
N ALA H 85 37.36 -4.20 -0.68
CA ALA H 85 36.30 -4.34 0.30
C ALA H 85 36.47 -5.69 0.99
N THR H 86 35.42 -6.15 1.66
CA THR H 86 35.40 -7.47 2.25
C THR H 86 34.10 -8.16 1.84
N TYR H 87 34.21 -9.42 1.42
CA TYR H 87 33.11 -10.12 0.80
C TYR H 87 32.62 -11.28 1.66
N TYR H 88 31.33 -11.58 1.56
CA TYR H 88 30.72 -12.62 2.37
C TYR H 88 29.81 -13.49 1.53
N CYS H 89 29.75 -14.78 1.87
CA CYS H 89 28.81 -15.72 1.27
C CYS H 89 27.87 -16.26 2.33
N GLN H 90 26.56 -16.21 2.04
CA GLN H 90 25.49 -16.52 2.98
C GLN H 90 24.73 -17.76 2.52
N GLN H 91 24.24 -18.53 3.49
CA GLN H 91 23.50 -19.76 3.25
C GLN H 91 22.35 -19.89 4.24
N TRP H 92 21.20 -20.37 3.77
CA TRP H 92 20.08 -20.66 4.64
C TRP H 92 20.00 -22.17 4.88
N SER H 93 19.41 -22.53 6.01
CA SER H 93 19.56 -23.84 6.62
C SER H 93 18.20 -24.26 7.17
N SER H 94 18.21 -25.14 8.17
CA SER H 94 16.98 -25.66 8.76
C SER H 94 16.09 -24.55 9.31
N HIS H 95 16.56 -23.84 10.34
CA HIS H 95 15.91 -22.58 10.70
C HIS H 95 16.90 -21.54 11.16
N SER H 96 18.10 -21.53 10.63
CA SER H 96 19.09 -20.65 11.22
C SER H 96 20.06 -20.16 10.15
N PHE H 97 20.32 -18.86 10.15
CA PHE H 97 21.23 -18.26 9.21
C PHE H 97 22.67 -18.67 9.51
N THR H 98 23.54 -18.43 8.54
CA THR H 98 24.94 -18.82 8.65
C THR H 98 25.76 -17.93 7.74
N PHE H 99 26.77 -17.27 8.29
CA PHE H 99 27.65 -16.44 7.47
C PHE H 99 29.04 -17.04 7.39
N GLY H 100 29.84 -16.47 6.49
CA GLY H 100 31.18 -16.95 6.26
C GLY H 100 32.19 -16.36 7.22
N GLY H 101 33.32 -15.94 6.68
CA GLY H 101 34.39 -15.39 7.50
C GLY H 101 35.00 -14.14 6.91
N GLY H 102 34.57 -13.76 5.73
CA GLY H 102 35.08 -12.55 5.10
C GLY H 102 36.35 -12.77 4.32
N THR H 103 36.45 -12.16 3.14
CA THR H 103 37.66 -12.19 2.35
C THR H 103 37.89 -10.79 1.80
N LYS H 104 39.11 -10.28 1.95
CA LYS H 104 39.39 -8.86 1.82
C LYS H 104 40.35 -8.62 0.66
N LEU H 105 40.11 -7.55 -0.09
CA LEU H 105 40.95 -7.19 -1.22
C LEU H 105 41.81 -5.97 -0.93
N GLU H 106 42.94 -5.90 -1.64
CA GLU H 106 43.88 -4.79 -1.52
C GLU H 106 44.40 -4.41 -2.91
N ILE H 107 44.68 -3.12 -3.08
CA ILE H 107 45.28 -2.62 -4.32
C ILE H 107 46.80 -2.71 -4.20
N LYS H 108 47.43 -3.50 -5.06
CA LYS H 108 48.88 -3.46 -5.15
C LYS H 108 49.31 -2.24 -5.94
N ARG H 109 50.49 -1.72 -5.60
CA ARG H 109 50.96 -0.45 -6.11
C ARG H 109 52.48 -0.44 -5.97
N ALA H 110 53.13 0.50 -6.67
CA ALA H 110 54.57 0.66 -6.56
C ALA H 110 54.94 1.18 -5.16
N ASP H 111 56.18 0.91 -4.77
CA ASP H 111 56.66 1.23 -3.43
C ASP H 111 56.91 2.72 -3.27
N ALA H 112 57.08 3.12 -2.01
CA ALA H 112 57.32 4.52 -1.66
C ALA H 112 58.21 4.55 -0.42
N ALA H 113 58.25 5.70 0.24
CA ALA H 113 59.04 5.88 1.44
C ALA H 113 58.16 6.41 2.57
N PRO H 114 58.38 5.96 3.81
CA PRO H 114 57.54 6.42 4.92
C PRO H 114 57.94 7.82 5.37
N THR H 115 56.94 8.68 5.55
CA THR H 115 57.15 10.01 6.13
C THR H 115 57.17 9.86 7.64
N VAL H 116 58.35 9.93 8.25
CA VAL H 116 58.57 9.53 9.63
C VAL H 116 58.94 10.78 10.43
N SER H 117 58.29 10.95 11.58
CA SER H 117 58.61 12.03 12.50
C SER H 117 58.59 11.50 13.93
N ILE H 118 59.33 12.17 14.80
CA ILE H 118 59.32 11.84 16.23
C ILE H 118 59.00 13.11 17.02
N PHE H 119 58.12 12.97 18.01
CA PHE H 119 57.61 14.08 18.80
C PHE H 119 57.86 13.85 20.28
N PRO H 120 58.50 14.80 20.96
CA PRO H 120 58.64 14.73 22.41
C PRO H 120 57.31 15.03 23.09
N PRO H 121 57.16 14.70 24.36
CA PRO H 121 55.91 15.01 25.07
C PRO H 121 55.73 16.50 25.29
N SER H 122 54.47 16.88 25.52
CA SER H 122 54.15 18.27 25.81
C SER H 122 54.56 18.62 27.23
N SER H 123 54.61 19.92 27.51
CA SER H 123 54.99 20.38 28.84
C SER H 123 53.88 20.14 29.86
N GLU H 124 52.62 20.24 29.43
CA GLU H 124 51.51 20.00 30.34
C GLU H 124 51.40 18.53 30.72
N GLN H 125 51.80 17.63 29.82
CA GLN H 125 51.89 16.22 30.16
C GLN H 125 53.00 15.97 31.17
N LEU H 126 54.10 16.73 31.07
CA LEU H 126 55.17 16.61 32.06
C LEU H 126 54.76 17.17 33.41
N THR H 127 53.96 18.23 33.44
CA THR H 127 53.42 18.71 34.71
C THR H 127 52.37 17.75 35.25
N SER H 128 51.73 16.97 34.38
CA SER H 128 50.82 15.92 34.84
C SER H 128 51.56 14.76 35.49
N GLY H 129 52.84 14.59 35.18
CA GLY H 129 53.64 13.55 35.79
C GLY H 129 54.03 12.40 34.87
N GLY H 130 53.62 12.44 33.60
CA GLY H 130 53.93 11.40 32.64
C GLY H 130 54.61 11.94 31.41
N ALA H 131 54.87 11.03 30.47
CA ALA H 131 55.53 11.38 29.21
C ALA H 131 55.19 10.31 28.19
N SER H 132 55.10 10.73 26.93
CA SER H 132 54.86 9.78 25.83
C SER H 132 55.54 10.33 24.58
N VAL H 133 56.61 9.69 24.16
CA VAL H 133 57.30 10.03 22.91
C VAL H 133 56.58 9.33 21.76
N VAL H 134 56.17 10.11 20.76
CA VAL H 134 55.29 9.60 19.71
C VAL H 134 56.00 9.68 18.37
N CYS H 135 56.19 8.53 17.74
CA CYS H 135 56.81 8.45 16.41
C CYS H 135 55.72 8.14 15.41
N PHE H 136 55.42 9.11 14.55
CA PHE H 136 54.46 8.93 13.47
C PHE H 136 55.16 8.42 12.22
N LEU H 137 54.48 7.54 11.50
CA LEU H 137 55.00 7.01 10.23
C LEU H 137 53.82 7.01 9.26
N ASN H 138 53.75 8.01 8.39
CA ASN H 138 52.59 8.20 7.54
C ASN H 138 52.94 7.95 6.07
N ASN H 139 51.92 7.55 5.30
CA ASN H 139 51.95 7.47 3.84
C ASN H 139 53.02 6.51 3.33
N PHE H 140 52.87 5.23 3.66
CA PHE H 140 53.83 4.22 3.22
C PHE H 140 53.11 3.00 2.65
N TYR H 141 53.87 2.22 1.89
CA TYR H 141 53.48 0.97 1.27
C TYR H 141 54.66 0.02 1.44
N PRO H 142 54.44 -1.27 1.72
CA PRO H 142 53.17 -1.96 1.98
C PRO H 142 52.73 -1.84 3.42
N LYS H 143 51.88 -2.76 3.86
CA LYS H 143 51.36 -2.73 5.22
C LYS H 143 52.43 -3.10 6.24
N ASP H 144 53.35 -4.00 5.89
CA ASP H 144 54.35 -4.46 6.84
C ASP H 144 55.41 -3.39 7.07
N ILE H 145 55.66 -3.08 8.34
CA ILE H 145 56.63 -2.06 8.71
C ILE H 145 57.06 -2.37 10.15
N ASN H 146 58.32 -2.03 10.47
CA ASN H 146 58.87 -2.33 11.78
C ASN H 146 59.67 -1.14 12.29
N VAL H 147 59.53 -0.86 13.59
CA VAL H 147 60.23 0.23 14.26
C VAL H 147 60.93 -0.29 15.51
N LYS H 148 61.92 0.49 15.94
CA LYS H 148 62.69 0.21 17.15
C LYS H 148 62.89 1.51 17.92
N TRP H 149 63.10 1.37 19.22
CA TRP H 149 63.45 2.50 20.07
C TRP H 149 64.90 2.40 20.51
N LYS H 150 65.55 3.56 20.65
CA LYS H 150 66.91 3.65 21.18
C LYS H 150 66.97 4.84 22.13
N ILE H 151 67.27 4.56 23.40
CA ILE H 151 67.35 5.58 24.44
C ILE H 151 68.76 5.54 25.01
N ASP H 152 69.58 6.53 24.65
CA ASP H 152 71.00 6.63 25.01
C ASP H 152 71.78 5.38 24.60
N GLY H 153 71.44 4.85 23.43
CA GLY H 153 72.01 3.62 22.94
C GLY H 153 71.28 2.36 23.37
N SER H 154 70.58 2.39 24.49
CA SER H 154 69.86 1.22 24.98
C SER H 154 68.55 1.07 24.22
N GLU H 155 68.28 -0.16 23.77
CA GLU H 155 67.04 -0.48 23.06
C GLU H 155 65.98 -0.84 24.08
N ARG H 156 64.97 0.02 24.23
CA ARG H 156 63.90 -0.18 25.18
C ARG H 156 62.63 -0.61 24.46
N GLN H 157 61.96 -1.63 25.01
CA GLN H 157 60.71 -2.13 24.47
C GLN H 157 59.58 -2.08 25.50
N ASN H 158 59.80 -1.46 26.65
CA ASN H 158 58.80 -1.41 27.71
C ASN H 158 57.94 -0.17 27.54
N GLY H 159 56.67 -0.37 27.23
CA GLY H 159 55.76 0.73 27.01
C GLY H 159 55.51 1.09 25.55
N VAL H 160 55.66 0.14 24.64
CA VAL H 160 55.52 0.40 23.21
C VAL H 160 54.09 0.10 22.78
N LEU H 161 53.44 1.08 22.16
CA LEU H 161 52.08 0.95 21.64
C LEU H 161 52.12 1.21 20.14
N ASN H 162 51.82 0.19 19.35
CA ASN H 162 51.86 0.29 17.90
C ASN H 162 50.45 0.20 17.33
N SER H 163 50.17 1.01 16.32
CA SER H 163 48.83 1.06 15.74
C SER H 163 48.93 1.30 14.24
N TRP H 164 48.38 0.37 13.46
CA TRP H 164 48.32 0.49 12.01
C TRP H 164 47.02 1.16 11.58
N THR H 165 46.82 1.28 10.27
CA THR H 165 45.62 1.90 9.70
C THR H 165 45.09 1.05 8.57
N ASP H 166 44.07 1.58 7.91
CA ASP H 166 43.53 0.99 6.70
C ASP H 166 44.33 1.46 5.49
N GLN H 167 44.28 0.66 4.43
CA GLN H 167 44.83 1.09 3.14
C GLN H 167 44.06 2.30 2.63
N ASP H 168 44.81 3.27 2.11
CA ASP H 168 44.21 4.55 1.74
C ASP H 168 43.39 4.42 0.46
N SER H 169 42.33 5.21 0.39
CA SER H 169 41.52 5.34 -0.82
C SER H 169 41.95 6.50 -1.69
N LYS H 170 42.94 7.28 -1.26
CA LYS H 170 43.44 8.42 -2.03
C LYS H 170 44.69 8.07 -2.83
N ASP H 171 45.67 7.44 -2.20
CA ASP H 171 46.89 7.06 -2.91
C ASP H 171 47.39 5.68 -2.53
N SER H 172 46.57 4.88 -1.82
CA SER H 172 46.85 3.50 -1.44
C SER H 172 48.13 3.38 -0.60
N THR H 173 48.11 4.03 0.55
CA THR H 173 49.22 4.04 1.48
C THR H 173 48.76 3.50 2.85
N TYR H 174 49.66 3.57 3.82
CA TYR H 174 49.38 3.15 5.18
C TYR H 174 49.93 4.17 6.16
N SER H 175 49.40 4.14 7.39
CA SER H 175 49.86 5.03 8.45
C SER H 175 49.96 4.23 9.73
N MET H 176 50.83 4.69 10.63
CA MET H 176 51.14 3.93 11.82
C MET H 176 51.66 4.86 12.91
N SER H 177 51.31 4.57 14.16
CA SER H 177 51.82 5.30 15.30
C SER H 177 52.55 4.35 16.25
N SER H 178 53.66 4.84 16.81
CA SER H 178 54.43 4.13 17.82
C SER H 178 54.61 5.05 19.02
N THR H 179 54.00 4.70 20.15
CA THR H 179 54.01 5.54 21.34
C THR H 179 54.79 4.84 22.45
N LEU H 180 55.78 5.55 23.01
CA LEU H 180 56.56 5.05 24.13
C LEU H 180 56.23 5.90 25.35
N THR H 181 55.55 5.31 26.32
CA THR H 181 55.02 6.03 27.48
C THR H 181 55.82 5.71 28.72
N LEU H 182 56.33 6.75 29.38
CA LEU H 182 57.08 6.64 30.62
C LEU H 182 56.50 7.63 31.63
N THR H 183 57.10 7.68 32.82
CA THR H 183 56.73 8.67 33.82
C THR H 183 57.53 9.96 33.56
N LYS H 184 57.51 10.87 34.52
CA LYS H 184 58.27 12.11 34.37
C LYS H 184 59.75 11.90 34.67
N ASP H 185 60.04 11.31 35.83
CA ASP H 185 61.42 11.15 36.28
C ASP H 185 62.17 10.14 35.41
N GLU H 186 61.48 9.10 34.95
CA GLU H 186 62.10 8.13 34.06
C GLU H 186 62.42 8.75 32.70
N TYR H 187 61.58 9.68 32.25
CA TYR H 187 61.87 10.42 31.02
C TYR H 187 63.01 11.41 31.22
N GLU H 188 63.19 11.92 32.45
CA GLU H 188 64.22 12.92 32.71
C GLU H 188 65.54 12.32 33.19
N ARG H 189 65.70 11.00 33.19
CA ARG H 189 66.98 10.39 33.55
C ARG H 189 67.86 10.08 32.36
N HIS H 190 67.44 10.40 31.14
CA HIS H 190 68.21 10.02 29.97
C HIS H 190 68.22 11.17 28.97
N ASN H 191 69.21 11.14 28.07
CA ASN H 191 69.46 12.23 27.14
C ASN H 191 68.77 12.00 25.79
N SER H 192 69.07 10.90 25.13
CA SER H 192 68.64 10.68 23.75
C SER H 192 67.38 9.84 23.67
N TYR H 193 66.59 10.08 22.63
CA TYR H 193 65.40 9.28 22.33
C TYR H 193 65.31 9.15 20.82
N THR H 194 65.12 7.92 20.35
CA THR H 194 65.29 7.59 18.94
C THR H 194 64.23 6.58 18.50
N CYS H 195 63.51 6.89 17.43
CA CYS H 195 62.70 5.89 16.74
C CYS H 195 63.34 5.60 15.38
N GLU H 196 63.53 4.32 15.09
CA GLU H 196 64.13 3.88 13.84
C GLU H 196 63.16 3.00 13.09
N ALA H 197 63.15 3.14 11.77
CA ALA H 197 62.25 2.38 10.91
C ALA H 197 63.04 1.51 9.96
N THR H 198 62.55 0.30 9.72
CA THR H 198 63.16 -0.64 8.78
C THR H 198 62.21 -0.83 7.61
N HIS H 199 62.52 -0.21 6.48
CA HIS H 199 61.71 -0.31 5.27
C HIS H 199 62.35 -1.31 4.33
N LYS H 200 61.53 -1.93 3.49
CA LYS H 200 61.99 -3.02 2.63
C LYS H 200 62.74 -2.52 1.39
N THR H 201 62.81 -1.21 1.15
CA THR H 201 63.50 -0.68 -0.01
C THR H 201 64.86 -0.08 0.30
N SER H 202 65.28 -0.12 1.56
CA SER H 202 66.61 0.36 1.94
C SER H 202 67.10 -0.47 3.11
N THR H 203 68.34 -0.94 3.04
CA THR H 203 68.89 -1.78 4.10
C THR H 203 69.29 -0.98 5.34
N SER H 204 69.25 0.35 5.28
CA SER H 204 69.61 1.19 6.42
C SER H 204 68.34 1.60 7.15
N PRO H 205 68.16 1.20 8.42
CA PRO H 205 67.01 1.68 9.20
C PRO H 205 67.15 3.18 9.47
N ILE H 206 66.15 3.94 9.05
CA ILE H 206 66.22 5.40 9.17
C ILE H 206 65.99 5.79 10.61
N VAL H 207 66.65 6.87 11.01
CA VAL H 207 66.81 7.27 12.41
C VAL H 207 66.17 8.63 12.61
N LYS H 208 65.28 8.74 13.60
CA LYS H 208 64.70 10.02 13.99
C LYS H 208 64.91 10.18 15.49
N SER H 209 65.75 11.14 15.88
CA SER H 209 66.21 11.27 17.26
C SER H 209 65.97 12.68 17.77
N PHE H 210 65.99 12.80 19.10
CA PHE H 210 66.06 14.08 19.76
C PHE H 210 66.74 13.91 21.12
N ASN H 211 67.30 15.00 21.61
CA ASN H 211 68.09 15.04 22.83
C ASN H 211 67.45 16.00 23.83
N ARG H 212 68.20 16.29 24.90
CA ARG H 212 67.76 17.23 25.92
C ARG H 212 68.13 18.68 25.59
N ASN H 213 68.26 19.01 24.31
CA ASN H 213 68.65 20.35 23.86
C ASN H 213 67.48 21.28 24.10
N GLU H 214 67.52 22.00 25.23
CA GLU H 214 66.39 22.73 25.80
C GLU H 214 65.16 21.83 25.95
N CYS H 215 65.40 20.61 26.44
CA CYS H 215 64.32 19.66 26.64
C CYS H 215 64.47 18.96 28.00
N GLU I 1 11.12 7.43 0.86
CA GLU I 1 12.12 7.08 1.86
C GLU I 1 11.86 5.70 2.44
N VAL I 2 12.89 4.88 2.53
CA VAL I 2 12.88 3.64 3.30
C VAL I 2 14.11 3.68 4.20
N GLN I 3 13.89 3.83 5.50
CA GLN I 3 15.02 3.92 6.42
C GLN I 3 14.72 3.18 7.71
N LEU I 4 15.77 3.00 8.51
CA LEU I 4 15.72 2.28 9.77
C LEU I 4 16.53 3.03 10.81
N VAL I 5 15.92 3.34 11.96
CA VAL I 5 16.64 3.98 13.05
C VAL I 5 16.70 3.03 14.24
N GLU I 6 17.82 3.07 14.97
CA GLU I 6 18.24 2.00 15.88
C GLU I 6 18.69 2.65 17.17
N SER I 7 17.77 2.83 18.11
CA SER I 7 18.05 3.66 19.29
C SER I 7 18.78 2.84 20.35
N GLY I 8 18.90 3.41 21.55
CA GLY I 8 19.55 2.73 22.64
C GLY I 8 21.05 2.69 22.49
N GLY I 9 21.67 1.79 23.23
CA GLY I 9 23.09 1.53 23.14
C GLY I 9 23.84 1.97 24.38
N GLY I 10 25.11 1.57 24.43
CA GLY I 10 25.97 2.01 25.50
C GLY I 10 26.60 0.90 26.33
N LEU I 11 27.00 1.26 27.55
CA LEU I 11 27.73 0.37 28.44
C LEU I 11 26.81 -0.12 29.55
N VAL I 12 26.82 -1.42 29.80
CA VAL I 12 26.06 -2.02 30.90
C VAL I 12 26.98 -2.97 31.66
N LYS I 13 26.93 -2.91 32.99
CA LYS I 13 27.68 -3.81 33.86
C LYS I 13 27.25 -5.27 33.62
N PRO I 14 28.15 -6.24 33.85
CA PRO I 14 27.81 -7.64 33.56
C PRO I 14 26.75 -8.21 34.48
N GLY I 15 25.55 -8.41 33.95
CA GLY I 15 24.44 -8.90 34.73
C GLY I 15 23.21 -8.03 34.58
N GLY I 16 23.34 -6.94 33.85
CA GLY I 16 22.27 -5.99 33.66
C GLY I 16 21.33 -6.36 32.53
N SER I 17 20.80 -5.34 31.87
CA SER I 17 19.84 -5.51 30.79
C SER I 17 19.89 -4.28 29.90
N LEU I 18 19.24 -4.38 28.74
CA LEU I 18 19.05 -3.25 27.83
C LEU I 18 17.97 -3.62 26.82
N LYS I 19 17.15 -2.63 26.45
CA LYS I 19 16.02 -2.83 25.55
C LYS I 19 16.19 -1.93 24.33
N LEU I 20 16.38 -2.54 23.16
CA LEU I 20 16.66 -1.80 21.94
C LEU I 20 15.42 -1.68 21.07
N SER I 21 15.38 -0.61 20.29
CA SER I 21 14.21 -0.29 19.47
C SER I 21 14.63 0.13 18.07
N CYS I 22 14.02 -0.52 17.09
CA CYS I 22 14.21 -0.20 15.69
C CYS I 22 12.89 0.35 15.16
N ALA I 23 12.95 1.48 14.48
CA ALA I 23 11.77 2.06 13.87
C ALA I 23 12.01 2.21 12.37
N ALA I 24 11.08 1.65 11.60
CA ALA I 24 11.16 1.63 10.15
C ALA I 24 10.37 2.77 9.58
N SER I 25 10.74 3.17 8.36
CA SER I 25 10.09 4.32 7.71
C SER I 25 9.91 4.05 6.24
N GLY I 26 8.65 3.98 5.81
CA GLY I 26 8.28 4.12 4.42
C GLY I 26 7.54 3.00 3.72
N PHE I 27 7.98 1.76 3.88
CA PHE I 27 7.29 0.68 3.21
C PHE I 27 6.05 0.27 4.00
N THR I 28 5.27 -0.63 3.43
CA THR I 28 4.16 -1.24 4.16
C THR I 28 4.77 -2.18 5.18
N PHE I 29 4.84 -1.74 6.43
CA PHE I 29 5.60 -2.46 7.45
C PHE I 29 4.93 -3.75 7.87
N SER I 30 3.63 -3.87 7.68
CA SER I 30 2.92 -5.05 8.13
C SER I 30 3.00 -6.20 7.15
N ASN I 31 3.96 -6.22 6.24
CA ASN I 31 4.05 -7.28 5.25
C ASN I 31 5.49 -7.69 5.01
N TYR I 32 6.30 -7.71 6.06
CA TYR I 32 7.62 -8.31 5.97
C TYR I 32 7.95 -8.99 7.28
N ALA I 33 9.05 -9.68 7.28
CA ALA I 33 9.61 -10.23 8.49
C ALA I 33 10.80 -9.37 8.86
N MET I 34 11.44 -9.67 9.99
CA MET I 34 12.48 -8.75 10.41
C MET I 34 13.50 -9.53 11.23
N SER I 35 14.72 -9.02 11.30
CA SER I 35 15.75 -9.83 11.94
C SER I 35 16.88 -8.97 12.48
N TRP I 36 17.47 -9.43 13.58
CA TRP I 36 18.61 -8.77 14.24
C TRP I 36 19.86 -9.58 13.98
N VAL I 37 20.93 -8.90 13.56
CA VAL I 37 22.22 -9.53 13.31
C VAL I 37 23.31 -8.69 13.95
N ARG I 38 24.25 -9.34 14.64
CA ARG I 38 25.32 -8.64 15.36
C ARG I 38 26.67 -8.86 14.69
N GLN I 39 27.62 -8.01 15.06
CA GLN I 39 28.98 -8.12 14.57
C GLN I 39 29.95 -7.89 15.72
N THR I 40 30.89 -8.81 15.87
CA THR I 40 31.96 -8.69 16.84
C THR I 40 32.94 -7.62 16.38
N PRO I 41 33.75 -7.07 17.30
CA PRO I 41 34.82 -6.16 16.86
C PRO I 41 35.96 -6.84 16.14
N GLU I 42 35.95 -8.17 16.01
CA GLU I 42 36.92 -8.88 15.21
C GLU I 42 36.46 -9.09 13.77
N LYS I 43 35.48 -8.29 13.32
CA LYS I 43 34.95 -8.31 11.94
C LYS I 43 34.40 -9.68 11.57
N ARG I 44 33.34 -10.08 12.27
CA ARG I 44 32.68 -11.34 11.98
C ARG I 44 31.21 -11.22 12.36
N LEU I 45 30.35 -11.80 11.54
CA LEU I 45 28.92 -11.73 11.76
C LEU I 45 28.43 -12.97 12.48
N GLU I 46 27.25 -12.85 13.08
CA GLU I 46 26.66 -13.92 13.87
C GLU I 46 25.18 -13.63 14.01
N TRP I 47 24.34 -14.59 13.62
CA TRP I 47 22.90 -14.34 13.61
C TRP I 47 22.35 -14.32 15.01
N VAL I 48 21.41 -13.40 15.27
CA VAL I 48 20.82 -13.25 16.59
C VAL I 48 19.35 -13.66 16.60
N ALA I 49 18.51 -13.00 15.82
CA ALA I 49 17.09 -13.28 15.99
C ALA I 49 16.32 -12.96 14.71
N THR I 50 15.12 -13.51 14.60
CA THR I 50 14.19 -13.13 13.54
C THR I 50 12.77 -13.27 14.04
N ILE I 51 11.84 -12.68 13.29
CA ILE I 51 10.42 -12.73 13.65
C ILE I 51 9.60 -12.54 12.39
N SER I 52 8.46 -13.22 12.33
CA SER I 52 7.59 -13.19 11.14
C SER I 52 6.78 -11.91 11.06
N ASN I 53 5.76 -11.87 10.21
CA ASN I 53 5.03 -10.63 10.03
C ASN I 53 4.08 -10.33 11.18
N GLY I 54 3.33 -11.33 11.62
CA GLY I 54 2.31 -11.11 12.62
C GLY I 54 2.89 -10.89 13.99
N GLY I 55 3.60 -11.88 14.49
CA GLY I 55 4.20 -11.77 15.80
C GLY I 55 3.94 -13.01 16.63
N ARG I 56 3.42 -14.04 16.01
CA ARG I 56 3.17 -15.27 16.74
C ARG I 56 4.29 -16.29 16.63
N TYR I 57 5.16 -16.19 15.64
CA TYR I 57 6.22 -17.17 15.46
C TYR I 57 7.58 -16.51 15.56
N THR I 58 8.42 -17.03 16.45
CA THR I 58 9.76 -16.54 16.68
C THR I 58 10.77 -17.64 16.40
N TYR I 59 12.04 -17.25 16.32
CA TYR I 59 13.13 -18.21 16.13
C TYR I 59 14.36 -17.73 16.86
N TYR I 60 15.21 -18.65 17.28
CA TYR I 60 16.42 -18.33 18.01
C TYR I 60 17.49 -19.36 17.69
N PRO I 61 18.76 -19.02 17.88
CA PRO I 61 19.82 -20.03 17.77
C PRO I 61 19.86 -20.89 19.01
N ASP I 62 20.89 -21.72 19.10
CA ASP I 62 21.04 -22.52 20.31
C ASP I 62 21.62 -21.70 21.45
N SER I 63 22.61 -20.86 21.16
CA SER I 63 23.45 -20.30 22.21
C SER I 63 22.78 -19.22 23.04
N VAL I 64 21.67 -18.65 22.59
CA VAL I 64 21.03 -17.61 23.38
C VAL I 64 19.60 -18.00 23.75
N LYS I 65 19.32 -19.31 23.77
CA LYS I 65 17.95 -19.79 23.91
C LYS I 65 17.39 -19.50 25.29
N GLY I 66 16.20 -18.92 25.32
CA GLY I 66 15.55 -18.62 26.57
C GLY I 66 16.04 -17.37 27.25
N ARG I 67 16.77 -16.52 26.55
CA ARG I 67 17.26 -15.31 27.22
C ARG I 67 16.89 -14.03 26.48
N PHE I 68 16.96 -14.01 25.16
CA PHE I 68 16.60 -12.83 24.38
C PHE I 68 15.15 -12.91 23.96
N THR I 69 14.51 -11.75 23.86
CA THR I 69 13.10 -11.72 23.51
C THR I 69 12.86 -10.67 22.44
N ILE I 70 12.08 -11.02 21.43
CA ILE I 70 11.84 -10.14 20.29
C ILE I 70 10.35 -9.90 20.17
N SER I 71 9.96 -8.67 19.81
CA SER I 71 8.54 -8.36 19.73
C SER I 71 8.30 -7.26 18.71
N ARG I 72 7.08 -7.22 18.20
CA ARG I 72 6.68 -6.27 17.17
C ARG I 72 5.48 -5.46 17.64
N ASP I 73 5.27 -4.34 16.98
CA ASP I 73 4.01 -3.62 17.16
C ASP I 73 3.71 -2.90 15.85
N ASN I 74 2.67 -3.35 15.15
CA ASN I 74 2.37 -2.83 13.83
C ASN I 74 1.71 -1.45 13.90
N ALA I 75 0.89 -1.22 14.92
CA ALA I 75 0.13 0.02 14.99
C ALA I 75 0.99 1.23 15.31
N LYS I 76 2.24 1.03 15.72
CA LYS I 76 3.20 2.11 15.82
C LYS I 76 4.44 1.85 14.99
N ASN I 77 4.47 0.74 14.24
CA ASN I 77 5.54 0.40 13.29
C ASN I 77 6.89 0.28 13.99
N SER I 78 6.96 -0.57 15.01
CA SER I 78 8.14 -0.59 15.85
C SER I 78 8.58 -2.01 16.17
N LEU I 79 9.87 -2.14 16.47
CA LEU I 79 10.50 -3.43 16.70
C LEU I 79 11.30 -3.38 17.99
N TYR I 80 11.02 -4.29 18.92
CA TYR I 80 11.59 -4.31 20.25
C TYR I 80 12.45 -5.54 20.43
N LEU I 81 13.65 -5.35 20.97
CA LEU I 81 14.50 -6.48 21.37
C LEU I 81 14.88 -6.29 22.83
N GLN I 82 14.35 -7.15 23.70
CA GLN I 82 14.55 -7.07 25.14
C GLN I 82 15.56 -8.13 25.56
N MET I 83 16.55 -7.69 26.32
CA MET I 83 17.70 -8.50 26.67
C MET I 83 17.82 -8.56 28.19
N SER I 84 18.54 -9.57 28.67
CA SER I 84 18.82 -9.69 30.10
C SER I 84 20.04 -10.57 30.28
N SER I 85 20.75 -10.33 31.39
CA SER I 85 21.81 -11.21 31.89
C SER I 85 22.92 -11.42 30.86
N LEU I 86 23.61 -10.32 30.54
CA LEU I 86 24.58 -10.34 29.46
C LEU I 86 25.82 -11.09 29.87
N ARG I 87 26.70 -11.30 28.90
CA ARG I 87 27.98 -11.94 29.16
C ARG I 87 29.10 -11.07 28.62
N SER I 88 30.33 -11.57 28.73
CA SER I 88 31.49 -10.80 28.30
C SER I 88 31.60 -10.78 26.79
N GLU I 89 31.22 -11.87 26.14
CA GLU I 89 31.39 -12.07 24.71
C GLU I 89 30.24 -11.50 23.89
N ASP I 90 29.56 -10.50 24.41
CA ASP I 90 28.46 -9.88 23.71
C ASP I 90 28.71 -8.40 23.42
N THR I 91 29.94 -7.93 23.59
CA THR I 91 30.29 -6.55 23.27
C THR I 91 30.31 -6.42 21.77
N ALA I 92 29.25 -5.86 21.19
CA ALA I 92 29.09 -5.99 19.75
C ALA I 92 28.33 -4.82 19.17
N MET I 93 28.32 -4.77 17.84
CA MET I 93 27.54 -3.82 17.07
C MET I 93 26.30 -4.52 16.55
N TYR I 94 25.12 -3.97 16.84
CA TYR I 94 23.88 -4.64 16.48
C TYR I 94 23.23 -3.95 15.28
N TYR I 95 22.53 -4.73 14.47
CA TYR I 95 21.90 -4.26 13.23
C TYR I 95 20.48 -4.80 13.10
N CYS I 96 19.59 -3.90 12.71
CA CYS I 96 18.20 -4.19 12.34
C CYS I 96 18.15 -4.46 10.85
N ALA I 97 17.33 -5.41 10.40
CA ALA I 97 17.41 -5.82 9.01
C ALA I 97 16.07 -6.31 8.48
N ARG I 98 15.78 -5.98 7.21
CA ARG I 98 14.55 -6.44 6.55
C ARG I 98 14.82 -7.61 5.59
N HIS I 99 13.93 -8.60 5.59
CA HIS I 99 13.98 -9.70 4.64
C HIS I 99 13.56 -9.25 3.25
N LEU I 100 13.74 -10.15 2.28
CA LEU I 100 13.63 -9.83 0.86
C LEU I 100 12.24 -10.09 0.30
N TYR I 101 11.81 -11.35 0.31
CA TYR I 101 10.54 -11.68 -0.29
C TYR I 101 9.43 -11.39 0.71
N ARG I 102 8.26 -11.05 0.18
CA ARG I 102 7.18 -10.70 1.07
C ARG I 102 6.68 -11.93 1.81
N TYR I 103 6.13 -11.70 3.00
CA TYR I 103 5.53 -12.71 3.88
C TYR I 103 6.48 -13.82 4.27
N ASP I 104 7.79 -13.63 4.18
CA ASP I 104 8.72 -14.74 4.18
C ASP I 104 9.71 -14.65 5.32
N VAL I 105 10.06 -15.80 5.88
CA VAL I 105 11.20 -15.87 6.77
C VAL I 105 12.27 -16.71 6.08
N GLY I 106 13.51 -16.42 6.38
CA GLY I 106 14.61 -17.23 5.86
C GLY I 106 14.89 -17.12 4.38
N GLY I 107 15.33 -15.95 3.94
CA GLY I 107 15.74 -15.76 2.57
C GLY I 107 17.03 -14.96 2.53
N ALA I 108 17.04 -13.88 1.78
CA ALA I 108 18.17 -12.97 1.79
C ALA I 108 17.89 -11.86 2.80
N LEU I 109 18.74 -10.84 2.83
CA LEU I 109 18.53 -9.66 3.66
C LEU I 109 18.89 -8.45 2.83
N ASP I 110 17.90 -7.68 2.38
CA ASP I 110 18.15 -6.71 1.33
C ASP I 110 18.42 -5.30 1.82
N TYR I 111 18.06 -4.97 3.05
CA TYR I 111 18.17 -3.58 3.47
C TYR I 111 18.43 -3.53 4.96
N TRP I 112 19.56 -2.97 5.33
CA TRP I 112 20.03 -2.97 6.70
C TRP I 112 19.93 -1.57 7.29
N GLY I 113 20.35 -1.44 8.53
CA GLY I 113 20.35 -0.19 9.27
C GLY I 113 21.72 0.44 9.30
N GLN I 114 22.11 0.92 10.48
CA GLN I 114 23.43 1.54 10.61
C GLN I 114 24.13 1.24 11.93
N GLY I 115 23.63 0.29 12.71
CA GLY I 115 24.40 -0.22 13.83
C GLY I 115 24.29 0.58 15.10
N THR I 116 24.23 -0.13 16.23
CA THR I 116 24.21 0.50 17.55
C THR I 116 25.09 -0.35 18.45
N SER I 117 26.02 0.27 19.16
CA SER I 117 27.03 -0.45 19.92
C SER I 117 26.56 -0.73 21.33
N VAL I 118 26.83 -1.95 21.81
CA VAL I 118 26.51 -2.34 23.17
C VAL I 118 27.74 -3.01 23.76
N THR I 119 28.19 -2.51 24.91
CA THR I 119 29.43 -2.95 25.52
C THR I 119 29.15 -3.40 26.94
N VAL I 120 29.79 -4.50 27.33
CA VAL I 120 29.67 -5.09 28.66
C VAL I 120 31.05 -5.00 29.30
N SER I 121 31.18 -4.14 30.30
CA SER I 121 32.40 -4.05 31.09
C SER I 121 32.07 -3.47 32.45
N SER I 122 32.86 -3.86 33.44
CA SER I 122 32.65 -3.45 34.82
C SER I 122 33.51 -2.25 35.21
N ALA I 123 33.87 -1.41 34.25
CA ALA I 123 34.78 -0.31 34.52
C ALA I 123 33.98 0.95 34.91
N LYS I 124 34.67 2.08 35.01
CA LYS I 124 34.10 3.33 35.46
C LYS I 124 34.17 4.37 34.35
N THR I 125 33.53 5.50 34.59
CA THR I 125 33.48 6.59 33.61
C THR I 125 34.69 7.50 33.81
N THR I 126 35.53 7.61 32.77
CA THR I 126 36.74 8.40 32.82
C THR I 126 36.69 9.52 31.78
N ALA I 127 37.40 10.61 32.08
CA ALA I 127 37.62 11.79 31.27
C ALA I 127 38.94 11.70 30.54
N PRO I 128 38.99 12.11 29.27
CA PRO I 128 40.21 11.93 28.48
C PRO I 128 41.33 12.88 28.90
N SER I 129 42.55 12.48 28.55
CA SER I 129 43.75 13.30 28.76
C SER I 129 44.32 13.63 27.38
N VAL I 130 44.19 14.89 26.98
CA VAL I 130 44.50 15.33 25.62
C VAL I 130 45.67 16.29 25.67
N TYR I 131 46.71 16.01 24.87
CA TYR I 131 47.89 16.85 24.82
C TYR I 131 48.36 17.05 23.39
N PRO I 132 48.74 18.27 23.02
CA PRO I 132 49.31 18.51 21.69
C PRO I 132 50.77 18.07 21.63
N LEU I 133 51.30 18.03 20.41
CA LEU I 133 52.68 17.63 20.18
C LEU I 133 53.34 18.62 19.21
N ALA I 134 54.65 18.81 19.41
CA ALA I 134 55.43 19.71 18.58
C ALA I 134 56.82 19.11 18.37
N PRO I 135 57.38 19.22 17.17
CA PRO I 135 58.72 18.69 16.92
C PRO I 135 59.80 19.53 17.59
N VAL I 136 61.00 18.94 17.67
CA VAL I 136 62.12 19.61 18.33
C VAL I 136 62.73 20.67 17.42
N CYS I 137 62.99 20.34 16.16
CA CYS I 137 63.67 21.23 15.23
C CYS I 137 63.37 20.75 13.81
N GLY I 138 64.11 21.29 12.84
CA GLY I 138 63.98 20.86 11.47
C GLY I 138 65.29 20.94 10.73
N ASP I 139 65.68 19.84 10.07
CA ASP I 139 66.90 19.83 9.28
C ASP I 139 66.72 20.69 8.04
N THR I 140 67.48 21.79 7.97
CA THR I 140 67.40 22.84 6.95
C THR I 140 65.99 23.43 6.81
N THR I 141 65.26 23.48 7.93
CA THR I 141 63.87 23.97 8.11
C THR I 141 62.94 23.59 6.93
N GLY I 142 62.72 22.29 6.81
CA GLY I 142 61.86 21.78 5.76
C GLY I 142 60.41 22.22 5.93
N SER I 143 59.73 22.36 4.80
CA SER I 143 58.38 22.93 4.81
C SER I 143 57.35 21.95 5.33
N SER I 144 57.49 20.67 5.01
CA SER I 144 56.50 19.66 5.39
C SER I 144 56.63 19.38 6.88
N VAL I 145 55.95 20.18 7.70
CA VAL I 145 55.99 20.02 9.14
C VAL I 145 54.76 19.21 9.55
N THR I 146 54.85 18.54 10.69
CA THR I 146 53.77 17.69 11.19
C THR I 146 53.35 18.19 12.57
N LEU I 147 52.04 18.17 12.83
CA LEU I 147 51.49 18.52 14.14
C LEU I 147 50.53 17.43 14.59
N GLY I 148 50.61 17.06 15.87
CA GLY I 148 49.90 15.90 16.36
C GLY I 148 49.18 16.15 17.67
N CYS I 149 48.31 15.21 18.00
CA CYS I 149 47.45 15.26 19.19
C CYS I 149 47.34 13.86 19.78
N LEU I 150 47.48 13.76 21.11
CA LEU I 150 47.48 12.49 21.81
C LEU I 150 46.35 12.48 22.83
N VAL I 151 45.48 11.48 22.74
CA VAL I 151 44.32 11.35 23.61
C VAL I 151 44.49 10.03 24.36
N LYS I 152 44.99 10.11 25.59
CA LYS I 152 45.24 8.94 26.42
C LYS I 152 44.30 8.94 27.61
N GLY I 153 43.81 7.76 27.98
CA GLY I 153 43.08 7.62 29.22
C GLY I 153 41.64 8.07 29.16
N TYR I 154 40.83 7.40 28.36
CA TYR I 154 39.41 7.68 28.31
C TYR I 154 38.64 6.38 28.16
N PHE I 155 37.41 6.38 28.70
CA PHE I 155 36.52 5.23 28.70
C PHE I 155 35.12 5.74 29.02
N PRO I 156 34.06 5.18 28.42
CA PRO I 156 34.06 4.19 27.34
C PRO I 156 33.99 4.79 25.94
N GLU I 157 33.88 3.89 24.96
CA GLU I 157 33.72 4.26 23.56
C GLU I 157 32.39 5.00 23.37
N PRO I 158 32.32 5.99 22.45
CA PRO I 158 33.22 6.57 21.45
C PRO I 158 34.00 7.83 21.84
N VAL I 159 34.65 8.42 20.83
CA VAL I 159 35.35 9.69 20.97
C VAL I 159 35.41 10.30 19.58
N THR I 160 35.59 11.62 19.52
CA THR I 160 35.67 12.34 18.25
C THR I 160 36.84 13.31 18.29
N LEU I 161 37.68 13.27 17.25
CA LEU I 161 38.88 14.10 17.17
C LEU I 161 38.83 14.91 15.89
N THR I 162 38.91 16.24 16.01
CA THR I 162 38.94 17.15 14.88
C THR I 162 40.09 18.14 15.05
N TRP I 163 40.36 18.91 13.99
CA TRP I 163 41.32 19.99 14.02
C TRP I 163 40.58 21.28 13.65
N ASN I 164 40.59 22.25 14.58
CA ASN I 164 39.87 23.52 14.48
C ASN I 164 38.38 23.28 14.20
N SER I 165 37.80 22.36 14.98
CA SER I 165 36.40 21.93 14.89
C SER I 165 36.04 21.43 13.47
N GLY I 166 36.97 20.71 12.86
CA GLY I 166 36.72 20.11 11.57
C GLY I 166 37.00 21.03 10.40
N SER I 167 38.07 21.80 10.50
CA SER I 167 38.44 22.70 9.41
C SER I 167 39.13 21.95 8.28
N LEU I 168 40.28 21.34 8.59
CA LEU I 168 41.06 20.64 7.57
C LEU I 168 40.50 19.25 7.32
N SER I 169 40.79 18.72 6.13
CA SER I 169 40.34 17.38 5.77
C SER I 169 41.39 16.59 4.99
N SER I 170 42.59 17.14 4.79
CA SER I 170 43.63 16.48 4.03
C SER I 170 44.92 16.44 4.83
N GLY I 171 45.69 15.36 4.66
CA GLY I 171 46.93 15.18 5.37
C GLY I 171 46.80 14.65 6.78
N VAL I 172 45.59 14.57 7.31
CA VAL I 172 45.37 14.07 8.66
C VAL I 172 45.27 12.55 8.60
N HIS I 173 45.74 11.89 9.66
CA HIS I 173 45.68 10.43 9.76
C HIS I 173 45.16 10.06 11.15
N THR I 174 43.84 9.87 11.25
CA THR I 174 43.27 9.40 12.50
C THR I 174 43.51 7.90 12.66
N PHE I 175 43.75 7.48 13.91
CA PHE I 175 44.28 6.18 14.24
C PHE I 175 43.30 5.41 15.12
N PRO I 176 43.34 4.07 15.08
CA PRO I 176 42.50 3.30 16.01
C PRO I 176 43.11 3.24 17.40
N ALA I 177 42.23 3.24 18.40
CA ALA I 177 42.65 3.26 19.79
C ALA I 177 42.96 1.85 20.30
N VAL I 178 43.68 1.79 21.41
CA VAL I 178 44.00 0.52 22.08
C VAL I 178 43.49 0.63 23.52
N LEU I 179 42.79 -0.40 23.96
CA LEU I 179 42.19 -0.44 25.30
C LEU I 179 43.16 -1.14 26.25
N GLN I 180 43.85 -0.35 27.08
CA GLN I 180 44.70 -0.86 28.14
C GLN I 180 44.26 -0.26 29.47
N SER I 181 44.16 -1.12 30.49
CA SER I 181 43.89 -0.73 31.88
C SER I 181 42.59 0.06 32.01
N ASP I 182 41.56 -0.42 31.31
CA ASP I 182 40.23 0.20 31.21
C ASP I 182 40.29 1.63 30.66
N LEU I 183 41.28 1.92 29.82
CA LEU I 183 41.44 3.25 29.22
C LEU I 183 41.85 3.11 27.77
N TYR I 184 41.30 3.95 26.92
CA TYR I 184 41.69 3.92 25.52
C TYR I 184 42.82 4.90 25.25
N THR I 185 43.73 4.51 24.35
CA THR I 185 44.84 5.35 23.93
C THR I 185 44.75 5.53 22.43
N LEU I 186 44.79 6.79 21.98
CA LEU I 186 44.63 7.15 20.58
C LEU I 186 45.55 8.32 20.27
N SER I 187 45.96 8.40 19.00
CA SER I 187 46.85 9.47 18.56
C SER I 187 46.48 9.90 17.16
N SER I 188 46.95 11.09 16.76
CA SER I 188 46.67 11.58 15.42
C SER I 188 47.72 12.62 15.04
N SER I 189 47.93 12.76 13.73
CA SER I 189 48.82 13.79 13.22
C SER I 189 48.31 14.31 11.88
N VAL I 190 48.85 15.44 11.47
CA VAL I 190 48.50 16.08 10.20
C VAL I 190 49.73 16.85 9.72
N THR I 191 49.99 16.76 8.41
CA THR I 191 51.16 17.39 7.80
C THR I 191 50.73 18.65 7.06
N VAL I 192 51.32 19.78 7.44
CA VAL I 192 51.04 21.07 6.82
C VAL I 192 52.38 21.70 6.40
N THR I 193 52.28 22.93 5.89
CA THR I 193 53.44 23.68 5.43
C THR I 193 54.00 24.49 6.59
N SER I 194 55.34 24.59 6.65
CA SER I 194 56.00 25.37 7.69
C SER I 194 55.87 26.88 7.52
N SER I 195 55.18 27.35 6.48
CA SER I 195 54.75 28.74 6.41
C SER I 195 53.39 28.94 7.05
N THR I 196 52.55 27.90 7.08
CA THR I 196 51.26 28.00 7.73
C THR I 196 51.41 28.01 9.25
N TRP I 197 52.25 27.14 9.78
CA TRP I 197 52.55 27.05 11.21
C TRP I 197 53.95 27.60 11.46
N PRO I 198 54.18 28.40 12.51
CA PRO I 198 53.26 28.89 13.57
C PRO I 198 52.38 30.08 13.19
N SER I 199 52.33 30.46 11.91
CA SER I 199 51.55 31.64 11.53
C SER I 199 50.04 31.39 11.64
N GLN I 200 49.61 30.13 11.60
CA GLN I 200 48.22 29.76 11.81
C GLN I 200 48.19 28.55 12.73
N SER I 201 47.95 28.79 14.01
CA SER I 201 47.97 27.74 15.01
C SER I 201 46.68 26.94 14.94
N ILE I 202 46.80 25.63 14.74
CA ILE I 202 45.64 24.75 14.68
C ILE I 202 45.35 24.20 16.07
N THR I 203 44.13 23.73 16.28
CA THR I 203 43.66 23.32 17.60
C THR I 203 43.02 21.94 17.51
N CYS I 204 43.61 20.98 18.23
CA CYS I 204 43.00 19.67 18.40
C CYS I 204 41.76 19.80 19.28
N ASN I 205 40.63 19.33 18.76
CA ASN I 205 39.36 19.38 19.47
C ASN I 205 38.88 17.96 19.71
N VAL I 206 38.66 17.60 20.97
CA VAL I 206 38.31 16.24 21.36
C VAL I 206 36.98 16.26 22.08
N ALA I 207 36.04 15.46 21.59
CA ALA I 207 34.71 15.32 22.18
C ALA I 207 34.56 13.90 22.74
N HIS I 208 34.29 13.81 24.04
CA HIS I 208 34.13 12.55 24.75
C HIS I 208 32.75 12.59 25.40
N PRO I 209 31.69 12.28 24.65
CA PRO I 209 30.33 12.45 25.19
C PRO I 209 29.92 11.40 26.21
N ALA I 210 30.68 10.30 26.34
CA ALA I 210 30.39 9.33 27.38
C ALA I 210 30.67 9.88 28.76
N SER I 211 31.63 10.79 28.87
CA SER I 211 31.83 11.58 30.07
C SER I 211 31.52 13.06 29.86
N SER I 212 31.09 13.42 28.63
CA SER I 212 30.72 14.78 28.24
C SER I 212 31.86 15.77 28.46
N THR I 213 32.95 15.55 27.73
CA THR I 213 34.19 16.29 27.93
C THR I 213 34.62 16.89 26.59
N LYS I 214 34.77 18.21 26.55
CA LYS I 214 35.18 18.91 25.34
C LYS I 214 36.52 19.59 25.60
N VAL I 215 37.57 19.10 24.95
CA VAL I 215 38.94 19.56 25.19
C VAL I 215 39.45 20.26 23.93
N ASP I 216 40.01 21.45 24.11
CA ASP I 216 40.60 22.23 23.03
C ASP I 216 42.06 22.50 23.36
N LYS I 217 42.97 21.97 22.54
CA LYS I 217 44.40 22.08 22.80
C LYS I 217 45.12 22.61 21.55
N LYS I 218 45.85 23.70 21.71
CA LYS I 218 46.66 24.26 20.64
C LYS I 218 48.13 23.91 20.86
N ILE I 219 48.89 23.94 19.77
CA ILE I 219 50.27 23.48 19.75
C ILE I 219 51.20 24.65 20.05
N GLU I 220 52.07 24.48 21.04
CA GLU I 220 53.08 25.49 21.35
C GLU I 220 54.35 25.19 20.56
N PRO I 221 54.83 26.13 19.73
CA PRO I 221 56.01 25.88 18.87
C PRO I 221 57.35 25.87 19.61
N ARG I 222 57.67 24.69 20.18
CA ARG I 222 58.96 24.37 20.79
C ARG I 222 59.30 25.34 21.94
N GLY I 223 58.50 25.22 22.99
CA GLY I 223 58.80 25.88 24.24
C GLY I 223 60.02 25.26 24.89
N PRO I 224 61.08 26.03 25.07
CA PRO I 224 62.32 25.47 25.62
C PRO I 224 62.22 25.22 27.10
N THR I 225 62.98 24.21 27.57
CA THR I 225 63.01 23.83 28.97
C THR I 225 64.25 24.48 29.59
N ILE I 226 64.12 25.77 29.91
CA ILE I 226 65.17 26.55 30.53
C ILE I 226 64.58 27.32 31.71
N LYS I 227 65.43 27.65 32.68
CA LYS I 227 65.02 28.41 33.85
C LYS I 227 66.21 29.18 34.41
N PRO I 228 66.30 30.51 34.15
CA PRO I 228 67.40 31.32 34.67
C PRO I 228 67.29 31.58 36.16
N GLU J 1 -20.22 33.38 -10.80
CA GLU J 1 -19.84 32.14 -10.12
C GLU J 1 -20.04 32.29 -8.62
N ILE J 2 -19.75 31.23 -7.88
CA ILE J 2 -19.89 31.25 -6.44
C ILE J 2 -18.72 32.03 -5.85
N VAL J 3 -18.98 33.25 -5.37
CA VAL J 3 -17.93 34.12 -4.86
C VAL J 3 -18.19 34.37 -3.39
N LEU J 4 -17.11 34.60 -2.64
CA LEU J 4 -17.15 34.76 -1.19
C LEU J 4 -17.19 36.22 -0.79
N THR J 5 -17.33 36.44 0.52
CA THR J 5 -17.28 37.77 1.12
C THR J 5 -16.81 37.60 2.56
N GLN J 6 -15.71 38.24 2.90
CA GLN J 6 -15.18 38.18 4.26
C GLN J 6 -15.41 39.48 5.00
N SER J 7 -15.31 39.38 6.32
CA SER J 7 -15.42 40.49 7.25
C SER J 7 -14.83 40.04 8.58
N PRO J 8 -14.05 40.90 9.26
CA PRO J 8 -13.63 42.23 8.83
C PRO J 8 -12.40 42.13 7.95
N ALA J 9 -11.88 43.26 7.49
CA ALA J 9 -10.59 43.24 6.80
C ALA J 9 -9.47 42.92 7.78
N LEU J 10 -9.38 43.68 8.86
CA LEU J 10 -8.35 43.49 9.88
C LEU J 10 -9.00 43.53 11.25
N MET J 11 -8.31 42.94 12.22
CA MET J 11 -8.75 42.97 13.61
C MET J 11 -7.55 42.68 14.49
N ALA J 12 -7.42 43.45 15.57
CA ALA J 12 -6.35 43.27 16.53
C ALA J 12 -6.92 42.96 17.89
N ALA J 13 -6.19 42.17 18.68
CA ALA J 13 -6.72 41.74 19.97
C ALA J 13 -5.58 41.46 20.94
N SER J 14 -5.88 41.63 22.22
CA SER J 14 -5.17 41.32 23.45
C SER J 14 -5.42 39.88 23.84
N PRO J 15 -4.43 39.20 24.41
CA PRO J 15 -4.60 37.79 24.78
C PRO J 15 -5.63 37.61 25.89
N GLY J 16 -6.22 36.43 25.92
CA GLY J 16 -7.32 36.17 26.83
C GLY J 16 -8.57 36.85 26.35
N GLU J 17 -9.10 36.42 25.21
CA GLU J 17 -10.25 37.08 24.62
C GLU J 17 -10.96 36.08 23.72
N LYS J 18 -12.28 36.19 23.68
CA LYS J 18 -13.16 35.34 22.87
C LYS J 18 -13.65 36.18 21.69
N VAL J 19 -12.99 36.05 20.55
CA VAL J 19 -13.31 36.84 19.38
C VAL J 19 -14.01 35.96 18.36
N THR J 20 -14.56 36.58 17.32
CA THR J 20 -15.38 35.88 16.35
C THR J 20 -15.16 36.48 14.97
N ILE J 21 -14.86 35.61 14.00
CA ILE J 21 -14.65 36.02 12.62
C ILE J 21 -15.67 35.35 11.74
N THR J 22 -16.00 35.99 10.61
CA THR J 22 -17.12 35.60 9.78
C THR J 22 -16.68 35.28 8.36
N CYS J 23 -17.60 34.65 7.62
CA CYS J 23 -17.43 34.34 6.22
C CYS J 23 -18.83 34.13 5.64
N SER J 24 -19.07 34.71 4.46
CA SER J 24 -20.39 34.61 3.85
C SER J 24 -20.24 34.45 2.35
N VAL J 25 -21.38 34.20 1.70
CA VAL J 25 -21.38 33.75 0.31
C VAL J 25 -22.75 34.04 -0.28
N SER J 26 -22.82 34.13 -1.61
CA SER J 26 -23.98 34.62 -2.34
C SER J 26 -24.95 33.52 -2.74
N LEU J 27 -24.88 32.35 -2.13
CA LEU J 27 -25.82 31.27 -2.43
C LEU J 27 -25.78 30.27 -1.26
N SER J 28 -26.91 29.63 -1.01
CA SER J 28 -26.99 28.64 0.07
C SER J 28 -26.14 27.43 -0.27
N ILE J 29 -25.25 27.05 0.65
CA ILE J 29 -24.24 26.02 0.43
C ILE J 29 -24.24 25.09 1.64
N SER J 30 -24.23 23.79 1.38
CA SER J 30 -24.31 22.78 2.43
C SER J 30 -23.09 22.82 3.34
N SER J 31 -23.27 22.31 4.55
CA SER J 31 -22.25 22.42 5.58
C SER J 31 -21.26 21.28 5.56
N SER J 32 -21.37 20.35 4.64
CA SER J 32 -20.43 19.25 4.59
C SER J 32 -19.23 19.54 3.71
N ASN J 33 -19.26 20.63 2.94
CA ASN J 33 -18.14 21.03 2.11
C ASN J 33 -17.89 22.53 2.28
N LEU J 34 -17.09 22.87 3.29
CA LEU J 34 -16.63 24.22 3.59
C LEU J 34 -15.47 24.11 4.57
N PHE J 35 -14.33 24.72 4.27
CA PHE J 35 -13.13 24.42 5.02
C PHE J 35 -12.47 25.71 5.50
N TRP J 36 -11.50 25.57 6.40
CA TRP J 36 -10.74 26.72 6.86
C TRP J 36 -9.25 26.46 6.71
N TYR J 37 -8.48 27.54 6.56
CA TYR J 37 -7.03 27.44 6.45
C TYR J 37 -6.36 28.55 7.22
N GLN J 38 -5.13 28.28 7.63
CA GLN J 38 -4.34 29.18 8.44
C GLN J 38 -2.99 29.40 7.78
N GLN J 39 -2.54 30.65 7.76
CA GLN J 39 -1.25 30.97 7.14
C GLN J 39 -0.47 31.90 8.06
N LYS J 40 0.73 31.48 8.44
CA LYS J 40 1.69 32.32 9.14
C LYS J 40 2.49 33.11 8.12
N SER J 41 3.57 33.74 8.57
CA SER J 41 4.49 34.37 7.64
C SER J 41 5.46 33.33 7.11
N GLU J 42 5.70 33.36 5.80
CA GLU J 42 6.62 32.49 5.06
C GLU J 42 6.28 31.02 5.18
N THR J 43 5.03 30.68 5.41
CA THR J 43 4.60 29.29 5.54
C THR J 43 3.57 28.99 4.47
N SER J 44 3.74 27.87 3.79
CA SER J 44 2.68 27.35 2.96
C SER J 44 1.51 26.98 3.86
N PRO J 45 0.29 27.42 3.55
CA PRO J 45 -0.82 27.27 4.47
C PRO J 45 -1.22 25.82 4.70
N LYS J 46 -1.85 25.58 5.85
CA LYS J 46 -2.12 24.27 6.43
C LYS J 46 -3.62 24.08 6.66
N PRO J 47 -4.10 22.83 6.59
CA PRO J 47 -5.53 22.60 6.81
C PRO J 47 -5.88 22.79 8.27
N TRP J 48 -7.00 23.42 8.50
CA TRP J 48 -7.21 23.74 9.90
C TRP J 48 -8.57 23.33 10.43
N ILE J 49 -9.63 23.45 9.64
CA ILE J 49 -10.97 23.01 10.05
C ILE J 49 -11.64 22.33 8.88
N TYR J 50 -12.00 21.05 9.05
CA TYR J 50 -12.76 20.31 8.06
C TYR J 50 -14.24 20.34 8.40
N GLY J 51 -15.07 20.58 7.38
CA GLY J 51 -16.49 20.37 7.49
C GLY J 51 -17.22 21.24 8.48
N THR J 52 -16.66 22.43 8.78
CA THR J 52 -17.18 23.50 9.65
C THR J 52 -17.67 23.03 11.03
N SER J 53 -17.26 21.85 11.49
CA SER J 53 -17.58 21.43 12.84
C SER J 53 -16.47 20.69 13.56
N LYS J 54 -15.38 20.34 12.88
CA LYS J 54 -14.40 19.41 13.40
C LYS J 54 -13.01 20.01 13.29
N LEU J 55 -12.20 19.80 14.31
CA LEU J 55 -10.82 20.24 14.22
C LEU J 55 -10.00 19.26 13.39
N ALA J 56 -8.85 19.73 12.94
CA ALA J 56 -7.94 18.84 12.23
C ALA J 56 -7.01 18.17 13.24
N SER J 57 -6.08 17.36 12.76
CA SER J 57 -5.17 16.68 13.66
C SER J 57 -4.10 17.65 14.16
N GLY J 58 -3.82 17.59 15.46
CA GLY J 58 -2.85 18.46 16.08
C GLY J 58 -3.36 19.84 16.45
N VAL J 59 -4.59 20.15 16.12
CA VAL J 59 -5.15 21.46 16.48
C VAL J 59 -5.46 21.48 17.97
N PRO J 60 -5.14 22.55 18.68
CA PRO J 60 -5.60 22.66 20.07
C PRO J 60 -7.12 22.78 20.13
N VAL J 61 -7.67 22.43 21.28
CA VAL J 61 -9.11 22.19 21.40
C VAL J 61 -9.84 23.45 21.84
N ARG J 62 -9.20 24.60 21.65
CA ARG J 62 -9.82 25.86 22.01
C ARG J 62 -10.54 26.52 20.86
N PHE J 63 -10.56 25.93 19.69
CA PHE J 63 -11.19 26.53 18.53
C PHE J 63 -12.45 25.78 18.14
N SER J 64 -13.38 26.53 17.56
CA SER J 64 -14.62 25.95 17.06
C SER J 64 -15.16 26.85 15.98
N GLY J 65 -15.98 26.27 15.12
CA GLY J 65 -16.67 27.03 14.11
C GLY J 65 -18.05 26.46 13.91
N SER J 66 -18.96 27.31 13.42
CA SER J 66 -20.34 26.88 13.23
C SER J 66 -20.97 27.77 12.17
N GLY J 67 -22.28 27.59 11.98
CA GLY J 67 -23.03 28.31 10.98
C GLY J 67 -23.67 27.37 9.97
N SER J 68 -24.37 27.98 9.02
CA SER J 68 -25.07 27.28 7.94
C SER J 68 -25.51 28.31 6.93
N GLY J 69 -26.20 27.85 5.88
CA GLY J 69 -26.84 28.71 4.92
C GLY J 69 -25.89 29.58 4.11
N THR J 70 -25.86 30.87 4.44
CA THR J 70 -24.90 31.80 3.86
C THR J 70 -24.16 32.55 4.96
N SER J 71 -23.93 31.89 6.09
CA SER J 71 -23.28 32.56 7.22
C SER J 71 -22.49 31.54 8.01
N TYR J 72 -21.18 31.74 8.09
CA TYR J 72 -20.30 30.80 8.75
C TYR J 72 -19.32 31.58 9.60
N SER J 73 -18.93 31.01 10.73
CA SER J 73 -18.15 31.79 11.67
C SER J 73 -17.24 30.89 12.49
N LEU J 74 -16.15 31.50 12.95
CA LEU J 74 -15.19 30.86 13.84
C LEU J 74 -15.12 31.66 15.13
N THR J 75 -14.94 30.95 16.25
CA THR J 75 -14.91 31.56 17.57
C THR J 75 -13.62 31.15 18.27
N ILE J 76 -12.84 32.14 18.71
CA ILE J 76 -11.66 31.91 19.53
C ILE J 76 -12.04 32.17 20.99
N SER J 77 -11.80 31.18 21.84
CA SER J 77 -12.16 31.29 23.25
C SER J 77 -11.17 32.18 24.01
N SER J 78 -9.88 31.87 23.93
CA SER J 78 -8.86 32.62 24.65
C SER J 78 -7.63 32.75 23.76
N MET J 79 -7.24 33.97 23.44
CA MET J 79 -6.22 34.18 22.43
C MET J 79 -4.84 33.90 22.99
N GLU J 80 -4.04 33.17 22.23
CA GLU J 80 -2.76 32.67 22.67
C GLU J 80 -1.63 33.55 22.17
N ALA J 81 -0.40 33.10 22.39
CA ALA J 81 0.78 33.90 22.05
C ALA J 81 1.16 33.78 20.58
N GLU J 82 0.72 32.74 19.90
CA GLU J 82 1.17 32.47 18.54
C GLU J 82 0.06 32.55 17.50
N ASP J 83 -1.06 33.21 17.83
CA ASP J 83 -2.23 33.21 16.97
C ASP J 83 -2.40 34.53 16.21
N ALA J 84 -1.29 35.12 15.79
CA ALA J 84 -1.30 36.25 14.87
C ALA J 84 -0.98 35.69 13.50
N ALA J 85 -2.02 35.50 12.69
CA ALA J 85 -1.84 34.84 11.40
C ALA J 85 -2.86 35.45 10.44
N THR J 86 -3.09 34.76 9.33
CA THR J 86 -4.12 35.17 8.38
C THR J 86 -4.98 33.94 8.06
N TYR J 87 -6.29 34.13 8.07
CA TYR J 87 -7.23 33.01 8.00
C TYR J 87 -8.01 33.03 6.71
N TYR J 88 -8.40 31.85 6.23
CA TYR J 88 -9.11 31.71 4.97
C TYR J 88 -10.27 30.74 5.10
N CYS J 89 -11.35 31.01 4.38
CA CYS J 89 -12.49 30.11 4.28
C CYS J 89 -12.67 29.65 2.84
N GLN J 90 -12.77 28.33 2.64
CA GLN J 90 -12.79 27.69 1.33
C GLN J 90 -14.14 27.06 1.07
N GLN J 91 -14.54 27.04 -0.21
CA GLN J 91 -15.82 26.48 -0.65
C GLN J 91 -15.63 25.76 -1.97
N TRP J 92 -16.31 24.61 -2.12
CA TRP J 92 -16.33 23.90 -3.39
C TRP J 92 -17.65 24.15 -4.10
N SER J 93 -17.62 24.02 -5.42
CA SER J 93 -18.62 24.58 -6.31
C SER J 93 -18.87 23.57 -7.41
N SER J 94 -19.34 24.05 -8.56
CA SER J 94 -19.67 23.16 -9.70
C SER J 94 -18.48 22.34 -10.14
N HIS J 95 -17.44 22.98 -10.66
CA HIS J 95 -16.17 22.28 -10.82
C HIS J 95 -14.98 23.17 -10.54
N SER J 96 -15.11 24.13 -9.64
CA SER J 96 -14.02 25.08 -9.51
C SER J 96 -13.90 25.55 -8.07
N PHE J 97 -12.67 25.58 -7.57
CA PHE J 97 -12.41 26.02 -6.22
C PHE J 97 -12.61 27.53 -6.10
N THR J 98 -12.69 27.99 -4.86
CA THR J 98 -12.95 29.39 -4.57
C THR J 98 -12.41 29.72 -3.20
N PHE J 99 -11.55 30.72 -3.10
CA PHE J 99 -11.02 31.13 -1.81
C PHE J 99 -11.54 32.51 -1.44
N GLY J 100 -11.29 32.86 -0.18
CA GLY J 100 -11.75 34.12 0.36
C GLY J 100 -10.81 35.27 0.07
N GLY J 101 -10.55 36.09 1.08
CA GLY J 101 -9.70 37.25 0.92
C GLY J 101 -8.72 37.42 2.04
N GLY J 102 -8.79 36.57 3.05
CA GLY J 102 -7.87 36.64 4.16
C GLY J 102 -8.29 37.61 5.24
N THR J 103 -8.14 37.21 6.50
CA THR J 103 -8.39 38.11 7.62
C THR J 103 -7.27 37.90 8.63
N LYS J 104 -6.67 39.00 9.09
CA LYS J 104 -5.38 38.98 9.76
C LYS J 104 -5.53 39.46 11.19
N LEU J 105 -4.80 38.82 12.10
CA LEU J 105 -4.83 39.17 13.52
C LEU J 105 -3.54 39.86 13.96
N GLU J 106 -3.68 40.68 15.01
CA GLU J 106 -2.55 41.39 15.59
C GLU J 106 -2.66 41.38 17.11
N ILE J 107 -1.51 41.36 17.78
CA ILE J 107 -1.46 41.45 19.23
C ILE J 107 -1.42 42.91 19.65
N LYS J 108 -2.44 43.36 20.38
CA LYS J 108 -2.36 44.67 21.00
C LYS J 108 -1.47 44.62 22.23
N ARG J 109 -0.82 45.74 22.52
CA ARG J 109 0.21 45.79 23.54
C ARG J 109 0.34 47.24 23.98
N ALA J 110 1.00 47.47 25.11
CA ALA J 110 1.27 48.81 25.58
C ALA J 110 2.27 49.52 24.65
N ASP J 111 2.21 50.85 24.67
CA ASP J 111 2.99 51.67 23.77
C ASP J 111 4.46 51.70 24.17
N ALA J 112 5.30 52.20 23.28
CA ALA J 112 6.73 52.31 23.49
C ALA J 112 7.24 53.52 22.73
N ALA J 113 8.55 53.58 22.52
CA ALA J 113 9.19 54.67 21.80
C ALA J 113 10.03 54.12 20.67
N PRO J 114 10.06 54.80 19.52
CA PRO J 114 10.85 54.29 18.38
C PRO J 114 12.34 54.58 18.57
N THR J 115 13.16 53.55 18.33
CA THR J 115 14.61 53.72 18.31
C THR J 115 15.00 54.24 16.93
N VAL J 116 15.34 55.52 16.86
CA VAL J 116 15.48 56.24 15.60
C VAL J 116 16.94 56.62 15.43
N SER J 117 17.48 56.37 14.24
CA SER J 117 18.83 56.78 13.88
C SER J 117 18.83 57.31 12.46
N ILE J 118 19.81 58.16 12.15
CA ILE J 118 20.01 58.67 10.81
C ILE J 118 21.45 58.41 10.39
N PHE J 119 21.64 57.93 9.16
CA PHE J 119 22.93 57.51 8.64
C PHE J 119 23.24 58.26 7.35
N PRO J 120 24.40 58.93 7.29
CA PRO J 120 24.87 59.52 6.04
C PRO J 120 25.33 58.46 5.07
N PRO J 121 25.47 58.79 3.78
CA PRO J 121 25.94 57.80 2.81
C PRO J 121 27.41 57.44 3.03
N SER J 122 27.78 56.28 2.49
CA SER J 122 29.16 55.83 2.55
C SER J 122 30.01 56.61 1.56
N SER J 123 31.33 56.52 1.74
CA SER J 123 32.25 57.23 0.86
C SER J 123 32.35 56.56 -0.51
N GLU J 124 32.21 55.23 -0.56
CA GLU J 124 32.26 54.53 -1.83
C GLU J 124 31.01 54.81 -2.67
N GLN J 125 29.88 55.03 -2.02
CA GLN J 125 28.68 55.48 -2.72
C GLN J 125 28.87 56.88 -3.29
N LEU J 126 29.60 57.74 -2.57
CA LEU J 126 29.88 59.07 -3.09
C LEU J 126 30.86 59.03 -4.26
N THR J 127 31.83 58.11 -4.23
CA THR J 127 32.70 57.93 -5.39
C THR J 127 31.94 57.29 -6.55
N SER J 128 30.87 56.54 -6.25
CA SER J 128 30.01 56.02 -7.30
C SER J 128 29.20 57.13 -7.98
N GLY J 129 28.98 58.25 -7.30
CA GLY J 129 28.26 59.36 -7.88
C GLY J 129 26.89 59.62 -7.29
N GLY J 130 26.46 58.83 -6.32
CA GLY J 130 25.16 58.99 -5.69
C GLY J 130 25.27 59.13 -4.19
N ALA J 131 24.09 59.22 -3.56
CA ALA J 131 24.00 59.37 -2.11
C ALA J 131 22.62 58.91 -1.66
N SER J 132 22.56 58.36 -0.46
CA SER J 132 21.28 57.95 0.12
C SER J 132 21.38 58.07 1.64
N VAL J 133 20.67 59.06 2.19
CA VAL J 133 20.59 59.23 3.63
C VAL J 133 19.50 58.32 4.17
N VAL J 134 19.85 57.48 5.15
CA VAL J 134 18.96 56.41 5.58
C VAL J 134 18.59 56.63 7.04
N CYS J 135 17.30 56.80 7.31
CA CYS J 135 16.79 56.97 8.67
C CYS J 135 16.08 55.67 9.06
N PHE J 136 16.67 54.96 10.01
CA PHE J 136 16.08 53.75 10.56
C PHE J 136 15.20 54.09 11.75
N LEU J 137 14.08 53.36 11.86
CA LEU J 137 13.16 53.53 12.99
C LEU J 137 12.76 52.13 13.41
N ASN J 138 13.38 51.61 14.47
CA ASN J 138 13.21 50.22 14.87
C ASN J 138 12.47 50.13 16.20
N ASN J 139 11.77 48.99 16.38
CA ASN J 139 11.18 48.56 17.65
C ASN J 139 10.15 49.56 18.19
N PHE J 140 9.07 49.74 17.43
CA PHE J 140 8.01 50.66 17.85
C PHE J 140 6.64 50.02 17.70
N TYR J 141 5.68 50.62 18.40
CA TYR J 141 4.27 50.27 18.41
C TYR J 141 3.51 51.59 18.39
N PRO J 142 2.39 51.69 17.66
CA PRO J 142 1.78 50.69 16.76
C PRO J 142 2.39 50.74 15.36
N LYS J 143 1.63 50.23 14.38
CA LYS J 143 2.11 50.19 13.01
C LYS J 143 2.19 51.58 12.39
N ASP J 144 1.26 52.46 12.73
CA ASP J 144 1.22 53.79 12.12
C ASP J 144 2.35 54.66 12.65
N ILE J 145 3.10 55.25 11.71
CA ILE J 145 4.23 56.11 12.05
C ILE J 145 4.47 57.02 10.86
N ASN J 146 4.97 58.23 11.13
CA ASN J 146 5.18 59.22 10.09
C ASN J 146 6.51 59.93 10.29
N VAL J 147 7.22 60.17 9.18
CA VAL J 147 8.51 60.84 9.19
C VAL J 147 8.51 61.99 8.19
N LYS J 148 9.43 62.92 8.41
CA LYS J 148 9.63 64.07 7.54
C LYS J 148 11.13 64.29 7.35
N TRP J 149 11.48 64.92 6.24
CA TRP J 149 12.85 65.32 5.98
C TRP J 149 12.98 66.84 6.08
N LYS J 150 14.14 67.29 6.55
CA LYS J 150 14.48 68.71 6.60
C LYS J 150 15.93 68.88 6.16
N ILE J 151 16.13 69.61 5.06
CA ILE J 151 17.46 69.85 4.51
C ILE J 151 17.69 71.35 4.50
N ASP J 152 18.54 71.82 5.43
CA ASP J 152 18.82 73.25 5.66
C ASP J 152 17.54 74.05 5.89
N GLY J 153 16.61 73.46 6.64
CA GLY J 153 15.31 74.05 6.88
C GLY J 153 14.26 73.71 5.86
N SER J 154 14.66 73.42 4.62
CA SER J 154 13.69 73.09 3.57
C SER J 154 13.21 71.66 3.72
N GLU J 155 11.90 71.47 3.62
CA GLU J 155 11.29 70.14 3.70
C GLU J 155 11.27 69.54 2.30
N ARG J 156 12.08 68.51 2.08
CA ARG J 156 12.18 67.85 0.80
C ARG J 156 11.47 66.50 0.83
N GLN J 157 10.67 66.23 -0.20
CA GLN J 157 9.96 64.97 -0.34
C GLN J 157 10.30 64.24 -1.63
N ASN J 158 11.31 64.71 -2.37
CA ASN J 158 11.68 64.12 -3.65
C ASN J 158 12.75 63.05 -3.41
N GLY J 159 12.38 61.79 -3.66
CA GLY J 159 13.29 60.69 -3.45
C GLY J 159 13.10 59.93 -2.15
N VAL J 160 11.89 59.93 -1.59
CA VAL J 160 11.63 59.30 -0.30
C VAL J 160 11.12 57.89 -0.54
N LEU J 161 11.78 56.91 0.10
CA LEU J 161 11.41 55.50 0.02
C LEU J 161 11.13 55.02 1.42
N ASN J 162 9.89 54.66 1.69
CA ASN J 162 9.46 54.21 3.01
C ASN J 162 9.10 52.74 2.97
N SER J 163 9.49 52.01 4.02
CA SER J 163 9.26 50.56 4.06
C SER J 163 8.96 50.13 5.48
N TRP J 164 7.79 49.53 5.68
CA TRP J 164 7.40 48.98 6.97
C TRP J 164 7.80 47.52 7.09
N THR J 165 7.43 46.90 8.21
CA THR J 165 7.76 45.50 8.47
C THR J 165 6.54 44.78 9.02
N ASP J 166 6.75 43.53 9.40
CA ASP J 166 5.74 42.72 10.07
C ASP J 166 5.79 43.01 11.56
N GLN J 167 4.66 42.76 12.24
CA GLN J 167 4.63 42.79 13.68
C GLN J 167 5.54 41.71 14.25
N ASP J 168 6.31 42.06 15.28
CA ASP J 168 7.34 41.16 15.79
C ASP J 168 6.72 40.01 16.57
N SER J 169 7.39 38.87 16.51
CA SER J 169 7.05 37.71 17.32
C SER J 169 7.84 37.63 18.61
N LYS J 170 8.77 38.56 18.84
CA LYS J 170 9.58 38.59 20.04
C LYS J 170 9.02 39.55 21.09
N ASP J 171 8.71 40.78 20.70
CA ASP J 171 8.17 41.75 21.63
C ASP J 171 7.03 42.57 21.04
N SER J 172 6.50 42.17 19.87
CA SER J 172 5.35 42.79 19.20
C SER J 172 5.61 44.28 18.89
N THR J 173 6.62 44.51 18.07
CA THR J 173 7.01 45.85 17.65
C THR J 173 6.97 45.95 16.13
N TYR J 174 7.43 47.08 15.61
CA TYR J 174 7.50 47.32 14.18
C TYR J 174 8.83 47.98 13.84
N SER J 175 9.21 47.89 12.58
CA SER J 175 10.44 48.51 12.09
C SER J 175 10.16 49.16 10.74
N MET J 176 10.94 50.17 10.41
CA MET J 176 10.66 50.97 9.23
C MET J 176 11.95 51.65 8.76
N SER J 177 12.10 51.77 7.44
CA SER J 177 13.22 52.50 6.85
C SER J 177 12.70 53.64 5.99
N SER J 178 13.41 54.76 6.04
CA SER J 178 13.14 55.92 5.20
C SER J 178 14.43 56.32 4.51
N THR J 179 14.48 56.17 3.19
CA THR J 179 15.68 56.42 2.41
C THR J 179 15.47 57.63 1.50
N LEU J 180 16.37 58.60 1.58
CA LEU J 180 16.35 59.78 0.72
C LEU J 180 17.55 59.72 -0.20
N THR J 181 17.31 59.50 -1.49
CA THR J 181 18.37 59.25 -2.46
C THR J 181 18.54 60.46 -3.35
N LEU J 182 19.78 60.96 -3.43
CA LEU J 182 20.15 62.07 -4.29
C LEU J 182 21.41 61.69 -5.07
N THR J 183 21.90 62.63 -5.88
CA THR J 183 23.17 62.44 -6.58
C THR J 183 24.31 62.88 -5.67
N LYS J 184 25.51 63.01 -6.22
CA LYS J 184 26.64 63.46 -5.42
C LYS J 184 26.62 64.97 -5.22
N ASP J 185 26.50 65.72 -6.33
CA ASP J 185 26.57 67.17 -6.27
C ASP J 185 25.36 67.76 -5.55
N GLU J 186 24.19 67.15 -5.74
CA GLU J 186 22.99 67.61 -5.02
C GLU J 186 23.11 67.35 -3.52
N TYR J 187 23.78 66.27 -3.13
CA TYR J 187 24.05 66.04 -1.72
C TYR J 187 25.10 66.99 -1.18
N GLU J 188 26.02 67.45 -2.03
CA GLU J 188 27.09 68.34 -1.57
C GLU J 188 26.77 69.82 -1.70
N ARG J 189 25.54 70.20 -2.07
CA ARG J 189 25.17 71.61 -2.12
C ARG J 189 24.49 72.10 -0.85
N HIS J 190 24.33 71.26 0.17
CA HIS J 190 23.61 71.65 1.36
C HIS J 190 24.33 71.16 2.60
N ASN J 191 24.02 71.80 3.73
CA ASN J 191 24.72 71.55 4.98
C ASN J 191 24.01 70.52 5.86
N SER J 192 22.75 70.76 6.20
CA SER J 192 22.03 69.96 7.18
C SER J 192 21.16 68.90 6.53
N TYR J 193 20.99 67.78 7.24
CA TYR J 193 20.07 66.73 6.83
C TYR J 193 19.41 66.17 8.07
N THR J 194 18.09 66.06 8.04
CA THR J 194 17.29 65.81 9.22
C THR J 194 16.14 64.87 8.92
N CYS J 195 16.02 63.79 9.69
CA CYS J 195 14.79 63.00 9.69
C CYS J 195 14.07 63.20 11.02
N GLU J 196 12.79 63.50 10.95
CA GLU J 196 11.96 63.73 12.12
C GLU J 196 10.82 62.73 12.15
N ALA J 197 10.49 62.27 13.35
CA ALA J 197 9.42 61.29 13.54
C ALA J 197 8.31 61.87 14.39
N THR J 198 7.07 61.54 14.04
CA THR J 198 5.89 61.97 14.79
C THR J 198 5.25 60.73 15.42
N HIS J 199 5.44 60.56 16.71
CA HIS J 199 4.89 59.44 17.45
C HIS J 199 3.65 59.90 18.20
N LYS J 200 2.73 58.97 18.44
CA LYS J 200 1.44 59.30 19.02
C LYS J 200 1.50 59.53 20.53
N THR J 201 2.64 59.29 21.18
CA THR J 201 2.76 59.46 22.62
C THR J 201 3.48 60.74 23.02
N SER J 202 3.93 61.55 22.06
CA SER J 202 4.56 62.83 22.35
C SER J 202 4.23 63.79 21.24
N THR J 203 3.82 65.00 21.60
CA THR J 203 3.44 66.00 20.60
C THR J 203 4.65 66.63 19.91
N SER J 204 5.87 66.35 20.37
CA SER J 204 7.07 66.90 19.76
C SER J 204 7.65 65.90 18.79
N PRO J 205 7.72 66.20 17.49
CA PRO J 205 8.40 65.30 16.55
C PRO J 205 9.90 65.26 16.81
N ILE J 206 10.41 64.06 17.08
CA ILE J 206 11.81 63.92 17.45
C ILE J 206 12.69 64.11 16.23
N VAL J 207 13.87 64.66 16.45
CA VAL J 207 14.74 65.20 15.41
C VAL J 207 16.06 64.42 15.43
N LYS J 208 16.46 63.90 14.28
CA LYS J 208 17.77 63.27 14.12
C LYS J 208 18.47 63.92 12.93
N SER J 209 19.54 64.66 13.20
CA SER J 209 20.17 65.51 12.20
C SER J 209 21.66 65.21 12.10
N PHE J 210 22.24 65.63 10.98
CA PHE J 210 23.68 65.69 10.83
C PHE J 210 24.03 66.80 9.83
N ASN J 211 25.25 67.29 9.94
CA ASN J 211 25.75 68.41 9.17
C ASN J 211 26.97 67.98 8.37
N ARG J 212 27.67 68.96 7.80
CA ARG J 212 28.89 68.72 7.03
C ARG J 212 30.14 68.72 7.91
N ASN J 213 30.00 68.38 9.18
CA ASN J 213 31.10 68.37 10.13
C ASN J 213 32.00 67.19 9.80
N GLU J 214 33.07 67.47 9.06
CA GLU J 214 33.91 66.48 8.37
C GLU J 214 33.06 65.53 7.53
N CYS J 215 32.12 66.12 6.78
CA CYS J 215 31.23 65.35 5.92
C CYS J 215 31.07 66.03 4.56
N GLU K 1 7.89 9.25 5.72
CA GLU K 1 7.98 10.55 5.10
C GLU K 1 6.89 10.74 4.05
N VAL K 2 6.23 11.89 4.09
CA VAL K 2 5.35 12.34 3.01
C VAL K 2 5.78 13.75 2.68
N GLN K 3 6.38 13.95 1.50
CA GLN K 3 6.87 15.28 1.15
C GLN K 3 6.62 15.54 -0.33
N LEU K 4 6.81 16.81 -0.71
CA LEU K 4 6.58 17.29 -2.06
C LEU K 4 7.71 18.24 -2.44
N VAL K 5 8.38 17.99 -3.57
CA VAL K 5 9.41 18.89 -4.05
C VAL K 5 8.97 19.49 -5.38
N GLU K 6 9.32 20.77 -5.59
CA GLU K 6 8.68 21.64 -6.59
C GLU K 6 9.78 22.37 -7.34
N SER K 7 10.25 21.77 -8.44
CA SER K 7 11.45 22.25 -9.09
C SER K 7 11.12 23.42 -10.04
N GLY K 8 12.09 23.81 -10.85
CA GLY K 8 11.89 24.89 -11.80
C GLY K 8 11.88 26.25 -11.12
N GLY K 9 11.35 27.22 -11.84
CA GLY K 9 11.15 28.55 -11.33
C GLY K 9 12.05 29.58 -12.00
N GLY K 10 11.77 30.84 -11.71
CA GLY K 10 12.61 31.91 -12.20
C GLY K 10 11.93 32.95 -13.05
N LEU K 11 12.72 33.66 -13.86
CA LEU K 11 12.25 34.79 -14.65
C LEU K 11 12.16 34.37 -16.11
N VAL K 12 11.03 34.69 -16.75
CA VAL K 12 10.84 34.44 -18.18
C VAL K 12 10.27 35.71 -18.81
N LYS K 13 10.81 36.08 -19.98
CA LYS K 13 10.32 37.22 -20.75
C LYS K 13 8.87 37.00 -21.16
N PRO K 14 8.08 38.09 -21.35
CA PRO K 14 6.67 37.93 -21.67
C PRO K 14 6.41 37.35 -23.05
N GLY K 15 5.97 36.10 -23.07
CA GLY K 15 5.74 35.40 -24.32
C GLY K 15 6.42 34.06 -24.35
N GLY K 16 7.18 33.75 -23.32
CA GLY K 16 7.93 32.50 -23.23
C GLY K 16 7.12 31.35 -22.70
N SER K 17 7.80 30.46 -22.00
CA SER K 17 7.20 29.25 -21.46
C SER K 17 8.03 28.79 -20.27
N LEU K 18 7.48 27.84 -19.52
CA LEU K 18 8.18 27.17 -18.43
C LEU K 18 7.42 25.90 -18.05
N LYS K 19 8.16 24.84 -17.72
CA LYS K 19 7.59 23.54 -17.40
C LYS K 19 7.98 23.14 -15.98
N LEU K 20 7.00 23.07 -15.08
CA LEU K 20 7.26 22.80 -13.68
C LEU K 20 6.99 21.35 -13.32
N SER K 21 7.70 20.86 -12.32
CA SER K 21 7.64 19.46 -11.92
C SER K 21 7.54 19.32 -10.42
N CYS K 22 6.54 18.56 -9.98
CA CYS K 22 6.35 18.22 -8.58
C CYS K 22 6.59 16.74 -8.42
N ALA K 23 7.40 16.37 -7.43
CA ALA K 23 7.66 14.98 -7.14
C ALA K 23 7.26 14.69 -5.71
N ALA K 24 6.41 13.68 -5.54
CA ALA K 24 5.87 13.30 -4.26
C ALA K 24 6.68 12.16 -3.67
N SER K 25 6.64 12.04 -2.34
CA SER K 25 7.42 11.04 -1.65
C SER K 25 6.63 10.45 -0.51
N GLY K 26 6.33 9.15 -0.61
CA GLY K 26 5.95 8.33 0.52
C GLY K 26 4.62 7.63 0.51
N PHE K 27 3.54 8.30 0.12
CA PHE K 27 2.25 7.64 0.11
C PHE K 27 2.09 6.82 -1.15
N THR K 28 1.00 6.07 -1.23
CA THR K 28 0.64 5.38 -2.47
C THR K 28 0.16 6.43 -3.44
N PHE K 29 1.03 6.84 -4.37
CA PHE K 29 0.77 8.00 -5.21
C PHE K 29 -0.31 7.74 -6.24
N SER K 30 -0.56 6.49 -6.58
CA SER K 30 -1.53 6.18 -7.60
C SER K 30 -2.96 6.16 -7.09
N ASN K 31 -3.24 6.77 -5.94
CA ASN K 31 -4.59 6.72 -5.40
C ASN K 31 -4.98 8.06 -4.80
N TYR K 32 -4.57 9.15 -5.42
CA TYR K 32 -5.09 10.45 -5.06
C TYR K 32 -5.23 11.30 -6.30
N ALA K 33 -5.82 12.45 -6.13
CA ALA K 33 -5.85 13.46 -7.15
C ALA K 33 -4.85 14.52 -6.77
N MET K 34 -4.68 15.53 -7.62
CA MET K 34 -3.62 16.47 -7.33
C MET K 34 -3.99 17.82 -7.93
N SER K 35 -3.42 18.89 -7.37
CA SER K 35 -3.88 20.20 -7.82
C SER K 35 -2.83 21.26 -7.61
N TRP K 36 -2.81 22.25 -8.51
CA TRP K 36 -1.91 23.39 -8.45
C TRP K 36 -2.69 24.63 -8.05
N VAL K 37 -2.14 25.37 -7.07
CA VAL K 37 -2.76 26.61 -6.57
C VAL K 37 -1.67 27.67 -6.47
N ARG K 38 -1.97 28.88 -6.95
CA ARG K 38 -1.01 29.98 -6.96
C ARG K 38 -1.39 31.06 -5.96
N GLN K 39 -0.40 31.91 -5.65
CA GLN K 39 -0.61 33.04 -4.78
C GLN K 39 0.08 34.27 -5.35
N THR K 40 -0.67 35.35 -5.45
CA THR K 40 -0.15 36.64 -5.87
C THR K 40 0.75 37.21 -4.77
N PRO K 41 1.62 38.15 -5.10
CA PRO K 41 2.37 38.84 -4.04
C PRO K 41 1.53 39.80 -3.21
N GLU K 42 0.26 39.99 -3.53
CA GLU K 42 -0.65 40.77 -2.70
C GLU K 42 -1.39 39.91 -1.68
N LYS K 43 -0.87 38.72 -1.38
CA LYS K 43 -1.40 37.79 -0.38
C LYS K 43 -2.84 37.40 -0.68
N ARG K 44 -3.02 36.70 -1.80
CA ARG K 44 -4.34 36.23 -2.19
C ARG K 44 -4.17 34.97 -3.02
N LEU K 45 -5.06 34.00 -2.80
CA LEU K 45 -4.99 32.72 -3.48
C LEU K 45 -5.91 32.73 -4.71
N GLU K 46 -5.65 31.80 -5.61
CA GLU K 46 -6.38 31.70 -6.87
C GLU K 46 -6.15 30.31 -7.43
N TRP K 47 -7.23 29.57 -7.69
CA TRP K 47 -7.08 28.19 -8.12
C TRP K 47 -6.58 28.12 -9.56
N VAL K 48 -5.70 27.17 -9.82
CA VAL K 48 -5.10 27.01 -11.14
C VAL K 48 -5.56 25.73 -11.82
N ALA K 49 -5.27 24.58 -11.24
CA ALA K 49 -5.56 23.35 -11.99
C ALA K 49 -5.76 22.18 -11.05
N THR K 50 -6.37 21.12 -11.56
CA THR K 50 -6.46 19.86 -10.84
C THR K 50 -6.49 18.71 -11.84
N ILE K 51 -6.27 17.50 -11.33
CA ILE K 51 -6.25 16.31 -12.18
C ILE K 51 -6.58 15.11 -11.31
N SER K 52 -7.30 14.13 -11.89
CA SER K 52 -7.75 12.95 -11.16
C SER K 52 -6.64 11.94 -10.97
N ASN K 53 -6.97 10.72 -10.59
CA ASN K 53 -5.91 9.76 -10.28
C ASN K 53 -5.28 9.19 -11.55
N GLY K 54 -6.10 8.81 -12.53
CA GLY K 54 -5.57 8.15 -13.70
C GLY K 54 -4.84 9.08 -14.62
N GLY K 55 -5.54 10.09 -15.12
CA GLY K 55 -4.93 11.04 -16.02
C GLY K 55 -5.79 11.28 -17.22
N ARG K 56 -7.01 10.78 -17.20
CA ARG K 56 -7.89 11.01 -18.33
C ARG K 56 -8.83 12.19 -18.15
N TYR K 57 -9.04 12.68 -16.94
CA TYR K 57 -9.97 13.78 -16.71
C TYR K 57 -9.24 14.96 -16.09
N THR K 58 -9.36 16.12 -16.73
CA THR K 58 -8.73 17.34 -16.28
C THR K 58 -9.80 18.40 -16.03
N TYR K 59 -9.41 19.48 -15.38
CA TYR K 59 -10.31 20.60 -15.13
C TYR K 59 -9.52 21.90 -15.16
N TYR K 60 -10.17 22.99 -15.51
CA TYR K 60 -9.56 24.30 -15.62
C TYR K 60 -10.57 25.37 -15.27
N PRO K 61 -10.11 26.56 -14.87
CA PRO K 61 -11.04 27.68 -14.71
C PRO K 61 -11.39 28.28 -16.06
N ASP K 62 -12.07 29.41 -16.04
CA ASP K 62 -12.36 30.08 -17.30
C ASP K 62 -11.14 30.83 -17.82
N SER K 63 -10.41 31.51 -16.93
CA SER K 63 -9.48 32.54 -17.36
C SER K 63 -8.21 31.98 -18.00
N VAL K 64 -7.89 30.70 -17.81
CA VAL K 64 -6.68 30.16 -18.42
C VAL K 64 -6.99 29.03 -19.38
N LYS K 65 -8.21 29.01 -19.92
CA LYS K 65 -8.68 27.86 -20.68
C LYS K 65 -7.94 27.73 -22.00
N GLY K 66 -7.46 26.53 -22.28
CA GLY K 66 -6.76 26.27 -23.52
C GLY K 66 -5.32 26.73 -23.53
N ARG K 67 -4.75 27.03 -22.39
CA ARG K 67 -3.36 27.47 -22.40
C ARG K 67 -2.46 26.67 -21.48
N PHE K 68 -2.91 26.31 -20.28
CA PHE K 68 -2.12 25.51 -19.35
C PHE K 68 -2.42 24.03 -19.55
N THR K 69 -1.42 23.19 -19.32
CA THR K 69 -1.59 21.77 -19.53
C THR K 69 -1.01 21.02 -18.34
N ILE K 70 -1.74 20.03 -17.83
CA ILE K 70 -1.36 19.28 -16.65
C ILE K 70 -1.26 17.81 -17.00
N SER K 71 -0.28 17.11 -16.44
CA SER K 71 -0.09 15.72 -16.79
C SER K 71 0.55 14.96 -15.63
N ARG K 72 0.33 13.66 -15.61
CA ARG K 72 0.82 12.80 -14.55
C ARG K 72 1.67 11.69 -15.14
N ASP K 73 2.48 11.07 -14.28
CA ASP K 73 3.14 9.83 -14.66
C ASP K 73 3.32 9.00 -13.40
N ASN K 74 2.58 7.88 -13.30
CA ASN K 74 2.58 7.10 -12.08
C ASN K 74 3.84 6.27 -11.94
N ALA K 75 4.37 5.77 -13.06
CA ALA K 75 5.52 4.87 -13.01
C ALA K 75 6.81 5.55 -12.58
N LYS K 76 6.84 6.88 -12.56
CA LYS K 76 7.94 7.62 -11.95
C LYS K 76 7.46 8.56 -10.86
N ASN K 77 6.16 8.54 -10.54
CA ASN K 77 5.56 9.29 -9.43
C ASN K 77 5.77 10.79 -9.60
N SER K 78 5.35 11.33 -10.73
CA SER K 78 5.72 12.71 -11.04
C SER K 78 4.53 13.47 -11.62
N LEU K 79 4.58 14.79 -11.45
CA LEU K 79 3.50 15.68 -11.85
C LEU K 79 4.06 16.83 -12.67
N TYR K 80 3.53 17.03 -13.87
CA TYR K 80 4.04 17.99 -14.84
C TYR K 80 3.00 19.08 -15.07
N LEU K 81 3.43 20.33 -15.06
CA LEU K 81 2.59 21.45 -15.45
C LEU K 81 3.31 22.23 -16.53
N GLN K 82 2.79 22.17 -17.76
CA GLN K 82 3.40 22.81 -18.92
C GLN K 82 2.63 24.07 -19.26
N MET K 83 3.36 25.15 -19.44
CA MET K 83 2.81 26.48 -19.58
C MET K 83 3.31 27.09 -20.88
N SER K 84 2.59 28.10 -21.37
CA SER K 84 3.01 28.82 -22.56
C SER K 84 2.32 30.18 -22.56
N SER K 85 2.97 31.16 -23.18
CA SER K 85 2.40 32.46 -23.53
C SER K 85 1.90 33.20 -22.29
N LEU K 86 2.84 33.54 -21.42
CA LEU K 86 2.48 34.09 -20.12
C LEU K 86 2.01 35.53 -20.25
N ARG K 87 1.51 36.07 -19.16
CA ARG K 87 1.07 37.47 -19.13
C ARG K 87 1.76 38.17 -17.97
N SER K 88 1.39 39.44 -17.78
CA SER K 88 2.02 40.24 -16.74
C SER K 88 1.50 39.87 -15.37
N GLU K 89 0.23 39.49 -15.30
CA GLU K 89 -0.47 39.23 -14.05
C GLU K 89 -0.30 37.80 -13.55
N ASP K 90 0.79 37.16 -13.94
CA ASP K 90 1.05 35.79 -13.52
C ASP K 90 2.33 35.67 -12.71
N THR K 91 2.89 36.78 -12.27
CA THR K 91 4.08 36.76 -11.42
C THR K 91 3.66 36.26 -10.05
N ALA K 92 3.91 34.99 -9.75
CA ALA K 92 3.26 34.41 -8.59
C ALA K 92 4.09 33.30 -7.98
N MET K 93 3.66 32.87 -6.80
CA MET K 93 4.22 31.73 -6.10
C MET K 93 3.32 30.52 -6.33
N TYR K 94 3.86 29.43 -6.84
CA TYR K 94 3.04 28.28 -7.18
C TYR K 94 3.22 27.17 -6.15
N TYR K 95 2.15 26.39 -5.95
CA TYR K 95 2.11 25.33 -4.94
C TYR K 95 1.48 24.06 -5.51
N CYS K 96 2.13 22.95 -5.21
CA CYS K 96 1.64 21.59 -5.48
C CYS K 96 0.84 21.12 -4.27
N ALA K 97 -0.24 20.37 -4.49
CA ALA K 97 -1.13 20.08 -3.37
C ALA K 97 -1.84 18.76 -3.55
N ARG K 98 -2.02 18.01 -2.44
CA ARG K 98 -2.76 16.75 -2.46
C ARG K 98 -4.17 16.91 -1.89
N HIS K 99 -5.14 16.24 -2.53
CA HIS K 99 -6.51 16.20 -2.03
C HIS K 99 -6.62 15.28 -0.83
N LEU K 100 -7.79 15.30 -0.20
CA LEU K 100 -8.01 14.68 1.11
C LEU K 100 -8.55 13.27 1.01
N TYR K 101 -9.74 13.09 0.45
CA TYR K 101 -10.33 11.78 0.40
C TYR K 101 -9.76 11.01 -0.77
N ARG K 102 -9.70 9.70 -0.64
CA ARG K 102 -9.10 8.90 -1.70
C ARG K 102 -10.02 8.90 -2.92
N TYR K 103 -9.40 8.74 -4.09
CA TYR K 103 -10.05 8.63 -5.39
C TYR K 103 -10.90 9.84 -5.75
N ASP K 104 -10.68 10.99 -5.14
CA ASP K 104 -11.66 12.06 -5.15
C ASP K 104 -11.11 13.33 -5.76
N VAL K 105 -11.95 14.04 -6.49
CA VAL K 105 -11.64 15.40 -6.88
C VAL K 105 -12.60 16.32 -6.15
N GLY K 106 -12.16 17.53 -5.86
CA GLY K 106 -13.04 18.52 -5.28
C GLY K 106 -13.46 18.30 -3.84
N GLY K 107 -12.50 18.34 -2.93
CA GLY K 107 -12.79 18.26 -1.52
C GLY K 107 -12.00 19.30 -0.76
N ALA K 108 -11.27 18.88 0.25
CA ALA K 108 -10.35 19.76 0.93
C ALA K 108 -8.97 19.63 0.30
N LEU K 109 -7.96 20.25 0.91
CA LEU K 109 -6.58 20.11 0.48
C LEU K 109 -5.73 19.97 1.74
N ASP K 110 -5.24 18.76 2.01
CA ASP K 110 -4.69 18.48 3.34
C ASP K 110 -3.19 18.63 3.45
N TYR K 111 -2.46 18.64 2.36
CA TYR K 111 -1.01 18.62 2.47
C TYR K 111 -0.41 19.33 1.27
N TRP K 112 0.31 20.40 1.55
CA TRP K 112 0.83 21.26 0.51
C TRP K 112 2.35 21.11 0.41
N GLY K 113 2.93 21.88 -0.49
CA GLY K 113 4.37 21.89 -0.73
C GLY K 113 5.04 23.05 -0.07
N GLN K 114 5.94 23.72 -0.79
CA GLN K 114 6.64 24.87 -0.23
C GLN K 114 6.88 25.99 -1.24
N GLY K 115 6.25 25.95 -2.40
CA GLY K 115 6.22 27.12 -3.26
C GLY K 115 7.42 27.28 -4.16
N THR K 116 7.17 27.71 -5.40
CA THR K 116 8.23 28.00 -6.36
C THR K 116 7.81 29.26 -7.11
N SER K 117 8.70 30.24 -7.19
CA SER K 117 8.35 31.55 -7.71
C SER K 117 8.59 31.62 -9.21
N VAL K 118 7.64 32.23 -9.91
CA VAL K 118 7.75 32.45 -11.35
C VAL K 118 7.40 33.90 -11.64
N THR K 119 8.32 34.59 -12.32
CA THR K 119 8.21 36.02 -12.54
C THR K 119 8.29 36.30 -14.03
N VAL K 120 7.43 37.21 -14.49
CA VAL K 120 7.36 37.63 -15.88
C VAL K 120 7.75 39.11 -15.94
N SER K 121 8.93 39.39 -16.48
CA SER K 121 9.36 40.76 -16.69
C SER K 121 10.38 40.79 -17.82
N SER K 122 10.42 41.92 -18.52
CA SER K 122 11.30 42.09 -19.67
C SER K 122 12.59 42.80 -19.32
N ALA K 123 13.05 42.68 -18.08
CA ALA K 123 14.23 43.40 -17.64
C ALA K 123 15.49 42.56 -17.87
N LYS K 124 16.60 43.03 -17.34
CA LYS K 124 17.91 42.42 -17.55
C LYS K 124 18.47 41.94 -16.22
N THR K 125 19.58 41.22 -16.29
CA THR K 125 20.23 40.67 -15.10
C THR K 125 21.21 41.69 -14.55
N THR K 126 20.99 42.11 -13.30
CA THR K 126 21.82 43.11 -12.65
C THR K 126 22.47 42.54 -11.41
N ALA K 127 23.63 43.09 -11.06
CA ALA K 127 24.46 42.82 -9.89
C ALA K 127 24.17 43.84 -8.80
N PRO K 128 24.09 43.41 -7.55
CA PRO K 128 23.72 44.32 -6.47
C PRO K 128 24.81 45.32 -6.12
N SER K 129 24.39 46.42 -5.50
CA SER K 129 25.28 47.46 -4.99
C SER K 129 25.13 47.49 -3.47
N VAL K 130 26.14 47.01 -2.76
CA VAL K 130 26.07 46.79 -1.32
C VAL K 130 27.05 47.72 -0.63
N TYR K 131 26.55 48.47 0.36
CA TYR K 131 27.38 49.41 1.10
C TYR K 131 27.08 49.36 2.59
N PRO K 132 28.10 49.37 3.43
CA PRO K 132 27.87 49.44 4.88
C PRO K 132 27.52 50.85 5.33
N LEU K 133 27.07 50.96 6.57
CA LEU K 133 26.70 52.24 7.15
C LEU K 133 27.30 52.37 8.54
N ALA K 134 27.62 53.61 8.92
CA ALA K 134 28.19 53.91 10.22
C ALA K 134 27.64 55.24 10.71
N PRO K 135 27.34 55.36 12.00
CA PRO K 135 26.83 56.63 12.53
C PRO K 135 27.91 57.70 12.60
N VAL K 136 27.47 58.94 12.78
CA VAL K 136 28.38 60.07 12.83
C VAL K 136 29.08 60.16 14.19
N CYS K 137 28.32 60.07 15.27
CA CYS K 137 28.85 60.23 16.61
C CYS K 137 27.87 59.58 17.60
N GLY K 138 28.06 59.87 18.88
CA GLY K 138 27.16 59.39 19.90
C GLY K 138 27.03 60.36 21.05
N ASP K 139 25.80 60.70 21.42
CA ASP K 139 25.57 61.59 22.55
C ASP K 139 25.91 60.86 23.84
N THR K 140 26.94 61.35 24.53
CA THR K 140 27.55 60.76 25.73
C THR K 140 27.97 59.31 25.53
N THR K 141 28.39 58.97 24.30
CA THR K 141 28.83 57.64 23.81
C THR K 141 28.01 56.48 24.37
N GLY K 142 26.72 56.47 23.98
CA GLY K 142 25.83 55.42 24.42
C GLY K 142 26.21 54.05 23.89
N SER K 143 25.90 53.02 24.68
CA SER K 143 26.36 51.68 24.37
C SER K 143 25.59 51.05 23.23
N SER K 144 24.29 51.32 23.14
CA SER K 144 23.43 50.70 22.12
C SER K 144 23.70 51.35 20.78
N VAL K 145 24.71 50.84 20.06
CA VAL K 145 25.09 51.36 18.76
C VAL K 145 24.42 50.49 17.70
N THR K 146 24.22 51.06 16.52
CA THR K 146 23.55 50.37 15.42
C THR K 146 24.49 50.33 14.23
N LEU K 147 24.49 49.20 13.51
CA LEU K 147 25.26 49.04 12.29
C LEU K 147 24.35 48.48 11.20
N GLY K 148 24.47 49.04 9.98
CA GLY K 148 23.53 48.74 8.92
C GLY K 148 24.21 48.46 7.60
N CYS K 149 23.40 47.92 6.68
CA CYS K 149 23.84 47.50 5.36
C CYS K 149 22.75 47.82 4.35
N LEU K 150 23.14 48.40 3.21
CA LEU K 150 22.22 48.85 2.19
C LEU K 150 22.52 48.12 0.89
N VAL K 151 21.50 47.47 0.33
CA VAL K 151 21.63 46.69 -0.90
C VAL K 151 20.69 47.33 -1.92
N LYS K 152 21.24 48.17 -2.78
CA LYS K 152 20.46 48.89 -3.79
C LYS K 152 20.84 48.40 -5.18
N GLY K 153 19.85 48.26 -6.06
CA GLY K 153 20.14 48.01 -7.45
C GLY K 153 20.45 46.56 -7.78
N TYR K 154 19.48 45.67 -7.57
CA TYR K 154 19.65 44.28 -7.97
C TYR K 154 18.35 43.76 -8.54
N PHE K 155 18.47 42.80 -9.44
CA PHE K 155 17.36 42.16 -10.13
C PHE K 155 17.86 40.87 -10.77
N PRO K 156 17.06 39.79 -10.80
CA PRO K 156 15.75 39.63 -10.17
C PRO K 156 15.80 39.01 -8.78
N GLU K 157 14.61 38.75 -8.25
CA GLU K 157 14.44 38.10 -6.97
C GLU K 157 14.98 36.67 -7.05
N PRO K 158 15.57 36.13 -5.96
CA PRO K 158 15.80 36.54 -4.56
C PRO K 158 17.14 37.16 -4.21
N VAL K 159 17.36 37.33 -2.91
CA VAL K 159 18.63 37.80 -2.38
C VAL K 159 18.70 37.30 -0.93
N THR K 160 19.91 37.22 -0.39
CA THR K 160 20.13 36.75 0.98
C THR K 160 21.11 37.68 1.67
N LEU K 161 20.75 38.14 2.87
CA LEU K 161 21.55 39.07 3.65
C LEU K 161 21.84 38.48 5.02
N THR K 162 23.12 38.34 5.35
CA THR K 162 23.56 37.85 6.66
C THR K 162 24.61 38.79 7.23
N TRP K 163 24.94 38.57 8.50
CA TRP K 163 26.03 39.27 9.18
C TRP K 163 27.05 38.24 9.64
N ASN K 164 28.29 38.37 9.14
CA ASN K 164 29.39 37.43 9.37
C ASN K 164 28.99 36.00 9.00
N SER K 165 28.38 35.88 7.82
CA SER K 165 27.86 34.62 7.26
C SER K 165 26.88 33.94 8.20
N GLY K 166 26.02 34.74 8.84
CA GLY K 166 24.98 34.19 9.69
C GLY K 166 25.43 33.92 11.10
N SER K 167 26.25 34.81 11.66
CA SER K 167 26.72 34.64 13.03
C SER K 167 25.64 35.06 14.02
N LEU K 168 25.25 36.33 13.99
CA LEU K 168 24.28 36.86 14.93
C LEU K 168 22.85 36.52 14.49
N SER K 169 21.95 36.48 15.48
CA SER K 169 20.55 36.20 15.21
C SER K 169 19.60 37.07 16.01
N SER K 170 20.09 38.02 16.79
CA SER K 170 19.26 38.87 17.63
C SER K 170 19.59 40.33 17.38
N GLY K 171 18.56 41.18 17.47
CA GLY K 171 18.72 42.61 17.24
C GLY K 171 18.74 43.03 15.79
N VAL K 172 18.78 42.09 14.85
CA VAL K 172 18.80 42.39 13.44
C VAL K 172 17.36 42.56 12.97
N HIS K 173 17.15 43.45 12.00
CA HIS K 173 15.82 43.70 11.42
C HIS K 173 15.95 43.72 9.90
N THR K 174 15.75 42.56 9.27
CA THR K 174 15.72 42.51 7.81
C THR K 174 14.41 43.06 7.28
N PHE K 175 14.49 43.76 6.16
CA PHE K 175 13.41 44.59 5.64
C PHE K 175 12.96 44.10 4.27
N PRO K 176 11.71 44.37 3.88
CA PRO K 176 11.28 44.02 2.53
C PRO K 176 11.77 45.04 1.50
N ALA K 177 12.07 44.54 0.30
CA ALA K 177 12.63 45.37 -0.75
C ALA K 177 11.52 46.07 -1.53
N VAL K 178 11.90 47.12 -2.27
CA VAL K 178 11.00 47.85 -3.14
C VAL K 178 11.58 47.82 -4.54
N LEU K 179 10.74 47.49 -5.52
CA LEU K 179 11.16 47.37 -6.92
C LEU K 179 10.91 48.71 -7.63
N GLN K 180 11.98 49.46 -7.85
CA GLN K 180 11.94 50.70 -8.63
C GLN K 180 12.96 50.60 -9.76
N SER K 181 12.52 50.99 -10.97
CA SER K 181 13.37 51.11 -12.16
C SER K 181 14.09 49.80 -12.48
N ASP K 182 13.33 48.70 -12.39
CA ASP K 182 13.80 47.33 -12.60
C ASP K 182 14.92 46.96 -11.65
N LEU K 183 14.94 47.55 -10.45
CA LEU K 183 15.96 47.26 -9.45
C LEU K 183 15.34 47.21 -8.07
N TYR K 184 15.78 46.27 -7.25
CA TYR K 184 15.26 46.20 -5.89
C TYR K 184 16.15 46.99 -4.94
N THR K 185 15.51 47.61 -3.95
CA THR K 185 16.19 48.36 -2.91
C THR K 185 15.81 47.76 -1.57
N LEU K 186 16.83 47.43 -0.76
CA LEU K 186 16.64 46.76 0.51
C LEU K 186 17.66 47.31 1.50
N SER K 187 17.31 47.28 2.79
CA SER K 187 18.19 47.78 3.84
C SER K 187 18.06 46.89 5.08
N SER K 188 19.04 46.99 5.96
CA SER K 188 19.01 46.21 7.19
C SER K 188 19.88 46.88 8.24
N SER K 189 19.57 46.63 9.51
CA SER K 189 20.38 47.12 10.61
C SER K 189 20.34 46.12 11.76
N VAL K 190 21.29 46.29 12.68
CA VAL K 190 21.40 45.44 13.87
C VAL K 190 22.00 46.29 14.99
N THR K 191 21.46 46.14 16.20
CA THR K 191 21.88 46.91 17.34
C THR K 191 22.76 46.05 18.24
N VAL K 192 23.99 46.51 18.49
CA VAL K 192 24.95 45.83 19.35
C VAL K 192 25.47 46.82 20.39
N THR K 193 26.41 46.34 21.21
CA THR K 193 27.01 47.14 22.27
C THR K 193 28.21 47.89 21.72
N SER K 194 28.41 49.13 22.19
CA SER K 194 29.54 49.95 21.75
C SER K 194 30.88 49.49 22.34
N SER K 195 30.90 48.44 23.16
CA SER K 195 32.15 47.77 23.51
C SER K 195 32.49 46.66 22.51
N THR K 196 31.48 46.09 21.86
CA THR K 196 31.74 45.08 20.84
C THR K 196 32.31 45.69 19.58
N TRP K 197 31.74 46.80 19.13
CA TRP K 197 32.19 47.55 17.97
C TRP K 197 32.87 48.84 18.43
N PRO K 198 34.02 49.24 17.84
CA PRO K 198 34.79 48.64 16.75
C PRO K 198 35.72 47.49 17.14
N SER K 199 35.61 46.96 18.36
CA SER K 199 36.51 45.89 18.78
C SER K 199 36.25 44.58 18.07
N GLN K 200 35.04 44.39 17.55
CA GLN K 200 34.69 43.23 16.74
C GLN K 200 33.90 43.72 15.54
N SER K 201 34.57 43.86 14.39
CA SER K 201 33.95 44.39 13.19
C SER K 201 33.12 43.30 12.53
N ILE K 202 31.83 43.59 12.33
CA ILE K 202 30.93 42.65 11.68
C ILE K 202 30.92 42.92 10.18
N THR K 203 30.48 41.93 9.41
CA THR K 203 30.54 42.00 7.96
C THR K 203 29.20 41.63 7.36
N CYS K 204 28.60 42.58 6.64
CA CYS K 204 27.41 42.30 5.84
C CYS K 204 27.78 41.41 4.67
N ASN K 205 27.10 40.27 4.56
CA ASN K 205 27.33 39.30 3.49
C ASN K 205 26.06 39.19 2.66
N VAL K 206 26.17 39.46 1.36
CA VAL K 206 25.04 39.51 0.46
C VAL K 206 25.24 38.50 -0.66
N ALA K 207 24.27 37.60 -0.82
CA ALA K 207 24.27 36.57 -1.86
C ALA K 207 23.15 36.87 -2.85
N HIS K 208 23.53 37.05 -4.12
CA HIS K 208 22.61 37.35 -5.21
C HIS K 208 22.80 36.28 -6.27
N PRO K 209 22.18 35.10 -6.10
CA PRO K 209 22.46 33.99 -7.00
C PRO K 209 21.82 34.12 -8.38
N ALA K 210 20.89 35.06 -8.56
CA ALA K 210 20.34 35.30 -9.89
C ALA K 210 21.38 35.90 -10.82
N SER K 211 22.33 36.67 -10.29
CA SER K 211 23.51 37.10 -11.01
C SER K 211 24.78 36.46 -10.47
N SER K 212 24.65 35.62 -9.44
CA SER K 212 25.75 34.90 -8.78
C SER K 212 26.81 35.86 -8.26
N THR K 213 26.40 36.68 -7.28
CA THR K 213 27.24 37.75 -6.76
C THR K 213 27.33 37.62 -5.25
N LYS K 214 28.55 37.51 -4.73
CA LYS K 214 28.79 37.38 -3.30
C LYS K 214 29.58 38.58 -2.83
N VAL K 215 28.95 39.45 -2.04
CA VAL K 215 29.55 40.71 -1.61
C VAL K 215 29.77 40.65 -0.10
N ASP K 216 30.98 41.03 0.34
CA ASP K 216 31.34 41.09 1.74
C ASP K 216 31.78 42.50 2.06
N LYS K 217 31.05 43.18 2.95
CA LYS K 217 31.32 44.58 3.28
C LYS K 217 31.40 44.74 4.79
N LYS K 218 32.52 45.28 5.27
CA LYS K 218 32.69 45.59 6.67
C LYS K 218 32.53 47.09 6.91
N ILE K 219 32.20 47.45 8.15
CA ILE K 219 31.83 48.81 8.52
C ILE K 219 33.09 49.56 8.97
N GLU K 220 33.34 50.71 8.36
CA GLU K 220 34.45 51.57 8.79
C GLU K 220 33.97 52.55 9.84
N PRO K 221 34.56 52.57 11.04
CA PRO K 221 34.07 53.44 12.14
C PRO K 221 34.40 54.93 11.98
N ARG K 222 33.54 55.61 11.22
CA ARG K 222 33.53 57.06 11.04
C ARG K 222 34.86 57.57 10.47
N GLY K 223 35.09 57.19 9.22
CA GLY K 223 36.18 57.75 8.46
C GLY K 223 35.90 59.20 8.13
N PRO K 224 36.75 60.11 8.60
CA PRO K 224 36.49 61.54 8.39
C PRO K 224 36.79 61.97 6.97
N THR K 225 36.06 62.99 6.52
CA THR K 225 36.22 63.55 5.18
C THR K 225 37.12 64.78 5.30
N ILE K 226 38.43 64.52 5.39
CA ILE K 226 39.44 65.56 5.46
C ILE K 226 40.54 65.25 4.46
N LYS K 227 41.25 66.30 4.03
CA LYS K 227 42.37 66.14 3.11
C LYS K 227 43.36 67.30 3.29
N PRO K 228 44.49 67.06 3.98
CA PRO K 228 45.49 68.11 4.18
C PRO K 228 46.28 68.44 2.91
N SER L 17 -54.24 -26.86 48.81
CA SER L 17 -53.50 -27.16 47.59
C SER L 17 -53.96 -26.26 46.47
N HIS L 18 -54.77 -25.28 46.84
CA HIS L 18 -55.36 -24.41 45.83
C HIS L 18 -54.35 -23.43 45.27
N MET L 19 -53.22 -23.23 45.95
CA MET L 19 -52.17 -22.40 45.38
C MET L 19 -51.46 -23.10 44.24
N TYR L 20 -51.35 -24.44 44.30
CA TYR L 20 -50.84 -25.19 43.17
C TYR L 20 -51.80 -25.10 42.01
N LEU L 21 -53.09 -25.06 42.31
CA LEU L 21 -54.10 -24.80 41.31
C LEU L 21 -53.95 -23.41 40.71
N ARG L 22 -53.65 -22.43 41.55
CA ARG L 22 -53.42 -21.06 41.09
C ARG L 22 -52.23 -21.00 40.14
N ILE L 23 -51.14 -21.68 40.51
CA ILE L 23 -49.95 -21.68 39.68
C ILE L 23 -50.22 -22.38 38.36
N THR L 24 -50.96 -23.49 38.40
CA THR L 24 -51.29 -24.23 37.18
C THR L 24 -52.16 -23.39 36.25
N ASN L 25 -53.09 -22.62 36.81
CA ASN L 25 -53.92 -21.77 35.98
C ASN L 25 -53.14 -20.59 35.44
N ILE L 26 -52.63 -19.75 36.34
CA ILE L 26 -52.13 -18.43 35.98
C ILE L 26 -50.78 -18.54 35.27
N VAL L 27 -49.96 -19.53 35.63
CA VAL L 27 -48.71 -19.73 34.91
C VAL L 27 -48.98 -20.24 33.51
N GLU L 28 -49.80 -21.27 33.37
CA GLU L 28 -50.14 -21.77 32.04
C GLU L 28 -51.26 -20.90 31.48
N SER L 29 -50.85 -19.74 30.96
CA SER L 29 -51.80 -18.76 30.46
C SER L 29 -51.23 -18.09 29.22
N SER L 30 -52.10 -17.84 28.25
CA SER L 30 -51.68 -17.22 26.99
C SER L 30 -51.21 -15.79 27.21
N PHE L 31 -51.83 -15.10 28.16
CA PHE L 31 -51.42 -13.74 28.50
C PHE L 31 -50.02 -13.74 29.10
N PHE L 32 -49.68 -14.78 29.87
CA PHE L 32 -48.37 -14.89 30.47
C PHE L 32 -47.27 -15.09 29.43
N THR L 33 -47.50 -16.00 28.48
CA THR L 33 -46.53 -16.26 27.43
C THR L 33 -46.39 -15.07 26.50
N LYS L 34 -47.50 -14.40 26.19
CA LYS L 34 -47.44 -13.19 25.38
C LYS L 34 -46.66 -12.08 26.09
N PHE L 35 -46.87 -11.93 27.40
CA PHE L 35 -46.13 -10.94 28.18
C PHE L 35 -44.64 -11.26 28.21
N ILE L 36 -44.29 -12.53 28.33
CA ILE L 36 -42.87 -12.82 28.43
C ILE L 36 -42.18 -12.68 27.07
N ILE L 37 -42.91 -12.89 25.97
CA ILE L 37 -42.32 -12.68 24.65
C ILE L 37 -42.10 -11.19 24.39
N TYR L 38 -43.08 -10.36 24.75
CA TYR L 38 -42.86 -8.92 24.59
C TYR L 38 -41.76 -8.41 25.51
N LEU L 39 -41.57 -9.06 26.66
CA LEU L 39 -40.47 -8.65 27.53
C LEU L 39 -39.12 -9.03 26.95
N ILE L 40 -39.01 -10.19 26.29
CA ILE L 40 -37.75 -10.58 25.66
C ILE L 40 -37.42 -9.65 24.50
N VAL L 41 -38.44 -9.23 23.75
CA VAL L 41 -38.20 -8.30 22.66
C VAL L 41 -37.76 -6.94 23.22
N LEU L 42 -38.31 -6.54 24.36
CA LEU L 42 -37.86 -5.28 24.95
C LEU L 42 -36.44 -5.41 25.50
N ASN L 43 -36.04 -6.60 25.97
CA ASN L 43 -34.65 -6.86 26.33
C ASN L 43 -33.73 -6.63 25.15
N THR L 44 -34.10 -7.18 23.99
CA THR L 44 -33.26 -7.05 22.81
C THR L 44 -33.15 -5.60 22.36
N LEU L 45 -34.28 -4.90 22.36
CA LEU L 45 -34.27 -3.53 21.83
C LEU L 45 -33.59 -2.57 22.80
N PHE L 46 -33.60 -2.86 24.11
CA PHE L 46 -32.79 -2.03 24.98
C PHE L 46 -31.33 -2.42 24.91
N MET L 47 -31.03 -3.68 24.61
CA MET L 47 -29.64 -4.11 24.56
C MET L 47 -28.94 -3.58 23.33
N ALA L 48 -29.68 -3.32 22.25
CA ALA L 48 -29.08 -2.86 21.01
C ALA L 48 -28.99 -1.35 20.89
N MET L 49 -28.87 -0.63 22.00
CA MET L 49 -28.62 0.80 21.88
C MET L 49 -27.15 1.14 22.06
N GLU L 50 -26.29 0.15 22.23
CA GLU L 50 -24.91 0.43 22.56
C GLU L 50 -24.16 0.97 21.35
N HIS L 51 -23.41 2.04 21.56
CA HIS L 51 -22.56 2.57 20.51
C HIS L 51 -21.20 2.94 21.10
N HIS L 52 -20.15 2.73 20.32
CA HIS L 52 -18.82 3.01 20.80
C HIS L 52 -18.14 4.07 19.94
N PRO L 53 -17.30 4.94 20.52
CA PRO L 53 -16.86 5.06 21.92
C PRO L 53 -17.92 5.68 22.82
N MET L 54 -17.78 5.49 24.12
CA MET L 54 -18.87 5.74 25.05
C MET L 54 -18.47 6.83 26.05
N THR L 55 -19.46 7.60 26.49
CA THR L 55 -19.27 8.69 27.44
C THR L 55 -19.14 8.18 28.88
N GLU L 56 -19.38 6.88 29.08
CA GLU L 56 -19.28 6.10 30.33
C GLU L 56 -20.43 6.42 31.29
N GLU L 57 -21.19 7.48 31.01
CA GLU L 57 -22.44 7.70 31.73
C GLU L 57 -23.50 6.70 31.29
N PHE L 58 -23.44 6.26 30.04
CA PHE L 58 -24.32 5.20 29.57
C PHE L 58 -23.94 3.85 30.16
N LYS L 59 -22.70 3.70 30.61
CA LYS L 59 -22.19 2.39 30.99
C LYS L 59 -22.83 1.92 32.30
N ASN L 60 -22.94 2.83 33.26
CA ASN L 60 -23.62 2.51 34.50
C ASN L 60 -25.13 2.42 34.31
N VAL L 61 -25.66 2.96 33.23
CA VAL L 61 -27.05 2.69 32.87
C VAL L 61 -27.17 1.25 32.38
N LEU L 62 -26.24 0.85 31.53
CA LEU L 62 -26.35 -0.41 30.81
C LEU L 62 -26.15 -1.60 31.75
N ALA L 63 -25.23 -1.46 32.71
CA ALA L 63 -25.03 -2.54 33.67
C ALA L 63 -26.26 -2.75 34.55
N ILE L 64 -26.92 -1.66 34.95
CA ILE L 64 -28.11 -1.75 35.78
C ILE L 64 -29.27 -2.37 34.99
N GLY L 65 -29.38 -2.01 33.71
CA GLY L 65 -30.40 -2.63 32.87
C GLY L 65 -30.17 -4.12 32.70
N ASN L 66 -28.92 -4.52 32.53
CA ASN L 66 -28.57 -5.94 32.46
C ASN L 66 -28.96 -6.65 33.76
N LEU L 67 -28.70 -6.01 34.89
CA LEU L 67 -29.04 -6.58 36.19
C LEU L 67 -30.54 -6.79 36.33
N VAL L 68 -31.33 -5.79 35.94
CA VAL L 68 -32.78 -5.86 36.13
C VAL L 68 -33.40 -6.94 35.24
N PHE L 69 -32.96 -7.00 33.98
CA PHE L 69 -33.47 -8.04 33.08
C PHE L 69 -33.08 -9.44 33.55
N THR L 70 -31.86 -9.57 34.08
CA THR L 70 -31.39 -10.88 34.53
C THR L 70 -32.18 -11.36 35.74
N GLY L 71 -32.45 -10.45 36.68
CA GLY L 71 -33.22 -10.84 37.84
C GLY L 71 -34.66 -11.21 37.51
N ILE L 72 -35.27 -10.46 36.59
CA ILE L 72 -36.64 -10.76 36.22
C ILE L 72 -36.74 -12.11 35.50
N PHE L 73 -35.77 -12.40 34.64
CA PHE L 73 -35.78 -13.71 33.98
C PHE L 73 -35.44 -14.84 34.94
N ALA L 74 -34.70 -14.56 36.00
CA ALA L 74 -34.47 -15.59 37.01
C ALA L 74 -35.75 -15.92 37.78
N ILE L 75 -36.53 -14.87 38.13
CA ILE L 75 -37.82 -15.10 38.77
C ILE L 75 -38.75 -15.87 37.84
N GLU L 76 -38.67 -15.55 36.54
CA GLU L 76 -39.40 -16.30 35.52
C GLU L 76 -39.05 -17.78 35.53
N ILE L 77 -37.76 -18.10 35.47
CA ILE L 77 -37.40 -19.51 35.33
C ILE L 77 -37.69 -20.28 36.61
N ILE L 78 -37.65 -19.62 37.77
CA ILE L 78 -38.00 -20.29 39.02
C ILE L 78 -39.49 -20.63 39.05
N LEU L 79 -40.34 -19.67 38.67
CA LEU L 79 -41.78 -19.95 38.61
C LEU L 79 -42.11 -20.98 37.56
N ARG L 80 -41.33 -21.06 36.49
CA ARG L 80 -41.63 -22.06 35.47
C ARG L 80 -41.19 -23.45 35.91
N ILE L 81 -40.14 -23.56 36.74
CA ILE L 81 -39.75 -24.89 37.19
C ILE L 81 -40.49 -25.31 38.45
N TYR L 82 -41.22 -24.40 39.11
CA TYR L 82 -41.86 -24.82 40.35
C TYR L 82 -43.04 -25.75 40.09
N VAL L 83 -43.65 -25.66 38.92
CA VAL L 83 -44.88 -26.41 38.69
C VAL L 83 -44.60 -27.90 38.46
N HIS L 84 -43.42 -28.26 37.99
CA HIS L 84 -43.09 -29.67 37.86
C HIS L 84 -41.59 -29.87 38.02
N ARG L 85 -41.22 -30.99 38.63
CA ARG L 85 -39.84 -31.32 38.96
C ARG L 85 -39.20 -32.31 37.99
N ILE L 86 -39.93 -33.32 37.55
CA ILE L 86 -39.38 -34.34 36.68
C ILE L 86 -39.87 -34.22 35.24
N SER L 87 -40.97 -33.50 35.00
CA SER L 87 -41.36 -33.14 33.63
C SER L 87 -40.39 -32.16 32.99
N PHE L 88 -39.51 -31.55 33.78
CA PHE L 88 -38.35 -30.81 33.32
C PHE L 88 -37.30 -31.79 32.78
N PHE L 89 -36.16 -31.24 32.30
CA PHE L 89 -35.08 -31.97 31.62
C PHE L 89 -35.57 -32.68 30.37
N LYS L 90 -36.64 -32.18 29.76
CA LYS L 90 -37.31 -32.89 28.67
C LYS L 90 -37.12 -32.20 27.33
N ASP L 91 -37.52 -30.94 27.21
CA ASP L 91 -37.27 -30.21 25.98
C ASP L 91 -35.87 -29.60 26.00
N PRO L 92 -35.22 -29.47 24.85
CA PRO L 92 -33.93 -28.77 24.83
C PRO L 92 -34.05 -27.28 25.11
N TRP L 93 -35.23 -26.68 24.95
CA TRP L 93 -35.37 -25.24 25.10
C TRP L 93 -35.23 -24.81 26.56
N SER L 94 -35.79 -25.60 27.49
CA SER L 94 -35.71 -25.22 28.89
C SER L 94 -34.30 -25.41 29.44
N LEU L 95 -33.62 -26.48 29.01
CA LEU L 95 -32.22 -26.67 29.37
C LEU L 95 -31.37 -25.55 28.81
N PHE L 96 -31.68 -25.12 27.59
CA PHE L 96 -30.95 -24.04 26.94
C PHE L 96 -31.16 -22.72 27.68
N ASP L 97 -32.39 -22.47 28.14
CA ASP L 97 -32.66 -21.27 28.90
C ASP L 97 -31.99 -21.31 30.25
N SER L 98 -31.88 -22.51 30.84
CA SER L 98 -31.18 -22.64 32.10
C SER L 98 -29.70 -22.35 31.94
N LEU L 99 -29.12 -22.79 30.81
CA LEU L 99 -27.71 -22.50 30.53
C LEU L 99 -27.49 -21.00 30.34
N ILE L 100 -28.45 -20.33 29.69
CA ILE L 100 -28.33 -18.90 29.44
C ILE L 100 -28.40 -18.11 30.75
N VAL L 101 -29.39 -18.42 31.58
CA VAL L 101 -29.53 -17.73 32.87
C VAL L 101 -28.35 -18.06 33.79
N THR L 102 -27.80 -19.28 33.68
CA THR L 102 -26.66 -19.67 34.49
C THR L 102 -25.42 -18.90 34.10
N LEU L 103 -25.16 -18.77 32.79
CA LEU L 103 -24.01 -17.99 32.34
C LEU L 103 -24.16 -16.53 32.69
N SER L 104 -25.39 -16.02 32.66
CA SER L 104 -25.59 -14.62 33.00
C SER L 104 -25.35 -14.37 34.49
N LEU L 105 -25.74 -15.32 35.35
CA LEU L 105 -25.45 -15.19 36.78
C LEU L 105 -23.96 -15.34 37.07
N VAL L 106 -23.27 -16.22 36.34
CA VAL L 106 -21.82 -16.36 36.50
C VAL L 106 -21.11 -15.07 36.13
N GLU L 107 -21.60 -14.39 35.09
CA GLU L 107 -21.08 -13.05 34.81
C GLU L 107 -21.47 -12.06 35.89
N LEU L 108 -22.64 -12.24 36.50
CA LEU L 108 -23.11 -11.25 37.46
C LEU L 108 -22.27 -11.27 38.73
N PHE L 109 -21.89 -12.45 39.22
CA PHE L 109 -21.08 -12.49 40.45
C PHE L 109 -19.61 -12.22 40.17
N LEU L 110 -18.97 -13.08 39.38
CA LEU L 110 -17.53 -13.08 39.25
C LEU L 110 -17.08 -11.95 38.34
N ALA L 111 -15.78 -11.66 38.39
CA ALA L 111 -15.17 -10.54 37.66
C ALA L 111 -15.05 -10.84 36.17
N ASP L 112 -14.18 -10.11 35.47
CA ASP L 112 -14.37 -9.88 34.04
C ASP L 112 -14.23 -11.10 33.14
N VAL L 113 -15.38 -11.73 32.89
CA VAL L 113 -15.56 -12.75 31.87
C VAL L 113 -16.53 -12.10 30.89
N GLU L 114 -16.36 -10.78 30.69
CA GLU L 114 -17.15 -10.05 29.71
C GLU L 114 -16.95 -10.63 28.32
N GLY L 115 -18.02 -10.67 27.55
CA GLY L 115 -17.98 -11.47 26.35
C GLY L 115 -18.34 -12.91 26.56
N LEU L 116 -18.73 -13.30 27.77
CA LEU L 116 -19.36 -14.59 27.98
C LEU L 116 -20.76 -14.43 28.54
N SER L 117 -21.23 -13.20 28.68
CA SER L 117 -22.63 -12.90 28.84
C SER L 117 -23.29 -12.54 27.53
N VAL L 118 -22.58 -12.69 26.41
CA VAL L 118 -23.10 -12.30 25.11
C VAL L 118 -23.85 -13.41 24.42
N LEU L 119 -23.99 -14.55 25.06
CA LEU L 119 -24.82 -15.61 24.53
C LEU L 119 -26.29 -15.33 24.76
N ARG L 120 -26.62 -14.34 25.57
CA ARG L 120 -27.98 -14.12 26.05
C ARG L 120 -28.91 -13.58 25.00
N SER L 121 -28.42 -13.14 23.85
CA SER L 121 -29.29 -12.49 22.90
C SER L 121 -29.94 -13.47 21.94
N PHE L 122 -29.88 -14.76 22.22
CA PHE L 122 -30.53 -15.75 21.36
C PHE L 122 -31.97 -16.05 21.72
N ARG L 123 -32.45 -15.55 22.85
CA ARG L 123 -33.78 -15.94 23.30
C ARG L 123 -34.90 -15.35 22.46
N LEU L 124 -34.60 -14.38 21.60
CA LEU L 124 -35.55 -13.94 20.58
C LEU L 124 -35.93 -15.07 19.64
N LEU L 125 -35.07 -16.09 19.53
CA LEU L 125 -35.34 -17.33 18.83
C LEU L 125 -36.63 -18.01 19.32
N ARG L 126 -37.00 -17.81 20.60
CA ARG L 126 -38.26 -18.32 21.17
C ARG L 126 -39.50 -17.88 20.39
N VAL L 127 -39.41 -16.76 19.66
CA VAL L 127 -40.52 -16.25 18.83
C VAL L 127 -40.99 -17.27 17.80
N PHE L 128 -40.10 -18.19 17.38
CA PHE L 128 -40.50 -19.26 16.45
C PHE L 128 -41.62 -20.14 17.02
N ARG L 129 -41.60 -20.38 18.34
CA ARG L 129 -42.66 -21.18 18.97
C ARG L 129 -44.02 -20.48 18.91
N LEU L 130 -44.03 -19.16 18.74
CA LEU L 130 -45.31 -18.49 18.54
C LEU L 130 -45.91 -18.80 17.17
N VAL L 131 -45.08 -19.06 16.16
CA VAL L 131 -45.61 -19.01 14.79
C VAL L 131 -45.70 -20.39 14.16
N THR L 132 -45.98 -21.41 14.97
CA THR L 132 -46.21 -22.74 14.42
C THR L 132 -47.49 -22.77 13.58
N ALA L 133 -48.51 -22.03 13.98
CA ALA L 133 -49.81 -22.08 13.32
C ALA L 133 -49.85 -21.32 11.99
N VAL L 134 -48.77 -20.65 11.60
CA VAL L 134 -48.78 -19.90 10.35
C VAL L 134 -48.73 -20.89 9.17
N PRO L 135 -49.63 -20.77 8.20
CA PRO L 135 -49.62 -21.74 7.10
C PRO L 135 -48.46 -21.54 6.13
N GLN L 136 -47.91 -20.33 6.03
CA GLN L 136 -46.83 -20.07 5.11
C GLN L 136 -45.51 -20.67 5.60
N MET L 137 -45.33 -20.73 6.92
CA MET L 137 -44.10 -21.22 7.51
C MET L 137 -43.93 -22.71 7.28
N ARG L 138 -45.04 -23.44 7.13
CA ARG L 138 -45.02 -24.88 7.03
C ARG L 138 -44.33 -25.35 5.75
N LYS L 139 -44.52 -24.61 4.65
CA LYS L 139 -43.89 -25.00 3.39
C LYS L 139 -42.38 -24.87 3.44
N ILE L 140 -41.87 -23.78 4.03
CA ILE L 140 -40.43 -23.64 4.05
C ILE L 140 -39.81 -24.55 5.10
N VAL L 141 -40.51 -24.87 6.19
CA VAL L 141 -39.89 -25.78 7.15
C VAL L 141 -39.95 -27.23 6.63
N SER L 142 -40.95 -27.55 5.82
CA SER L 142 -40.96 -28.86 5.17
C SER L 142 -39.93 -28.92 4.05
N ALA L 143 -39.59 -27.77 3.46
CA ALA L 143 -38.47 -27.71 2.54
C ALA L 143 -37.16 -27.95 3.28
N LEU L 144 -36.98 -27.27 4.42
CA LEU L 144 -35.72 -27.33 5.15
C LEU L 144 -35.48 -28.70 5.77
N ILE L 145 -36.55 -29.42 6.13
CA ILE L 145 -36.32 -30.78 6.61
C ILE L 145 -36.04 -31.73 5.46
N SER L 146 -36.36 -31.35 4.22
CA SER L 146 -36.18 -32.24 3.08
C SER L 146 -34.81 -32.11 2.41
N VAL L 147 -33.85 -31.44 3.04
CA VAL L 147 -32.54 -31.22 2.46
C VAL L 147 -31.45 -31.96 3.22
N ILE L 148 -31.59 -32.03 4.54
CA ILE L 148 -30.61 -32.43 5.56
C ILE L 148 -29.67 -33.60 5.23
N PRO L 149 -30.11 -34.76 4.70
CA PRO L 149 -29.15 -35.86 4.51
C PRO L 149 -28.07 -35.59 3.46
N GLY L 150 -28.40 -34.87 2.39
CA GLY L 150 -27.39 -34.54 1.41
C GLY L 150 -26.30 -33.66 1.96
N MET L 151 -26.71 -32.60 2.67
CA MET L 151 -25.75 -31.70 3.31
C MET L 151 -24.93 -32.43 4.35
N LEU L 152 -25.56 -33.30 5.13
CA LEU L 152 -24.85 -34.02 6.17
C LEU L 152 -23.98 -35.15 5.63
N SER L 153 -24.13 -35.51 4.36
CA SER L 153 -23.14 -36.37 3.74
C SER L 153 -21.98 -35.56 3.16
N VAL L 154 -22.31 -34.43 2.53
CA VAL L 154 -21.32 -33.59 1.87
C VAL L 154 -20.34 -33.02 2.88
N ILE L 155 -20.81 -32.71 4.10
CA ILE L 155 -19.93 -32.14 5.11
C ILE L 155 -18.86 -33.13 5.53
N ALA L 156 -19.23 -34.38 5.76
CA ALA L 156 -18.25 -35.38 6.12
C ALA L 156 -17.29 -35.68 4.98
N LEU L 157 -17.79 -35.73 3.74
CA LEU L 157 -16.92 -36.05 2.61
C LEU L 157 -15.91 -34.93 2.37
N MET L 158 -16.35 -33.68 2.42
CA MET L 158 -15.44 -32.56 2.26
C MET L 158 -14.47 -32.45 3.43
N THR L 159 -14.90 -32.87 4.63
CA THR L 159 -13.98 -32.88 5.77
C THR L 159 -12.87 -33.89 5.54
N LEU L 160 -13.19 -35.02 4.91
CA LEU L 160 -12.17 -36.02 4.62
C LEU L 160 -11.19 -35.51 3.57
N PHE L 161 -11.68 -34.77 2.57
CA PHE L 161 -10.75 -34.17 1.61
C PHE L 161 -9.83 -33.14 2.27
N PHE L 162 -10.37 -32.34 3.20
CA PHE L 162 -9.52 -31.40 3.90
C PHE L 162 -8.46 -32.10 4.73
N TYR L 163 -8.82 -33.18 5.40
CA TYR L 163 -7.84 -33.88 6.22
C TYR L 163 -6.79 -34.57 5.35
N ILE L 164 -7.14 -34.92 4.11
CA ILE L 164 -6.12 -35.43 3.21
C ILE L 164 -5.17 -34.32 2.76
N PHE L 165 -5.72 -33.21 2.25
CA PHE L 165 -4.87 -32.18 1.65
C PHE L 165 -4.09 -31.35 2.65
N ALA L 166 -4.57 -31.23 3.90
CA ALA L 166 -3.97 -30.28 4.83
C ALA L 166 -2.61 -30.75 5.33
N ILE L 167 -2.47 -32.04 5.57
CA ILE L 167 -1.20 -32.58 6.07
C ILE L 167 -0.12 -32.49 4.99
N MET L 168 -0.50 -32.79 3.75
CA MET L 168 0.40 -32.62 2.61
C MET L 168 0.79 -31.16 2.45
N ALA L 169 -0.15 -30.25 2.68
CA ALA L 169 0.18 -28.82 2.62
C ALA L 169 1.10 -28.39 3.75
N THR L 170 1.00 -29.03 4.91
CA THR L 170 1.89 -28.66 6.00
C THR L 170 3.31 -29.18 5.75
N GLN L 171 3.43 -30.39 5.21
CA GLN L 171 4.76 -30.95 4.96
C GLN L 171 5.47 -30.22 3.82
N LEU L 172 4.72 -29.80 2.80
CA LEU L 172 5.33 -29.13 1.66
C LEU L 172 5.83 -27.75 2.03
N PHE L 173 4.92 -26.88 2.49
CA PHE L 173 5.18 -25.46 2.61
C PHE L 173 5.44 -25.05 4.06
N GLY L 174 6.05 -25.90 4.85
CA GLY L 174 6.06 -25.68 6.27
C GLY L 174 7.23 -24.89 6.82
N GLU L 175 8.44 -25.15 6.31
CA GLU L 175 9.63 -24.49 6.84
C GLU L 175 9.58 -23.00 6.57
N ARG L 176 9.59 -22.62 5.31
CA ARG L 176 9.33 -21.23 5.00
C ARG L 176 7.83 -21.02 5.00
N PHE L 177 7.43 -19.75 5.08
CA PHE L 177 6.05 -19.29 5.22
C PHE L 177 5.31 -19.94 6.38
N PRO L 178 5.63 -19.65 7.61
CA PRO L 178 5.01 -20.41 8.69
C PRO L 178 3.67 -19.85 9.10
N GLU L 179 3.42 -18.58 8.79
CA GLU L 179 2.22 -17.89 9.30
C GLU L 179 0.95 -18.48 8.71
N TRP L 180 1.04 -19.07 7.54
CA TRP L 180 -0.12 -19.61 6.86
C TRP L 180 -0.20 -21.12 6.92
N PHE L 181 0.89 -21.81 7.22
CA PHE L 181 0.88 -23.26 7.14
C PHE L 181 1.65 -23.95 8.25
N GLY L 182 2.06 -23.24 9.30
CA GLY L 182 3.00 -23.81 10.25
C GLY L 182 2.45 -24.86 11.18
N THR L 183 1.14 -25.04 11.20
CA THR L 183 0.53 -26.11 11.95
C THR L 183 -0.64 -26.64 11.16
N LEU L 184 -1.29 -27.66 11.69
CA LEU L 184 -2.53 -28.12 11.09
C LEU L 184 -3.65 -27.12 11.36
N GLY L 185 -3.67 -26.57 12.56
CA GLY L 185 -4.72 -25.69 13.02
C GLY L 185 -4.76 -24.34 12.36
N GLU L 186 -3.83 -24.05 11.45
CA GLU L 186 -3.95 -22.93 10.56
C GLU L 186 -3.96 -23.34 9.09
N SER L 187 -3.46 -24.52 8.77
CA SER L 187 -3.58 -25.03 7.42
C SER L 187 -5.04 -25.26 7.05
N PHE L 188 -5.84 -25.70 8.02
CA PHE L 188 -7.29 -25.75 7.84
C PHE L 188 -7.85 -24.39 7.45
N TYR L 189 -7.39 -23.35 8.12
CA TYR L 189 -7.98 -22.03 7.91
C TYR L 189 -7.58 -21.48 6.55
N THR L 190 -6.35 -21.72 6.13
CA THR L 190 -5.93 -21.22 4.83
C THR L 190 -6.61 -21.97 3.70
N LEU L 191 -6.79 -23.28 3.84
CA LEU L 191 -7.50 -24.00 2.79
C LEU L 191 -8.99 -23.66 2.77
N PHE L 192 -9.57 -23.28 3.91
CA PHE L 192 -10.95 -22.80 3.86
C PHE L 192 -11.05 -21.44 3.22
N GLN L 193 -9.99 -20.63 3.32
CA GLN L 193 -9.97 -19.38 2.56
C GLN L 193 -9.92 -19.65 1.07
N VAL L 194 -9.03 -20.55 0.65
CA VAL L 194 -8.82 -20.80 -0.77
C VAL L 194 -10.02 -21.50 -1.40
N MET L 195 -10.81 -22.25 -0.63
CA MET L 195 -11.98 -22.92 -1.21
C MET L 195 -13.02 -21.92 -1.68
N THR L 196 -13.33 -20.92 -0.87
CA THR L 196 -14.41 -20.01 -1.21
C THR L 196 -13.98 -18.87 -2.12
N LEU L 197 -12.82 -19.00 -2.77
CA LEU L 197 -12.40 -18.15 -3.89
C LEU L 197 -12.28 -16.69 -3.50
N GLU L 198 -11.40 -16.45 -2.53
CA GLU L 198 -11.09 -15.10 -2.11
C GLU L 198 -9.58 -14.97 -2.07
N SER L 199 -9.04 -14.15 -2.98
CA SER L 199 -7.66 -13.68 -2.96
C SER L 199 -6.66 -14.80 -3.06
N TRP L 200 -7.05 -15.92 -3.67
CA TRP L 200 -6.17 -17.07 -3.69
C TRP L 200 -5.00 -16.90 -4.63
N SER L 201 -5.12 -16.00 -5.61
CA SER L 201 -3.95 -15.74 -6.43
C SER L 201 -3.17 -14.55 -5.88
N MET L 202 -3.81 -13.39 -5.80
CA MET L 202 -3.09 -12.16 -5.54
C MET L 202 -2.60 -12.05 -4.10
N GLY L 203 -3.15 -12.85 -3.19
CA GLY L 203 -2.71 -12.77 -1.82
C GLY L 203 -2.13 -14.05 -1.25
N ILE L 204 -2.10 -15.13 -2.03
CA ILE L 204 -1.55 -16.39 -1.55
C ILE L 204 -0.44 -16.91 -2.46
N VAL L 205 -0.77 -17.18 -3.72
CA VAL L 205 0.13 -17.98 -4.55
C VAL L 205 1.20 -17.13 -5.24
N ARG L 206 0.87 -15.89 -5.62
CA ARG L 206 1.89 -15.00 -6.17
C ARG L 206 3.05 -14.69 -5.22
N PRO L 207 2.92 -14.68 -3.89
CA PRO L 207 4.13 -14.73 -3.08
C PRO L 207 4.69 -16.12 -2.92
N LEU L 208 3.88 -17.16 -3.07
CA LEU L 208 4.40 -18.52 -3.00
C LEU L 208 5.29 -18.83 -4.19
N MET L 209 4.86 -18.44 -5.39
CA MET L 209 5.59 -18.80 -6.60
C MET L 209 6.90 -18.07 -6.74
N GLU L 210 7.14 -17.02 -5.95
CA GLU L 210 8.44 -16.36 -6.00
C GLU L 210 9.51 -17.20 -5.34
N VAL L 211 9.14 -18.07 -4.42
CA VAL L 211 10.08 -18.91 -3.71
C VAL L 211 10.01 -20.35 -4.17
N TYR L 212 8.81 -20.91 -4.21
CA TYR L 212 8.60 -22.29 -4.65
C TYR L 212 7.95 -22.26 -6.01
N PRO L 213 8.70 -22.36 -7.11
CA PRO L 213 8.14 -22.10 -8.43
C PRO L 213 7.27 -23.21 -8.98
N TYR L 214 6.98 -24.25 -8.22
CA TYR L 214 6.08 -25.31 -8.66
C TYR L 214 4.85 -25.41 -7.77
N ALA L 215 4.44 -24.30 -7.15
CA ALA L 215 3.30 -24.34 -6.25
C ALA L 215 1.99 -24.51 -6.97
N TRP L 216 1.93 -24.12 -8.25
CA TRP L 216 0.69 -24.24 -9.01
C TRP L 216 0.32 -25.68 -9.33
N VAL L 217 1.19 -26.65 -9.08
CA VAL L 217 0.77 -28.03 -9.20
C VAL L 217 -0.13 -28.40 -8.04
N PHE L 218 -0.04 -27.71 -6.92
CA PHE L 218 -0.85 -28.12 -5.78
C PHE L 218 -2.21 -27.44 -5.73
N PHE L 219 -2.25 -26.12 -5.85
CA PHE L 219 -3.49 -25.41 -5.61
C PHE L 219 -4.47 -25.47 -6.78
N ILE L 220 -4.02 -25.69 -8.01
CA ILE L 220 -4.89 -25.65 -9.17
C ILE L 220 -5.80 -26.88 -9.31
N PRO L 221 -5.35 -28.13 -9.11
CA PRO L 221 -6.34 -29.23 -9.13
C PRO L 221 -7.33 -29.16 -8.00
N PHE L 222 -6.87 -28.75 -6.82
CA PHE L 222 -7.69 -28.70 -5.61
C PHE L 222 -8.97 -27.92 -5.82
N ILE L 223 -8.88 -26.75 -6.46
CA ILE L 223 -10.02 -25.89 -6.73
C ILE L 223 -11.08 -26.65 -7.51
N PHE L 224 -10.65 -27.36 -8.57
CA PHE L 224 -11.53 -28.19 -9.40
C PHE L 224 -12.38 -29.09 -8.55
N VAL L 225 -11.71 -29.77 -7.59
CA VAL L 225 -12.34 -30.77 -6.73
C VAL L 225 -13.52 -30.17 -6.00
N VAL L 226 -13.28 -29.04 -5.30
CA VAL L 226 -14.35 -28.56 -4.43
C VAL L 226 -15.43 -27.92 -5.27
N THR L 227 -15.04 -27.32 -6.39
CA THR L 227 -16.03 -26.69 -7.26
C THR L 227 -16.94 -27.75 -7.84
N PHE L 228 -16.35 -28.88 -8.21
CA PHE L 228 -17.12 -29.98 -8.78
C PHE L 228 -18.16 -30.45 -7.81
N VAL L 229 -17.75 -30.62 -6.54
CA VAL L 229 -18.63 -31.19 -5.53
C VAL L 229 -19.81 -30.27 -5.30
N MET L 230 -19.54 -28.96 -5.32
CA MET L 230 -20.58 -28.00 -4.99
C MET L 230 -21.68 -28.01 -6.02
N ILE L 231 -21.31 -28.13 -7.30
CA ILE L 231 -22.32 -28.09 -8.35
C ILE L 231 -23.19 -29.31 -8.27
N ASN L 232 -22.58 -30.46 -7.94
CA ASN L 232 -23.34 -31.70 -7.82
C ASN L 232 -24.34 -31.60 -6.70
N LEU L 233 -23.95 -30.96 -5.59
CA LEU L 233 -24.82 -30.75 -4.45
C LEU L 233 -26.10 -30.04 -4.87
N VAL L 234 -25.95 -28.95 -5.62
CA VAL L 234 -27.12 -28.15 -6.02
C VAL L 234 -28.02 -28.98 -6.91
N VAL L 235 -27.43 -29.67 -7.88
CA VAL L 235 -28.29 -30.34 -8.84
C VAL L 235 -28.86 -31.61 -8.24
N ALA L 236 -28.23 -32.14 -7.17
CA ALA L 236 -28.79 -33.29 -6.49
C ALA L 236 -30.14 -32.93 -5.88
N ILE L 237 -30.19 -31.73 -5.26
CA ILE L 237 -31.44 -31.21 -4.74
C ILE L 237 -32.45 -31.06 -5.86
N CYS L 238 -32.00 -30.53 -7.00
CA CYS L 238 -32.89 -30.24 -8.10
C CYS L 238 -33.39 -31.49 -8.79
N VAL L 239 -32.83 -32.66 -8.50
CA VAL L 239 -33.48 -33.82 -9.08
C VAL L 239 -34.31 -34.49 -7.99
N ASP L 240 -33.88 -34.39 -6.72
CA ASP L 240 -34.51 -35.19 -5.68
C ASP L 240 -35.90 -34.68 -5.35
N ALA L 241 -36.03 -33.38 -5.12
CA ALA L 241 -37.34 -32.79 -4.96
C ALA L 241 -38.16 -32.87 -6.24
N MET L 242 -37.51 -33.06 -7.39
CA MET L 242 -38.28 -33.30 -8.59
C MET L 242 -38.70 -34.76 -8.67
N ALA L 243 -37.95 -35.67 -8.04
CA ALA L 243 -38.19 -37.09 -8.21
C ALA L 243 -39.41 -37.57 -7.43
N ILE L 244 -39.69 -36.98 -6.28
CA ILE L 244 -40.78 -37.48 -5.46
C ILE L 244 -42.11 -36.95 -5.96
N LEU L 245 -42.14 -35.71 -6.46
CA LEU L 245 -43.40 -35.08 -6.87
C LEU L 245 -44.06 -35.79 -8.03
N ASN L 246 -43.25 -36.29 -8.98
CA ASN L 246 -43.78 -37.10 -10.07
C ASN L 246 -44.44 -38.37 -9.55
N GLN L 247 -43.89 -38.94 -8.47
CA GLN L 247 -44.51 -40.09 -7.80
C GLN L 247 -45.90 -39.76 -7.31
N LYS L 248 -46.13 -38.51 -6.90
CA LYS L 248 -47.46 -38.08 -6.45
C LYS L 248 -48.49 -38.03 -7.56
N GLU L 249 -48.11 -38.22 -8.82
CA GLU L 249 -49.11 -38.47 -9.84
C GLU L 249 -48.99 -39.86 -10.44
N GLU L 250 -47.95 -40.62 -10.09
CA GLU L 250 -47.76 -41.96 -10.63
C GLU L 250 -48.88 -42.90 -10.19
N GLN L 251 -49.39 -42.72 -8.97
CA GLN L 251 -50.53 -43.48 -8.50
C GLN L 251 -51.78 -43.20 -9.32
N HIS L 252 -51.87 -42.01 -9.90
CA HIS L 252 -52.98 -41.70 -10.78
C HIS L 252 -52.89 -42.46 -12.09
N ILE L 253 -51.69 -42.88 -12.50
CA ILE L 253 -51.57 -43.83 -13.61
C ILE L 253 -52.21 -45.16 -13.20
N ILE L 254 -52.09 -45.53 -11.92
CA ILE L 254 -52.88 -46.64 -11.37
C ILE L 254 -54.36 -46.32 -11.46
N ASP L 255 -54.74 -45.06 -11.22
CA ASP L 255 -56.11 -44.63 -11.46
C ASP L 255 -56.46 -44.68 -12.94
N GLU L 256 -55.46 -44.59 -13.81
CA GLU L 256 -55.66 -44.75 -15.25
C GLU L 256 -55.61 -46.20 -15.70
N VAL L 257 -55.54 -47.17 -14.77
CA VAL L 257 -55.58 -48.58 -15.17
C VAL L 257 -56.96 -48.93 -15.74
N GLN L 258 -58.02 -48.37 -15.15
CA GLN L 258 -59.36 -48.61 -15.66
C GLN L 258 -59.58 -47.96 -17.03
N SER L 259 -58.97 -46.81 -17.28
CA SER L 259 -59.13 -46.12 -18.54
C SER L 259 -58.41 -46.84 -19.68
#